data_7Y4I
#
_entry.id   7Y4I
#
_cell.length_a   127.735
_cell.length_b   130.677
_cell.length_c   141.368
_cell.angle_alpha   90.000
_cell.angle_beta   90.000
_cell.angle_gamma   90.000
#
_symmetry.space_group_name_H-M   'P 21 21 21'
#
loop_
_entity.id
_entity.type
_entity.pdbx_description
1 polymer 'Probable UDP-N-acetylglucosamine--peptide N-acetylglucosaminyltransferase SPINDLY'
2 non-polymer "GUANOSINE-5'-DIPHOSPHATE"
3 water water
#
_entity_poly.entity_id   1
_entity_poly.type   'polypeptide(L)'
_entity_poly.pdbx_seq_one_letter_code
;MVGLEDDTERERSPVVENGFSNGSRSSSSSAGVLSPSRKVTQGNDTLSYANILRARNKFADALALYEAMLEKDSKNVEAH
IGKGICLQTQNKGNLAFDCFSEAIRLDPHNACALTHCGILHKEEGRLVEAAESYQKALMADASYKPAAECLAIVLTDLGT
SLKLAGNTQEGIQKYYEALKIDPHYAPAYYNLGVVYSEMMQYDNALSCYEKAALERPMYAEAYCNMGVIYKNRGDLEMAI
TCYERCLAVSPNFEIAKNNMAIALTDLGTKVKLEGDVTQGVAYYKKALYYNWHYADAMYNLGVAYGEMLKFDMAIVFYEL
AFHFNPHCAEACNNLGVLYKDRDNLDKAVECYQMALSIKPNFAQSLNNLGVVYTVQGKMDAAASMIEKAILANPTYAEAF
NNLGVLYRDAGNITMAIDAYEECLKIDPDSRNAGQNRLLAMNYINEGLDDKLFEAHRDWGWRFTRLHPQYTSWDNLKDPE
RPITIGYISPDFFTHSVSYFIEAPLTHHDYTKYKVVVYSAVVKADAKTYRFRDKVLKKGGVWKDIYGIDEKKIASMVRED
KIDILVELTGHTANNKLGTMACRPAPVQVTWIGYPNTTGLPTVDYRITDSLADPPDTKQKQVEELVRLPDCFLCYTPSPE
AGPVSPTPALSNGFVTFGSFNNLAKITPKVLQVWARILCAVPNSRLVVKCKPFCCDSIRQRFLTTLEQLGLESKRVDLLP
LILFNHDHMQAYSLMDISLDTFPYAGTTTTCESLYMGVPCVTMAGSVHAHNVGVSLLTKVGLGHLVAKNEDEYVQLSVDL
ASDVTALSKLRMSLRDLMAGSPVCNGPSFAVGLESAYRNMWKKYCKGEVPSLRRMEMLQKEVHDDPLISKDLGPSRVSVT
GEATPSLKANGSAPVPSSLPTQSPQLSKRMDSTS
;
_entity_poly.pdbx_strand_id   A,B
#
# COMPACT_ATOMS: atom_id res chain seq x y z
N PHE A 20 -31.07 -44.11 -74.38
CA PHE A 20 -30.08 -44.06 -73.31
C PHE A 20 -30.59 -43.26 -72.12
N SER A 21 -31.14 -43.97 -71.13
CA SER A 21 -31.65 -43.31 -69.93
C SER A 21 -30.52 -42.57 -69.22
N ASN A 22 -30.64 -41.25 -69.13
CA ASN A 22 -29.59 -40.42 -68.59
C ASN A 22 -30.22 -39.20 -67.93
N GLY A 23 -29.38 -38.40 -67.28
CA GLY A 23 -29.83 -37.20 -66.61
C GLY A 23 -29.75 -35.97 -67.49
N SER A 24 -29.94 -34.82 -66.86
CA SER A 24 -29.96 -33.54 -67.57
C SER A 24 -28.72 -33.38 -68.43
N ARG A 25 -28.89 -32.70 -69.56
CA ARG A 25 -27.77 -32.39 -70.42
C ARG A 25 -27.12 -31.08 -69.99
N SER A 26 -25.98 -30.77 -70.60
CA SER A 26 -25.31 -29.51 -70.31
C SER A 26 -26.09 -28.34 -70.90
N SER A 27 -26.07 -27.22 -70.18
CA SER A 27 -26.83 -26.04 -70.55
C SER A 27 -25.90 -24.95 -71.08
N SER A 28 -26.24 -24.39 -72.23
CA SER A 28 -25.53 -23.26 -72.80
C SER A 28 -26.34 -21.99 -72.58
N SER A 29 -25.68 -20.93 -72.17
CA SER A 29 -26.35 -19.70 -71.75
C SER A 29 -26.09 -18.59 -72.76
N SER A 30 -27.15 -17.90 -73.16
CA SER A 30 -27.05 -16.76 -74.07
C SER A 30 -27.12 -15.46 -73.27
N ALA A 31 -26.54 -14.41 -73.85
CA ALA A 31 -26.57 -13.10 -73.23
C ALA A 31 -27.85 -12.36 -73.58
N GLY A 32 -28.25 -11.44 -72.71
CA GLY A 32 -29.47 -10.68 -72.87
C GLY A 32 -29.27 -9.44 -73.70
N VAL A 33 -30.31 -8.61 -73.73
CA VAL A 33 -30.19 -7.30 -74.39
C VAL A 33 -29.10 -6.47 -73.70
N LEU A 34 -28.48 -5.59 -74.49
CA LEU A 34 -27.36 -4.82 -73.99
C LEU A 34 -27.82 -3.82 -72.94
N SER A 35 -27.00 -3.62 -71.91
CA SER A 35 -27.29 -2.60 -70.93
C SER A 35 -27.36 -1.23 -71.62
N PRO A 36 -28.24 -0.35 -71.15
CA PRO A 36 -28.47 0.91 -71.86
C PRO A 36 -27.36 1.92 -71.59
N SER A 37 -27.31 2.92 -72.46
CA SER A 37 -26.29 3.96 -72.38
C SER A 37 -26.56 4.93 -71.23
N ASN A 44 -31.40 11.08 -64.06
CA ASN A 44 -30.05 11.16 -63.51
C ASN A 44 -29.92 12.22 -62.42
N ASP A 45 -30.32 13.46 -62.76
CA ASP A 45 -30.06 14.57 -61.85
C ASP A 45 -30.89 14.48 -60.59
N THR A 46 -32.18 14.14 -60.71
CA THR A 46 -33.00 13.98 -59.52
C THR A 46 -32.64 12.71 -58.76
N LEU A 47 -32.27 11.65 -59.49
CA LEU A 47 -31.81 10.42 -58.85
C LEU A 47 -30.49 10.64 -58.11
N SER A 48 -29.58 11.40 -58.71
CA SER A 48 -28.32 11.70 -58.03
C SER A 48 -28.53 12.58 -56.81
N TYR A 49 -29.38 13.61 -56.93
CA TYR A 49 -29.69 14.45 -55.77
C TYR A 49 -30.30 13.63 -54.64
N ALA A 50 -31.31 12.82 -54.96
CA ALA A 50 -32.00 12.03 -53.93
C ALA A 50 -31.04 11.05 -53.25
N ASN A 51 -30.14 10.44 -54.02
CA ASN A 51 -29.22 9.46 -53.44
C ASN A 51 -28.24 10.12 -52.49
N ILE A 52 -27.79 11.35 -52.80
CA ILE A 52 -26.90 12.05 -51.89
C ILE A 52 -27.66 12.50 -50.64
N LEU A 53 -28.90 12.95 -50.81
CA LEU A 53 -29.74 13.25 -49.64
C LEU A 53 -29.91 12.01 -48.76
N ARG A 54 -30.10 10.85 -49.38
CA ARG A 54 -30.27 9.61 -48.62
C ARG A 54 -28.96 9.19 -47.96
N ALA A 55 -27.83 9.38 -48.67
CA ALA A 55 -26.54 8.98 -48.12
C ALA A 55 -26.16 9.81 -46.91
N ARG A 56 -26.66 11.04 -46.80
CA ARG A 56 -26.40 11.90 -45.65
C ARG A 56 -27.57 11.94 -44.68
N ASN A 57 -28.38 10.88 -44.65
CA ASN A 57 -29.48 10.68 -43.72
C ASN A 57 -30.60 11.70 -43.88
N LYS A 58 -30.57 12.52 -44.93
CA LYS A 58 -31.67 13.45 -45.21
C LYS A 58 -32.78 12.68 -45.92
N PHE A 59 -33.50 11.88 -45.13
CA PHE A 59 -34.40 10.89 -45.69
C PHE A 59 -35.73 11.49 -46.14
N ALA A 60 -36.30 12.38 -45.33
CA ALA A 60 -37.61 12.96 -45.68
C ALA A 60 -37.54 13.76 -46.96
N ASP A 61 -36.41 14.46 -47.20
CA ASP A 61 -36.27 15.23 -48.43
C ASP A 61 -36.10 14.32 -49.64
N ALA A 62 -35.36 13.23 -49.49
CA ALA A 62 -35.16 12.29 -50.59
C ALA A 62 -36.45 11.58 -50.96
N LEU A 63 -37.24 11.19 -49.96
CA LEU A 63 -38.52 10.52 -50.21
C LEU A 63 -39.42 11.34 -51.11
N ALA A 64 -39.40 12.66 -50.97
CA ALA A 64 -40.19 13.53 -51.83
C ALA A 64 -39.80 13.36 -53.29
N LEU A 65 -38.50 13.41 -53.58
CA LEU A 65 -38.04 13.30 -54.96
C LEU A 65 -38.32 11.92 -55.54
N TYR A 66 -38.09 10.87 -54.75
CA TYR A 66 -38.43 9.52 -55.19
C TYR A 66 -39.89 9.43 -55.59
N GLU A 67 -40.79 9.88 -54.71
CA GLU A 67 -42.22 9.83 -55.02
C GLU A 67 -42.54 10.55 -56.32
N ALA A 68 -41.84 11.65 -56.61
CA ALA A 68 -42.06 12.37 -57.86
C ALA A 68 -41.57 11.56 -59.06
N MET A 69 -40.49 10.81 -58.90
CA MET A 69 -40.03 9.96 -60.00
C MET A 69 -41.05 8.87 -60.32
N LEU A 70 -41.74 8.34 -59.30
CA LEU A 70 -42.67 7.25 -59.54
C LEU A 70 -43.94 7.72 -60.26
N GLU A 71 -44.41 8.94 -59.97
CA GLU A 71 -45.58 9.42 -60.70
C GLU A 71 -45.26 9.77 -62.14
N LYS A 72 -44.00 10.13 -62.42
CA LYS A 72 -43.59 10.33 -63.81
C LYS A 72 -43.41 9.00 -64.53
N ASP A 73 -42.80 8.02 -63.86
CA ASP A 73 -42.57 6.70 -64.43
C ASP A 73 -42.87 5.67 -63.34
N SER A 74 -44.04 5.03 -63.45
CA SER A 74 -44.49 4.08 -62.44
C SER A 74 -43.59 2.85 -62.32
N LYS A 75 -42.67 2.64 -63.25
CA LYS A 75 -41.81 1.47 -63.26
C LYS A 75 -40.35 1.79 -62.98
N ASN A 76 -40.07 2.98 -62.46
CA ASN A 76 -38.69 3.34 -62.09
C ASN A 76 -38.32 2.53 -60.86
N VAL A 77 -37.50 1.49 -61.06
CA VAL A 77 -37.23 0.54 -60.00
C VAL A 77 -36.34 1.17 -58.92
N GLU A 78 -35.42 2.03 -59.32
CA GLU A 78 -34.56 2.69 -58.34
C GLU A 78 -35.35 3.64 -57.45
N ALA A 79 -36.42 4.25 -57.99
CA ALA A 79 -37.27 5.09 -57.16
C ALA A 79 -38.08 4.25 -56.17
N HIS A 80 -38.53 3.06 -56.60
CA HIS A 80 -39.15 2.12 -55.69
C HIS A 80 -38.21 1.76 -54.55
N ILE A 81 -36.94 1.48 -54.87
CA ILE A 81 -35.96 1.09 -53.86
C ILE A 81 -35.64 2.27 -52.93
N GLY A 82 -35.44 3.45 -53.51
CA GLY A 82 -35.15 4.62 -52.69
C GLY A 82 -36.32 4.99 -51.79
N LYS A 83 -37.54 4.86 -52.31
CA LYS A 83 -38.72 5.10 -51.48
C LYS A 83 -38.80 4.10 -50.34
N GLY A 84 -38.54 2.82 -50.62
CA GLY A 84 -38.61 1.82 -49.57
C GLY A 84 -37.56 2.02 -48.49
N ILE A 85 -36.35 2.41 -48.89
CA ILE A 85 -35.30 2.68 -47.90
C ILE A 85 -35.71 3.86 -47.01
N CYS A 86 -36.20 4.94 -47.64
CA CYS A 86 -36.63 6.11 -46.88
C CYS A 86 -37.78 5.76 -45.94
N LEU A 87 -38.76 4.98 -46.43
CA LEU A 87 -39.90 4.63 -45.59
C LEU A 87 -39.52 3.66 -44.47
N GLN A 88 -38.56 2.77 -44.73
CA GLN A 88 -38.12 1.84 -43.69
C GLN A 88 -37.46 2.58 -42.52
N THR A 89 -36.77 3.69 -42.81
CA THR A 89 -36.16 4.48 -41.74
C THR A 89 -37.18 5.28 -40.96
N GLN A 90 -38.37 5.48 -41.54
CA GLN A 90 -39.50 6.06 -40.83
C GLN A 90 -40.42 4.99 -40.24
N ASN A 91 -39.90 3.77 -40.06
CA ASN A 91 -40.54 2.67 -39.34
C ASN A 91 -41.78 2.12 -40.01
N LYS A 92 -42.06 2.51 -41.26
CA LYS A 92 -43.13 1.89 -42.04
C LYS A 92 -42.53 0.71 -42.77
N GLY A 93 -42.75 -0.49 -42.24
CA GLY A 93 -42.06 -1.67 -42.74
C GLY A 93 -42.76 -2.39 -43.86
N ASN A 94 -44.05 -2.70 -43.68
CA ASN A 94 -44.76 -3.48 -44.68
C ASN A 94 -45.02 -2.69 -45.95
N LEU A 95 -45.07 -1.36 -45.87
CA LEU A 95 -45.10 -0.56 -47.10
C LEU A 95 -43.75 -0.60 -47.81
N ALA A 96 -42.65 -0.60 -47.04
CA ALA A 96 -41.33 -0.80 -47.64
C ALA A 96 -41.25 -2.16 -48.31
N PHE A 97 -41.85 -3.18 -47.69
CA PHE A 97 -41.95 -4.49 -48.32
C PHE A 97 -42.78 -4.41 -49.60
N ASP A 98 -43.78 -3.52 -49.64
CA ASP A 98 -44.60 -3.37 -50.82
C ASP A 98 -43.91 -2.59 -51.93
N CYS A 99 -42.89 -1.79 -51.60
CA CYS A 99 -42.08 -1.17 -52.64
C CYS A 99 -41.03 -2.14 -53.18
N PHE A 100 -40.33 -2.82 -52.28
CA PHE A 100 -39.31 -3.78 -52.70
C PHE A 100 -39.92 -4.93 -53.50
N SER A 101 -41.20 -5.23 -53.28
CA SER A 101 -41.82 -6.32 -54.03
C SER A 101 -42.21 -5.89 -55.43
N GLU A 102 -42.66 -4.65 -55.60
CA GLU A 102 -42.79 -4.13 -56.96
C GLU A 102 -41.42 -3.99 -57.62
N ALA A 103 -40.39 -3.71 -56.83
CA ALA A 103 -39.04 -3.63 -57.39
C ALA A 103 -38.60 -4.97 -57.95
N ILE A 104 -38.83 -6.06 -57.23
CA ILE A 104 -38.41 -7.38 -57.69
C ILE A 104 -39.34 -7.91 -58.79
N ARG A 105 -40.57 -7.39 -58.89
CA ARG A 105 -41.46 -7.81 -59.96
C ARG A 105 -41.03 -7.24 -61.30
N LEU A 106 -40.72 -5.95 -61.34
CA LEU A 106 -40.31 -5.32 -62.59
C LEU A 106 -38.89 -5.71 -62.97
N ASP A 107 -37.98 -5.73 -62.00
CA ASP A 107 -36.60 -6.17 -62.24
C ASP A 107 -36.28 -7.33 -61.30
N PRO A 108 -36.20 -8.56 -61.80
CA PRO A 108 -35.91 -9.71 -60.93
C PRO A 108 -34.44 -9.96 -60.67
N HIS A 109 -33.54 -9.18 -61.27
CA HIS A 109 -32.10 -9.39 -61.16
C HIS A 109 -31.41 -8.17 -60.56
N ASN A 110 -32.12 -7.42 -59.73
CA ASN A 110 -31.55 -6.28 -59.02
C ASN A 110 -31.06 -6.76 -57.67
N ALA A 111 -29.73 -6.90 -57.52
CA ALA A 111 -29.17 -7.36 -56.27
C ALA A 111 -29.51 -6.39 -55.13
N CYS A 112 -29.47 -5.09 -55.42
CA CYS A 112 -29.75 -4.09 -54.39
C CYS A 112 -31.15 -4.30 -53.82
N ALA A 113 -32.14 -4.47 -54.70
CA ALA A 113 -33.51 -4.70 -54.25
C ALA A 113 -33.62 -6.00 -53.44
N LEU A 114 -33.02 -7.07 -53.96
CA LEU A 114 -33.10 -8.36 -53.28
C LEU A 114 -32.46 -8.29 -51.90
N THR A 115 -31.35 -7.56 -51.77
CA THR A 115 -30.67 -7.47 -50.48
C THR A 115 -31.49 -6.66 -49.48
N HIS A 116 -32.15 -5.59 -49.94
CA HIS A 116 -33.01 -4.82 -49.05
C HIS A 116 -34.21 -5.63 -48.60
N CYS A 117 -34.74 -6.50 -49.46
CA CYS A 117 -35.77 -7.43 -49.03
C CYS A 117 -35.24 -8.39 -47.98
N GLY A 118 -34.03 -8.91 -48.19
CA GLY A 118 -33.43 -9.79 -47.21
C GLY A 118 -33.09 -9.08 -45.92
N ILE A 119 -32.72 -7.80 -45.99
CA ILE A 119 -32.48 -7.02 -44.80
C ILE A 119 -33.76 -6.90 -43.99
N LEU A 120 -34.87 -6.57 -44.66
CA LEU A 120 -36.17 -6.51 -43.99
C LEU A 120 -36.52 -7.86 -43.37
N HIS A 121 -36.33 -8.94 -44.14
CA HIS A 121 -36.63 -10.27 -43.64
C HIS A 121 -35.88 -10.56 -42.35
N LYS A 122 -34.60 -10.18 -42.28
CA LYS A 122 -33.82 -10.40 -41.07
C LYS A 122 -34.37 -9.58 -39.91
N GLU A 123 -34.68 -8.30 -40.17
CA GLU A 123 -35.19 -7.43 -39.11
C GLU A 123 -36.54 -7.92 -38.58
N GLU A 124 -37.34 -8.60 -39.41
CA GLU A 124 -38.63 -9.10 -39.00
C GLU A 124 -38.56 -10.52 -38.45
N GLY A 125 -37.36 -11.06 -38.25
CA GLY A 125 -37.19 -12.36 -37.65
C GLY A 125 -37.34 -13.54 -38.58
N ARG A 126 -37.58 -13.31 -39.87
CA ARG A 126 -37.66 -14.38 -40.86
C ARG A 126 -36.24 -14.65 -41.37
N LEU A 127 -35.47 -15.35 -40.54
CA LEU A 127 -34.04 -15.51 -40.79
C LEU A 127 -33.74 -16.38 -42.01
N VAL A 128 -34.70 -17.19 -42.46
CA VAL A 128 -34.47 -18.05 -43.62
C VAL A 128 -34.73 -17.30 -44.92
N GLU A 129 -35.79 -16.49 -44.96
CA GLU A 129 -36.07 -15.68 -46.14
C GLU A 129 -35.01 -14.60 -46.36
N ALA A 130 -34.30 -14.20 -45.30
CA ALA A 130 -33.19 -13.26 -45.47
C ALA A 130 -32.05 -13.88 -46.26
N ALA A 131 -31.62 -15.07 -45.86
CA ALA A 131 -30.58 -15.77 -46.62
C ALA A 131 -31.08 -16.17 -48.01
N GLU A 132 -32.40 -16.34 -48.16
CA GLU A 132 -32.98 -16.58 -49.46
C GLU A 132 -32.63 -15.46 -50.44
N SER A 133 -33.03 -14.23 -50.12
CA SER A 133 -32.82 -13.11 -51.03
C SER A 133 -31.35 -12.73 -51.12
N TYR A 134 -30.57 -12.97 -50.07
CA TYR A 134 -29.13 -12.71 -50.14
C TYR A 134 -28.47 -13.58 -51.20
N GLN A 135 -28.79 -14.87 -51.21
CA GLN A 135 -28.26 -15.76 -52.25
C GLN A 135 -28.74 -15.32 -53.63
N LYS A 136 -30.03 -14.97 -53.73
CA LYS A 136 -30.56 -14.49 -55.01
C LYS A 136 -29.81 -13.26 -55.49
N ALA A 137 -29.52 -12.33 -54.59
CA ALA A 137 -28.79 -11.13 -54.98
C ALA A 137 -27.39 -11.47 -55.49
N LEU A 138 -26.69 -12.38 -54.81
CA LEU A 138 -25.36 -12.74 -55.26
C LEU A 138 -25.37 -13.50 -56.58
N MET A 139 -26.47 -14.22 -56.88
CA MET A 139 -26.63 -14.80 -58.21
C MET A 139 -26.73 -13.71 -59.26
N ALA A 140 -27.41 -12.61 -58.95
CA ALA A 140 -27.50 -11.48 -59.87
C ALA A 140 -26.14 -10.86 -60.09
N ASP A 141 -25.48 -10.45 -59.00
CA ASP A 141 -24.15 -9.85 -59.05
C ASP A 141 -23.28 -10.52 -58.00
N ALA A 142 -22.30 -11.31 -58.46
CA ALA A 142 -21.37 -11.96 -57.55
C ALA A 142 -20.47 -10.96 -56.84
N SER A 143 -20.29 -9.77 -57.41
CA SER A 143 -19.42 -8.76 -56.85
C SER A 143 -20.15 -7.79 -55.94
N TYR A 144 -21.45 -7.97 -55.72
CA TYR A 144 -22.19 -7.05 -54.88
C TYR A 144 -21.83 -7.31 -53.42
N LYS A 145 -20.84 -6.56 -52.92
CA LYS A 145 -20.35 -6.76 -51.57
C LYS A 145 -21.42 -6.68 -50.49
N PRO A 146 -22.41 -5.76 -50.54
CA PRO A 146 -23.42 -5.75 -49.46
C PRO A 146 -24.13 -7.08 -49.29
N ALA A 147 -24.44 -7.79 -50.39
CA ALA A 147 -25.09 -9.08 -50.27
C ALA A 147 -24.21 -10.09 -49.54
N ALA A 148 -22.92 -10.12 -49.89
CA ALA A 148 -22.00 -11.03 -49.21
C ALA A 148 -21.90 -10.71 -47.72
N GLU A 149 -21.83 -9.43 -47.36
CA GLU A 149 -21.65 -9.05 -45.97
C GLU A 149 -22.89 -9.40 -45.14
N CYS A 150 -24.08 -9.11 -45.65
CA CYS A 150 -25.28 -9.42 -44.90
C CYS A 150 -25.52 -10.92 -44.80
N LEU A 151 -25.23 -11.67 -45.88
CA LEU A 151 -25.42 -13.11 -45.84
C LEU A 151 -24.47 -13.76 -44.84
N ALA A 152 -23.24 -13.25 -44.73
CA ALA A 152 -22.33 -13.76 -43.72
C ALA A 152 -22.86 -13.50 -42.31
N ILE A 153 -23.51 -12.35 -42.10
CA ILE A 153 -24.05 -12.03 -40.78
C ILE A 153 -25.16 -13.00 -40.40
N VAL A 154 -26.11 -13.22 -41.32
CA VAL A 154 -27.27 -14.05 -40.98
C VAL A 154 -26.86 -15.51 -40.81
N LEU A 155 -25.88 -15.98 -41.60
CA LEU A 155 -25.49 -17.39 -41.51
C LEU A 155 -24.83 -17.70 -40.18
N THR A 156 -23.98 -16.80 -39.68
CA THR A 156 -23.40 -17.00 -38.36
C THR A 156 -24.47 -16.96 -37.28
N ASP A 157 -25.48 -16.10 -37.47
CA ASP A 157 -26.58 -16.05 -36.50
C ASP A 157 -27.36 -17.35 -36.49
N LEU A 158 -27.56 -17.95 -37.66
CA LEU A 158 -28.15 -19.29 -37.71
C LEU A 158 -27.22 -20.31 -37.07
N GLY A 159 -25.91 -20.13 -37.23
CA GLY A 159 -24.96 -21.06 -36.63
C GLY A 159 -24.99 -21.01 -35.11
N THR A 160 -24.96 -19.81 -34.53
CA THR A 160 -25.04 -19.69 -33.07
C THR A 160 -26.39 -20.17 -32.55
N SER A 161 -27.46 -19.98 -33.33
CA SER A 161 -28.76 -20.53 -32.93
C SER A 161 -28.72 -22.05 -32.86
N LEU A 162 -28.13 -22.69 -33.87
CA LEU A 162 -28.02 -24.14 -33.86
C LEU A 162 -27.16 -24.64 -32.71
N LYS A 163 -26.15 -23.87 -32.32
CA LYS A 163 -25.32 -24.26 -31.18
C LYS A 163 -26.11 -24.16 -29.87
N LEU A 164 -26.92 -23.11 -29.72
CA LEU A 164 -27.80 -23.01 -28.56
C LEU A 164 -28.77 -24.19 -28.50
N ALA A 165 -29.19 -24.69 -29.67
CA ALA A 165 -30.08 -25.83 -29.76
C ALA A 165 -29.34 -27.17 -29.72
N GLY A 166 -28.04 -27.17 -29.51
CA GLY A 166 -27.29 -28.40 -29.35
C GLY A 166 -26.79 -29.04 -30.63
N ASN A 167 -27.27 -28.62 -31.80
CA ASN A 167 -26.78 -29.13 -33.07
C ASN A 167 -25.43 -28.47 -33.34
N THR A 168 -24.40 -28.99 -32.66
CA THR A 168 -23.09 -28.35 -32.63
C THR A 168 -22.40 -28.39 -33.98
N GLN A 169 -22.28 -29.59 -34.57
CA GLN A 169 -21.56 -29.73 -35.83
C GLN A 169 -22.25 -28.96 -36.95
N GLU A 170 -23.58 -28.93 -36.95
CA GLU A 170 -24.30 -28.13 -37.93
C GLU A 170 -24.04 -26.64 -37.75
N GLY A 171 -23.84 -26.21 -36.51
CA GLY A 171 -23.48 -24.82 -36.27
C GLY A 171 -22.10 -24.48 -36.78
N ILE A 172 -21.15 -25.42 -36.66
CA ILE A 172 -19.79 -25.16 -37.09
C ILE A 172 -19.71 -24.98 -38.60
N GLN A 173 -20.48 -25.77 -39.36
CA GLN A 173 -20.45 -25.62 -40.80
C GLN A 173 -21.14 -24.32 -41.24
N LYS A 174 -22.12 -23.84 -40.47
CA LYS A 174 -22.73 -22.55 -40.77
C LYS A 174 -21.75 -21.40 -40.56
N TYR A 175 -20.82 -21.55 -39.60
CA TYR A 175 -19.75 -20.56 -39.47
C TYR A 175 -18.81 -20.61 -40.67
N TYR A 176 -18.37 -21.82 -41.05
CA TYR A 176 -17.48 -21.95 -42.19
C TYR A 176 -18.15 -21.53 -43.48
N GLU A 177 -19.48 -21.68 -43.58
CA GLU A 177 -20.19 -21.22 -44.77
C GLU A 177 -20.11 -19.69 -44.87
N ALA A 178 -20.34 -18.99 -43.76
CA ALA A 178 -20.18 -17.54 -43.76
C ALA A 178 -18.73 -17.13 -44.01
N LEU A 179 -17.78 -17.97 -43.61
CA LEU A 179 -16.38 -17.67 -43.88
C LEU A 179 -16.04 -17.88 -45.35
N LYS A 180 -16.76 -18.76 -46.04
CA LYS A 180 -16.52 -18.94 -47.47
C LYS A 180 -16.97 -17.72 -48.26
N ILE A 181 -18.07 -17.10 -47.86
CA ILE A 181 -18.60 -15.96 -48.60
C ILE A 181 -17.96 -14.64 -48.15
N ASP A 182 -17.64 -14.51 -46.87
CA ASP A 182 -16.98 -13.32 -46.33
C ASP A 182 -15.89 -13.76 -45.38
N PRO A 183 -14.67 -13.99 -45.90
CA PRO A 183 -13.57 -14.44 -45.05
C PRO A 183 -13.02 -13.35 -44.14
N HIS A 184 -13.61 -12.16 -44.15
CA HIS A 184 -13.16 -11.04 -43.34
C HIS A 184 -14.17 -10.67 -42.25
N TYR A 185 -15.14 -11.53 -41.98
CA TYR A 185 -16.18 -11.28 -41.00
C TYR A 185 -15.76 -11.90 -39.67
N ALA A 186 -15.32 -11.06 -38.73
CA ALA A 186 -14.73 -11.55 -37.49
C ALA A 186 -15.67 -12.37 -36.62
N PRO A 187 -16.93 -11.97 -36.37
CA PRO A 187 -17.79 -12.77 -35.48
C PRO A 187 -17.87 -14.24 -35.83
N ALA A 188 -17.73 -14.61 -37.12
CA ALA A 188 -17.68 -16.03 -37.47
C ALA A 188 -16.45 -16.70 -36.88
N TYR A 189 -15.29 -16.04 -36.96
CA TYR A 189 -14.09 -16.59 -36.33
C TYR A 189 -14.25 -16.69 -34.81
N TYR A 190 -14.81 -15.65 -34.19
CA TYR A 190 -14.95 -15.62 -32.74
C TYR A 190 -15.86 -16.74 -32.26
N ASN A 191 -17.05 -16.86 -32.86
CA ASN A 191 -17.97 -17.92 -32.44
C ASN A 191 -17.41 -19.30 -32.75
N LEU A 192 -16.59 -19.42 -33.79
CA LEU A 192 -15.88 -20.67 -34.04
C LEU A 192 -14.90 -20.98 -32.92
N GLY A 193 -14.16 -19.98 -32.45
CA GLY A 193 -13.28 -20.18 -31.31
C GLY A 193 -14.03 -20.54 -30.04
N VAL A 194 -15.28 -20.06 -29.92
CA VAL A 194 -16.06 -20.36 -28.72
C VAL A 194 -16.43 -21.84 -28.68
N VAL A 195 -16.98 -22.35 -29.78
CA VAL A 195 -17.35 -23.77 -29.82
C VAL A 195 -16.10 -24.64 -29.76
N TYR A 196 -15.02 -24.22 -30.41
CA TYR A 196 -13.77 -24.96 -30.34
C TYR A 196 -13.25 -25.04 -28.91
N SER A 197 -13.49 -24.00 -28.11
CA SER A 197 -13.03 -24.01 -26.73
C SER A 197 -13.84 -24.99 -25.88
N GLU A 198 -15.17 -24.95 -25.99
CA GLU A 198 -15.98 -25.86 -25.18
C GLU A 198 -15.86 -27.30 -25.65
N MET A 199 -15.41 -27.52 -26.88
CA MET A 199 -15.02 -28.86 -27.33
C MET A 199 -13.57 -29.18 -27.00
N MET A 200 -12.90 -28.28 -26.27
CA MET A 200 -11.54 -28.48 -25.74
C MET A 200 -10.52 -28.71 -26.85
N GLN A 201 -10.74 -28.09 -28.01
CA GLN A 201 -9.71 -27.93 -29.04
C GLN A 201 -9.12 -26.53 -28.91
N TYR A 202 -8.26 -26.35 -27.90
CA TYR A 202 -7.80 -25.00 -27.57
C TYR A 202 -6.84 -24.44 -28.62
N ASP A 203 -6.11 -25.30 -29.33
CA ASP A 203 -5.26 -24.80 -30.42
C ASP A 203 -6.11 -24.29 -31.57
N ASN A 204 -7.16 -25.03 -31.94
CA ASN A 204 -8.10 -24.55 -32.93
C ASN A 204 -8.82 -23.29 -32.44
N ALA A 205 -9.20 -23.26 -31.17
CA ALA A 205 -9.83 -22.08 -30.60
C ALA A 205 -8.90 -20.87 -30.64
N LEU A 206 -7.62 -21.09 -30.38
CA LEU A 206 -6.66 -19.98 -30.42
C LEU A 206 -6.51 -19.41 -31.82
N SER A 207 -6.28 -20.28 -32.81
CA SER A 207 -6.13 -19.82 -34.18
C SER A 207 -7.38 -19.10 -34.66
N CYS A 208 -8.56 -19.54 -34.21
CA CYS A 208 -9.80 -18.87 -34.56
C CYS A 208 -9.85 -17.45 -33.98
N TYR A 209 -9.50 -17.31 -32.71
CA TYR A 209 -9.50 -16.00 -32.09
C TYR A 209 -8.41 -15.10 -32.66
N GLU A 210 -7.25 -15.67 -33.01
CA GLU A 210 -6.20 -14.88 -33.63
C GLU A 210 -6.67 -14.26 -34.94
N LYS A 211 -7.34 -15.06 -35.77
CA LYS A 211 -7.90 -14.54 -37.01
C LYS A 211 -8.99 -13.52 -36.73
N ALA A 212 -9.82 -13.77 -35.71
CA ALA A 212 -10.86 -12.80 -35.35
C ALA A 212 -10.25 -11.47 -34.94
N ALA A 213 -9.13 -11.50 -34.22
CA ALA A 213 -8.44 -10.27 -33.86
C ALA A 213 -7.74 -9.64 -35.06
N LEU A 214 -7.30 -10.46 -36.02
CA LEU A 214 -6.70 -9.91 -37.23
C LEU A 214 -7.74 -9.23 -38.11
N GLU A 215 -8.94 -9.83 -38.22
CA GLU A 215 -10.00 -9.20 -39.00
C GLU A 215 -10.63 -8.01 -38.27
N ARG A 216 -10.71 -8.08 -36.94
CA ARG A 216 -11.25 -7.00 -36.10
C ARG A 216 -10.29 -6.75 -34.95
N PRO A 217 -9.37 -5.79 -35.08
CA PRO A 217 -8.39 -5.57 -34.01
C PRO A 217 -8.99 -5.07 -32.71
N MET A 218 -10.20 -4.52 -32.75
CA MET A 218 -10.90 -4.05 -31.56
C MET A 218 -11.89 -5.08 -31.02
N TYR A 219 -11.66 -6.35 -31.30
CA TYR A 219 -12.51 -7.43 -30.78
C TYR A 219 -11.99 -7.79 -29.39
N ALA A 220 -12.58 -7.16 -28.37
CA ALA A 220 -12.10 -7.36 -27.01
C ALA A 220 -12.41 -8.76 -26.52
N GLU A 221 -13.61 -9.28 -26.82
CA GLU A 221 -14.00 -10.59 -26.31
C GLU A 221 -13.11 -11.70 -26.84
N ALA A 222 -12.54 -11.53 -28.04
CA ALA A 222 -11.59 -12.53 -28.53
C ALA A 222 -10.28 -12.47 -27.74
N TYR A 223 -9.80 -11.27 -27.43
CA TYR A 223 -8.61 -11.15 -26.60
C TYR A 223 -8.85 -11.72 -25.20
N CYS A 224 -10.02 -11.45 -24.63
CA CYS A 224 -10.34 -11.97 -23.31
C CYS A 224 -10.34 -13.50 -23.30
N ASN A 225 -11.08 -14.11 -24.24
CA ASN A 225 -11.14 -15.56 -24.28
C ASN A 225 -9.79 -16.18 -24.58
N MET A 226 -8.94 -15.50 -25.36
CA MET A 226 -7.58 -15.98 -25.58
C MET A 226 -6.80 -16.03 -24.27
N GLY A 227 -6.92 -14.96 -23.47
CA GLY A 227 -6.23 -14.95 -22.19
C GLY A 227 -6.69 -16.06 -21.27
N VAL A 228 -7.99 -16.39 -21.30
CA VAL A 228 -8.49 -17.48 -20.48
C VAL A 228 -7.81 -18.80 -20.87
N ILE A 229 -7.67 -19.05 -22.17
CA ILE A 229 -7.00 -20.27 -22.61
C ILE A 229 -5.54 -20.27 -22.15
N TYR A 230 -4.84 -19.17 -22.40
CA TYR A 230 -3.42 -19.09 -22.04
C TYR A 230 -3.22 -19.26 -20.54
N LYS A 231 -4.13 -18.72 -19.74
CA LYS A 231 -4.03 -18.88 -18.29
C LYS A 231 -4.28 -20.33 -17.89
N ASN A 232 -5.34 -20.93 -18.41
CA ASN A 232 -5.67 -22.30 -18.07
C ASN A 232 -4.67 -23.31 -18.61
N ARG A 233 -3.73 -22.88 -19.45
CA ARG A 233 -2.68 -23.74 -19.98
C ARG A 233 -1.32 -23.46 -19.35
N GLY A 234 -1.26 -22.61 -18.33
CA GLY A 234 -0.04 -22.37 -17.60
C GLY A 234 0.70 -21.10 -17.96
N ASP A 235 0.45 -20.54 -19.14
CA ASP A 235 1.19 -19.36 -19.59
C ASP A 235 0.46 -18.12 -19.10
N LEU A 236 0.81 -17.67 -17.89
CA LEU A 236 0.22 -16.47 -17.33
C LEU A 236 0.72 -15.23 -18.06
N GLU A 237 2.02 -15.19 -18.38
CA GLU A 237 2.61 -14.00 -18.98
C GLU A 237 1.99 -13.71 -20.35
N MET A 238 1.63 -14.75 -21.09
CA MET A 238 0.88 -14.54 -22.32
C MET A 238 -0.55 -14.11 -22.02
N ALA A 239 -1.16 -14.66 -20.98
CA ALA A 239 -2.54 -14.34 -20.65
C ALA A 239 -2.71 -12.86 -20.29
N ILE A 240 -1.74 -12.30 -19.56
CA ILE A 240 -1.91 -10.92 -19.11
C ILE A 240 -1.75 -9.95 -20.27
N THR A 241 -0.95 -10.29 -21.29
CA THR A 241 -0.89 -9.45 -22.47
C THR A 241 -2.15 -9.56 -23.30
N CYS A 242 -2.79 -10.74 -23.28
CA CYS A 242 -4.08 -10.90 -23.95
C CYS A 242 -5.16 -10.09 -23.24
N TYR A 243 -5.16 -10.10 -21.91
CA TYR A 243 -6.07 -9.24 -21.17
C TYR A 243 -5.73 -7.77 -21.34
N GLU A 244 -4.44 -7.46 -21.49
CA GLU A 244 -4.03 -6.07 -21.72
C GLU A 244 -4.59 -5.54 -23.03
N ARG A 245 -4.44 -6.30 -24.12
CA ARG A 245 -5.02 -5.90 -25.39
C ARG A 245 -6.53 -5.87 -25.34
N CYS A 246 -7.13 -6.71 -24.48
CA CYS A 246 -8.58 -6.67 -24.29
C CYS A 246 -8.99 -5.39 -23.58
N LEU A 247 -8.32 -5.06 -22.48
CA LEU A 247 -8.71 -3.88 -21.71
C LEU A 247 -8.27 -2.57 -22.35
N ALA A 248 -7.29 -2.62 -23.26
CA ALA A 248 -6.97 -1.41 -24.03
C ALA A 248 -8.11 -1.05 -24.97
N VAL A 249 -8.92 -2.04 -25.36
CA VAL A 249 -10.10 -1.78 -26.19
C VAL A 249 -11.31 -1.44 -25.33
N SER A 250 -11.52 -2.18 -24.23
CA SER A 250 -12.62 -1.93 -23.30
C SER A 250 -12.03 -1.86 -21.89
N PRO A 251 -11.72 -0.66 -21.40
CA PRO A 251 -11.14 -0.55 -20.05
C PRO A 251 -12.07 -0.98 -18.94
N ASN A 252 -13.36 -1.10 -19.22
CA ASN A 252 -14.38 -1.37 -18.20
C ASN A 252 -14.96 -2.77 -18.35
N PHE A 253 -14.31 -3.65 -19.10
CA PHE A 253 -14.75 -5.03 -19.28
C PHE A 253 -14.52 -5.76 -17.97
N GLU A 254 -15.58 -5.93 -17.19
CA GLU A 254 -15.42 -6.28 -15.78
C GLU A 254 -14.83 -7.66 -15.59
N ILE A 255 -15.35 -8.66 -16.31
CA ILE A 255 -14.83 -10.01 -16.11
C ILE A 255 -13.40 -10.11 -16.63
N ALA A 256 -13.05 -9.32 -17.66
CA ALA A 256 -11.65 -9.26 -18.09
C ALA A 256 -10.79 -8.56 -17.05
N LYS A 257 -11.37 -7.63 -16.27
CA LYS A 257 -10.63 -7.00 -15.19
C LYS A 257 -10.39 -7.98 -14.05
N ASN A 258 -11.44 -8.71 -13.63
CA ASN A 258 -11.29 -9.70 -12.57
C ASN A 258 -10.30 -10.79 -12.97
N ASN A 259 -10.39 -11.26 -14.22
CA ASN A 259 -9.44 -12.25 -14.71
C ASN A 259 -8.02 -11.71 -14.71
N MET A 260 -7.86 -10.41 -14.98
CA MET A 260 -6.53 -9.81 -14.95
C MET A 260 -5.95 -9.81 -13.54
N ALA A 261 -6.78 -9.54 -12.53
CA ALA A 261 -6.31 -9.56 -11.16
C ALA A 261 -5.94 -10.97 -10.72
N ILE A 262 -6.73 -11.97 -11.13
CA ILE A 262 -6.42 -13.35 -10.79
C ILE A 262 -5.09 -13.77 -11.39
N ALA A 263 -4.87 -13.42 -12.66
CA ALA A 263 -3.61 -13.76 -13.31
C ALA A 263 -2.44 -13.01 -12.67
N LEU A 264 -2.63 -11.73 -12.37
CA LEU A 264 -1.54 -10.95 -11.78
C LEU A 264 -1.16 -11.48 -10.40
N THR A 265 -2.16 -11.86 -9.60
CA THR A 265 -1.87 -12.45 -8.29
C THR A 265 -1.15 -13.78 -8.44
N ASP A 266 -1.63 -14.63 -9.34
CA ASP A 266 -0.98 -15.92 -9.56
C ASP A 266 0.45 -15.75 -10.04
N LEU A 267 0.69 -14.79 -10.94
CA LEU A 267 2.04 -14.55 -11.43
C LEU A 267 2.92 -13.92 -10.35
N GLY A 268 2.34 -13.06 -9.50
CA GLY A 268 3.09 -12.51 -8.40
C GLY A 268 3.50 -13.57 -7.39
N THR A 269 2.61 -14.53 -7.14
CA THR A 269 2.95 -15.65 -6.26
C THR A 269 4.04 -16.53 -6.89
N LYS A 270 3.93 -16.78 -8.20
CA LYS A 270 4.94 -17.60 -8.87
C LYS A 270 6.31 -16.98 -8.78
N VAL A 271 6.42 -15.68 -9.08
CA VAL A 271 7.72 -15.02 -9.06
C VAL A 271 8.18 -14.72 -7.63
N LYS A 272 7.27 -14.76 -6.65
CA LYS A 272 7.71 -14.60 -5.26
C LYS A 272 8.38 -15.86 -4.74
N LEU A 273 8.01 -17.03 -5.26
CA LEU A 273 8.66 -18.28 -4.88
C LEU A 273 9.95 -18.54 -5.66
N GLU A 274 10.24 -17.74 -6.69
CA GLU A 274 11.55 -17.75 -7.31
C GLU A 274 12.54 -16.85 -6.60
N GLY A 275 12.11 -16.14 -5.56
CA GLY A 275 12.97 -15.31 -4.75
C GLY A 275 12.74 -13.83 -4.90
N ASP A 276 12.12 -13.39 -6.00
CA ASP A 276 11.89 -11.98 -6.25
C ASP A 276 10.61 -11.54 -5.55
N VAL A 277 10.74 -11.26 -4.25
CA VAL A 277 9.58 -10.84 -3.47
C VAL A 277 9.07 -9.48 -3.92
N THR A 278 9.99 -8.58 -4.32
CA THR A 278 9.61 -7.20 -4.60
C THR A 278 8.60 -7.11 -5.74
N GLN A 279 8.95 -7.65 -6.92
CA GLN A 279 8.01 -7.57 -8.02
C GLN A 279 6.82 -8.51 -7.85
N GLY A 280 6.94 -9.52 -7.00
CA GLY A 280 5.76 -10.27 -6.59
C GLY A 280 4.76 -9.39 -5.88
N VAL A 281 5.26 -8.48 -5.04
CA VAL A 281 4.41 -7.47 -4.41
C VAL A 281 3.85 -6.52 -5.45
N ALA A 282 4.67 -6.14 -6.44
CA ALA A 282 4.22 -5.24 -7.49
C ALA A 282 3.05 -5.83 -8.27
N TYR A 283 3.12 -7.13 -8.57
CA TYR A 283 1.99 -7.78 -9.24
C TYR A 283 0.76 -7.79 -8.36
N TYR A 284 0.93 -8.02 -7.06
CA TYR A 284 -0.21 -8.00 -6.15
C TYR A 284 -0.88 -6.63 -6.14
N LYS A 285 -0.07 -5.57 -6.13
CA LYS A 285 -0.63 -4.22 -6.10
C LYS A 285 -1.32 -3.88 -7.40
N LYS A 286 -0.73 -4.25 -8.54
CA LYS A 286 -1.40 -3.99 -9.81
C LYS A 286 -2.70 -4.77 -9.93
N ALA A 287 -2.73 -5.99 -9.38
CA ALA A 287 -3.99 -6.73 -9.29
C ALA A 287 -5.05 -5.92 -8.57
N LEU A 288 -4.66 -5.25 -7.48
CA LEU A 288 -5.60 -4.43 -6.72
C LEU A 288 -6.08 -3.23 -7.52
N TYR A 289 -5.31 -2.79 -8.52
CA TYR A 289 -5.82 -1.72 -9.40
C TYR A 289 -6.94 -2.24 -10.28
N TYR A 290 -6.83 -3.49 -10.75
CA TYR A 290 -7.89 -4.07 -11.57
C TYR A 290 -9.06 -4.55 -10.72
N ASN A 291 -8.78 -5.06 -9.53
CA ASN A 291 -9.82 -5.49 -8.59
C ASN A 291 -9.40 -5.02 -7.20
N TRP A 292 -9.98 -3.92 -6.74
CA TRP A 292 -9.56 -3.34 -5.47
C TRP A 292 -10.02 -4.15 -4.27
N HIS A 293 -10.93 -5.10 -4.45
CA HIS A 293 -11.37 -5.95 -3.36
C HIS A 293 -11.02 -7.41 -3.61
N TYR A 294 -9.93 -7.67 -4.33
CA TYR A 294 -9.49 -9.05 -4.54
C TYR A 294 -8.76 -9.50 -3.29
N ALA A 295 -9.46 -10.28 -2.45
CA ALA A 295 -8.92 -10.65 -1.14
C ALA A 295 -7.61 -11.42 -1.27
N ASP A 296 -7.51 -12.29 -2.29
CA ASP A 296 -6.31 -13.10 -2.43
C ASP A 296 -5.05 -12.26 -2.52
N ALA A 297 -5.09 -11.18 -3.30
CA ALA A 297 -3.93 -10.30 -3.40
C ALA A 297 -3.66 -9.59 -2.08
N MET A 298 -4.71 -9.27 -1.33
CA MET A 298 -4.53 -8.61 -0.04
C MET A 298 -3.86 -9.53 0.96
N TYR A 299 -4.31 -10.79 1.03
CA TYR A 299 -3.69 -11.73 1.96
C TYR A 299 -2.24 -12.01 1.60
N ASN A 300 -1.95 -12.16 0.31
CA ASN A 300 -0.57 -12.40 -0.11
C ASN A 300 0.31 -11.20 0.19
N LEU A 301 -0.25 -9.99 0.08
CA LEU A 301 0.51 -8.79 0.44
C LEU A 301 0.85 -8.81 1.93
N GLY A 302 -0.08 -9.27 2.76
CA GLY A 302 0.23 -9.43 4.17
C GLY A 302 1.35 -10.44 4.41
N VAL A 303 1.35 -11.54 3.64
CA VAL A 303 2.40 -12.54 3.78
C VAL A 303 3.75 -11.95 3.40
N ALA A 304 3.81 -11.29 2.24
CA ALA A 304 5.07 -10.70 1.80
C ALA A 304 5.53 -9.59 2.73
N TYR A 305 4.60 -8.73 3.16
CA TYR A 305 4.98 -7.61 4.02
C TYR A 305 5.39 -8.08 5.41
N GLY A 306 4.90 -9.23 5.84
CA GLY A 306 5.41 -9.82 7.08
C GLY A 306 6.81 -10.36 6.92
N GLU A 307 7.08 -11.02 5.79
CA GLU A 307 8.43 -11.50 5.52
C GLU A 307 9.43 -10.35 5.40
N MET A 308 8.97 -9.18 5.00
CA MET A 308 9.80 -7.99 4.95
C MET A 308 9.91 -7.28 6.30
N LEU A 309 9.40 -7.89 7.36
CA LEU A 309 9.39 -7.40 8.74
C LEU A 309 8.50 -6.18 8.93
N LYS A 310 7.83 -5.71 7.88
CA LYS A 310 6.89 -4.58 7.96
C LYS A 310 5.56 -5.06 8.55
N PHE A 311 5.59 -5.37 9.85
CA PHE A 311 4.47 -6.03 10.49
C PHE A 311 3.23 -5.13 10.58
N ASP A 312 3.43 -3.83 10.76
CA ASP A 312 2.29 -2.94 10.92
C ASP A 312 1.45 -2.90 9.65
N MET A 313 2.08 -2.70 8.50
CA MET A 313 1.35 -2.71 7.24
C MET A 313 0.76 -4.10 6.97
N ALA A 314 1.51 -5.16 7.29
CA ALA A 314 1.01 -6.51 7.06
C ALA A 314 -0.28 -6.76 7.83
N ILE A 315 -0.43 -6.16 9.01
CA ILE A 315 -1.67 -6.33 9.77
C ILE A 315 -2.85 -5.76 9.00
N VAL A 316 -2.66 -4.57 8.39
CA VAL A 316 -3.76 -3.95 7.65
C VAL A 316 -4.12 -4.80 6.43
N PHE A 317 -3.12 -5.37 5.75
CA PHE A 317 -3.40 -6.22 4.60
C PHE A 317 -4.21 -7.44 4.99
N TYR A 318 -3.86 -8.07 6.12
CA TYR A 318 -4.59 -9.25 6.57
C TYR A 318 -6.02 -8.87 6.94
N GLU A 319 -6.21 -7.74 7.63
CA GLU A 319 -7.55 -7.36 8.05
C GLU A 319 -8.42 -7.01 6.85
N LEU A 320 -7.83 -6.43 5.81
CA LEU A 320 -8.59 -6.18 4.58
C LEU A 320 -8.94 -7.49 3.88
N ALA A 321 -8.01 -8.45 3.86
CA ALA A 321 -8.27 -9.73 3.22
C ALA A 321 -9.41 -10.46 3.91
N PHE A 322 -9.37 -10.52 5.25
CA PHE A 322 -10.42 -11.19 6.00
C PHE A 322 -11.74 -10.42 5.91
N HIS A 323 -11.67 -9.11 5.72
CA HIS A 323 -12.89 -8.31 5.56
C HIS A 323 -13.59 -8.62 4.25
N PHE A 324 -12.84 -8.70 3.16
CA PHE A 324 -13.41 -9.01 1.85
C PHE A 324 -13.63 -10.49 1.62
N ASN A 325 -13.06 -11.36 2.46
CA ASN A 325 -13.24 -12.79 2.35
C ASN A 325 -13.33 -13.35 3.76
N PRO A 326 -14.52 -13.38 4.36
CA PRO A 326 -14.65 -13.89 5.73
C PRO A 326 -14.30 -15.36 5.88
N HIS A 327 -14.12 -16.10 4.79
CA HIS A 327 -13.78 -17.51 4.84
C HIS A 327 -12.29 -17.75 4.68
N CYS A 328 -11.47 -16.71 4.82
CA CYS A 328 -10.01 -16.84 4.71
C CYS A 328 -9.47 -16.98 6.13
N ALA A 329 -9.38 -18.22 6.60
CA ALA A 329 -8.86 -18.47 7.94
C ALA A 329 -7.36 -18.24 8.03
N GLU A 330 -6.64 -18.28 6.90
CA GLU A 330 -5.21 -18.02 6.93
C GLU A 330 -4.90 -16.58 7.34
N ALA A 331 -5.79 -15.64 7.00
CA ALA A 331 -5.59 -14.25 7.42
C ALA A 331 -5.73 -14.12 8.93
N CYS A 332 -6.73 -14.78 9.52
CA CYS A 332 -6.90 -14.73 10.97
C CYS A 332 -5.72 -15.40 11.68
N ASN A 333 -5.22 -16.50 11.14
CA ASN A 333 -4.07 -17.17 11.73
C ASN A 333 -2.86 -16.25 11.75
N ASN A 334 -2.50 -15.67 10.60
CA ASN A 334 -1.33 -14.83 10.53
C ASN A 334 -1.52 -13.53 11.31
N LEU A 335 -2.76 -13.08 11.47
CA LEU A 335 -3.02 -11.93 12.34
C LEU A 335 -2.70 -12.27 13.79
N GLY A 336 -3.20 -13.41 14.28
CA GLY A 336 -2.91 -13.81 15.64
C GLY A 336 -1.43 -13.94 15.92
N VAL A 337 -0.68 -14.43 14.94
CA VAL A 337 0.76 -14.60 15.13
C VAL A 337 1.45 -13.24 15.25
N LEU A 338 0.98 -12.24 14.49
CA LEU A 338 1.59 -10.92 14.55
C LEU A 338 1.25 -10.21 15.85
N TYR A 339 0.03 -10.40 16.35
CA TYR A 339 -0.34 -9.80 17.63
C TYR A 339 0.26 -10.55 18.81
N LYS A 340 0.62 -11.83 18.64
CA LYS A 340 1.27 -12.55 19.72
C LYS A 340 2.71 -12.07 19.91
N ASP A 341 3.40 -11.80 18.82
CA ASP A 341 4.74 -11.23 18.91
C ASP A 341 4.71 -9.79 19.42
N ARG A 342 3.54 -9.20 19.51
CA ARG A 342 3.31 -7.94 20.21
C ARG A 342 2.90 -8.15 21.66
N ASP A 343 2.77 -9.41 22.09
CA ASP A 343 2.33 -9.82 23.42
C ASP A 343 0.87 -9.47 23.68
N ASN A 344 0.10 -9.19 22.63
CA ASN A 344 -1.35 -8.97 22.76
C ASN A 344 -2.06 -10.32 22.68
N LEU A 345 -1.86 -11.13 23.72
CA LEU A 345 -2.35 -12.51 23.70
C LEU A 345 -3.86 -12.58 23.62
N ASP A 346 -4.56 -11.61 24.22
CA ASP A 346 -6.02 -11.63 24.15
C ASP A 346 -6.50 -11.50 22.71
N LYS A 347 -5.85 -10.64 21.92
CA LYS A 347 -6.22 -10.49 20.52
C LYS A 347 -5.77 -11.69 19.70
N ALA A 348 -4.60 -12.24 20.01
CA ALA A 348 -4.13 -13.45 19.33
C ALA A 348 -5.13 -14.58 19.47
N VAL A 349 -5.62 -14.81 20.70
CA VAL A 349 -6.62 -15.85 20.93
C VAL A 349 -7.84 -15.59 20.06
N GLU A 350 -8.30 -14.34 20.03
CA GLU A 350 -9.48 -14.01 19.22
C GLU A 350 -9.25 -14.35 17.76
N CYS A 351 -8.05 -14.05 17.24
CA CYS A 351 -7.74 -14.37 15.86
C CYS A 351 -7.77 -15.87 15.62
N TYR A 352 -7.10 -16.64 16.47
CA TYR A 352 -7.04 -18.09 16.31
C TYR A 352 -8.41 -18.72 16.38
N GLN A 353 -9.30 -18.19 17.22
CA GLN A 353 -10.61 -18.80 17.39
C GLN A 353 -11.50 -18.56 16.17
N MET A 354 -11.36 -17.42 15.50
CA MET A 354 -12.11 -17.22 14.25
C MET A 354 -11.54 -18.04 13.11
N ALA A 355 -10.22 -18.25 13.08
CA ALA A 355 -9.63 -19.15 12.10
C ALA A 355 -10.17 -20.57 12.28
N LEU A 356 -10.33 -21.01 13.52
CA LEU A 356 -10.96 -22.29 13.79
C LEU A 356 -12.48 -22.24 13.59
N SER A 357 -13.08 -21.04 13.61
CA SER A 357 -14.47 -20.91 13.23
C SER A 357 -14.67 -21.29 11.76
N ILE A 358 -13.68 -21.01 10.92
CA ILE A 358 -13.77 -21.25 9.49
C ILE A 358 -13.17 -22.61 9.11
N LYS A 359 -12.04 -22.97 9.71
CA LYS A 359 -11.38 -24.25 9.46
C LYS A 359 -11.07 -24.87 10.82
N PRO A 360 -11.98 -25.69 11.35
CA PRO A 360 -11.75 -26.26 12.69
C PRO A 360 -10.55 -27.17 12.75
N ASN A 361 -10.10 -27.69 11.62
CA ASN A 361 -9.01 -28.65 11.55
C ASN A 361 -7.67 -27.96 11.29
N PHE A 362 -7.67 -26.62 11.20
CA PHE A 362 -6.48 -25.86 10.81
C PHE A 362 -5.35 -26.06 11.80
N ALA A 363 -4.28 -26.73 11.37
CA ALA A 363 -3.24 -27.18 12.28
C ALA A 363 -2.46 -26.02 12.87
N GLN A 364 -2.14 -25.03 12.04
CA GLN A 364 -1.34 -23.89 12.52
C GLN A 364 -2.06 -23.17 13.66
N SER A 365 -3.35 -22.85 13.47
CA SER A 365 -4.08 -22.12 14.49
C SER A 365 -4.31 -22.97 15.73
N LEU A 366 -4.51 -24.27 15.56
CA LEU A 366 -4.56 -25.17 16.71
C LEU A 366 -3.27 -25.11 17.50
N ASN A 367 -2.13 -25.30 16.82
CA ASN A 367 -0.84 -25.22 17.49
C ASN A 367 -0.61 -23.84 18.09
N ASN A 368 -0.88 -22.79 17.31
CA ASN A 368 -0.60 -21.43 17.78
C ASN A 368 -1.44 -21.09 19.00
N LEU A 369 -2.73 -21.45 18.98
CA LEU A 369 -3.57 -21.22 20.15
C LEU A 369 -3.04 -21.97 21.36
N GLY A 370 -2.52 -23.18 21.16
CA GLY A 370 -1.90 -23.91 22.25
C GLY A 370 -0.63 -23.26 22.75
N VAL A 371 0.13 -22.62 21.86
CA VAL A 371 1.30 -21.87 22.29
C VAL A 371 0.89 -20.72 23.20
N VAL A 372 -0.17 -19.99 22.79
CA VAL A 372 -0.65 -18.89 23.62
C VAL A 372 -1.12 -19.42 24.98
N TYR A 373 -1.87 -20.51 24.97
CA TYR A 373 -2.31 -21.12 26.22
C TYR A 373 -1.13 -21.52 27.10
N THR A 374 -0.07 -22.04 26.48
CA THR A 374 1.13 -22.40 27.25
C THR A 374 1.71 -21.18 27.95
N VAL A 375 1.85 -20.06 27.22
CA VAL A 375 2.42 -18.85 27.79
C VAL A 375 1.55 -18.33 28.92
N GLN A 376 0.23 -18.42 28.75
CA GLN A 376 -0.68 -17.95 29.80
C GLN A 376 -0.69 -18.87 31.02
N GLY A 377 -0.25 -20.12 30.89
CA GLY A 377 -0.26 -21.03 32.01
C GLY A 377 -1.37 -22.05 31.99
N LYS A 378 -2.30 -21.97 31.03
CA LYS A 378 -3.37 -22.96 30.91
C LYS A 378 -2.75 -24.21 30.28
N MET A 379 -2.16 -25.05 31.13
CA MET A 379 -1.27 -26.10 30.65
C MET A 379 -2.02 -27.18 29.87
N ASP A 380 -3.23 -27.51 30.29
CA ASP A 380 -3.95 -28.63 29.71
C ASP A 380 -4.83 -28.24 28.53
N ALA A 381 -5.39 -27.03 28.54
CA ALA A 381 -5.93 -26.50 27.29
C ALA A 381 -4.83 -26.38 26.25
N ALA A 382 -3.62 -26.01 26.69
CA ALA A 382 -2.47 -25.95 25.78
C ALA A 382 -2.12 -27.33 25.25
N ALA A 383 -2.10 -28.33 26.13
CA ALA A 383 -1.78 -29.70 25.70
C ALA A 383 -2.83 -30.22 24.74
N SER A 384 -4.11 -30.01 25.05
CA SER A 384 -5.18 -30.47 24.17
C SER A 384 -5.07 -29.82 22.79
N MET A 385 -4.81 -28.52 22.75
CA MET A 385 -4.71 -27.82 21.48
C MET A 385 -3.55 -28.37 20.64
N ILE A 386 -2.37 -28.49 21.26
CA ILE A 386 -1.21 -28.98 20.52
C ILE A 386 -1.44 -30.42 20.04
N GLU A 387 -2.14 -31.22 20.83
CA GLU A 387 -2.46 -32.58 20.41
C GLU A 387 -3.38 -32.58 19.20
N LYS A 388 -4.35 -31.65 19.17
CA LYS A 388 -5.23 -31.55 18.00
C LYS A 388 -4.46 -31.13 16.77
N ALA A 389 -3.46 -30.25 16.93
CA ALA A 389 -2.61 -29.89 15.80
C ALA A 389 -1.84 -31.09 15.29
N ILE A 390 -1.33 -31.93 16.19
CA ILE A 390 -0.61 -33.12 15.77
C ILE A 390 -1.55 -34.11 15.08
N LEU A 391 -2.82 -34.16 15.50
CA LEU A 391 -3.81 -34.96 14.78
C LEU A 391 -4.00 -34.43 13.36
N ALA A 392 -4.13 -33.11 13.21
CA ALA A 392 -4.37 -32.51 11.90
C ALA A 392 -3.18 -32.75 10.98
N ASN A 393 -1.96 -32.52 11.48
CA ASN A 393 -0.73 -32.80 10.74
C ASN A 393 0.12 -33.77 11.55
N PRO A 394 0.12 -35.07 11.21
CA PRO A 394 0.90 -36.05 12.00
C PRO A 394 2.41 -35.86 11.92
N THR A 395 2.91 -34.98 11.04
CA THR A 395 4.33 -34.70 10.92
C THR A 395 4.67 -33.28 11.32
N TYR A 396 3.81 -32.63 12.11
CA TYR A 396 4.01 -31.27 12.54
C TYR A 396 5.12 -31.25 13.58
N ALA A 397 6.37 -31.04 13.13
CA ALA A 397 7.52 -31.17 14.01
C ALA A 397 7.50 -30.13 15.12
N GLU A 398 7.23 -28.87 14.77
CA GLU A 398 7.25 -27.83 15.79
C GLU A 398 6.11 -27.94 16.78
N ALA A 399 5.01 -28.59 16.40
CA ALA A 399 3.96 -28.87 17.38
C ALA A 399 4.48 -29.82 18.47
N PHE A 400 5.20 -30.87 18.05
CA PHE A 400 5.82 -31.76 19.02
C PHE A 400 6.79 -31.00 19.92
N ASN A 401 7.56 -30.08 19.34
CA ASN A 401 8.50 -29.30 20.15
C ASN A 401 7.76 -28.45 21.17
N ASN A 402 6.66 -27.81 20.77
CA ASN A 402 5.89 -27.00 21.70
C ASN A 402 5.21 -27.85 22.75
N LEU A 403 4.88 -29.10 22.42
CA LEU A 403 4.39 -30.03 23.44
C LEU A 403 5.47 -30.30 24.49
N GLY A 404 6.72 -30.50 24.04
CA GLY A 404 7.80 -30.70 24.98
C GLY A 404 8.07 -29.48 25.84
N VAL A 405 7.99 -28.28 25.24
CA VAL A 405 8.14 -27.05 26.00
C VAL A 405 7.05 -26.95 27.06
N LEU A 406 5.82 -27.32 26.70
CA LEU A 406 4.73 -27.36 27.67
C LEU A 406 5.07 -28.28 28.84
N TYR A 407 5.50 -29.52 28.54
CA TYR A 407 5.83 -30.47 29.59
C TYR A 407 7.03 -30.02 30.40
N ARG A 408 8.03 -29.44 29.75
CA ARG A 408 9.20 -28.94 30.48
C ARG A 408 8.82 -27.82 31.44
N ASP A 409 8.02 -26.87 30.96
CA ASP A 409 7.52 -25.81 31.83
C ASP A 409 6.77 -26.39 33.01
N ALA A 410 5.83 -27.31 32.75
CA ALA A 410 5.08 -27.95 33.82
C ALA A 410 5.95 -28.80 34.74
N GLY A 411 7.20 -29.08 34.33
CA GLY A 411 8.12 -29.84 35.15
C GLY A 411 8.22 -31.31 34.84
N ASN A 412 7.43 -31.82 33.90
CA ASN A 412 7.46 -33.24 33.54
C ASN A 412 8.53 -33.42 32.46
N ILE A 413 9.76 -33.62 32.92
CA ILE A 413 10.91 -33.62 32.00
C ILE A 413 10.90 -34.86 31.11
N THR A 414 10.58 -36.03 31.68
CA THR A 414 10.64 -37.25 30.90
C THR A 414 9.68 -37.23 29.72
N MET A 415 8.50 -36.64 29.92
CA MET A 415 7.57 -36.49 28.79
C MET A 415 8.02 -35.39 27.83
N ALA A 416 8.65 -34.34 28.35
CA ALA A 416 9.21 -33.31 27.48
C ALA A 416 10.27 -33.89 26.55
N ILE A 417 11.14 -34.74 27.09
CA ILE A 417 12.15 -35.40 26.26
C ILE A 417 11.48 -36.36 25.27
N ASP A 418 10.39 -37.02 25.69
CA ASP A 418 9.67 -37.89 24.77
C ASP A 418 9.08 -37.10 23.61
N ALA A 419 8.52 -35.92 23.90
CA ALA A 419 7.99 -35.07 22.83
C ALA A 419 9.09 -34.59 21.90
N TYR A 420 10.23 -34.17 22.47
CA TYR A 420 11.36 -33.76 21.63
C TYR A 420 11.84 -34.91 20.75
N GLU A 421 11.87 -36.13 21.31
CA GLU A 421 12.35 -37.28 20.54
C GLU A 421 11.35 -37.65 19.45
N GLU A 422 10.06 -37.43 19.69
CA GLU A 422 9.07 -37.66 18.64
C GLU A 422 9.29 -36.71 17.47
N CYS A 423 9.51 -35.42 17.78
CA CYS A 423 9.82 -34.45 16.73
C CYS A 423 11.09 -34.83 15.98
N LEU A 424 12.13 -35.23 16.71
CA LEU A 424 13.39 -35.59 16.08
C LEU A 424 13.27 -36.84 15.21
N LYS A 425 12.27 -37.68 15.43
CA LYS A 425 11.98 -38.74 14.48
C LYS A 425 11.46 -38.17 13.17
N ILE A 426 10.65 -37.11 13.25
CA ILE A 426 10.08 -36.49 12.06
C ILE A 426 11.10 -35.59 11.37
N ASP A 427 11.81 -34.78 12.16
CA ASP A 427 12.84 -33.88 11.64
C ASP A 427 14.10 -34.09 12.48
N PRO A 428 15.04 -34.92 12.00
CA PRO A 428 16.25 -35.17 12.80
C PRO A 428 17.14 -33.95 12.95
N ASP A 429 16.97 -32.92 12.11
CA ASP A 429 17.78 -31.72 12.17
C ASP A 429 17.08 -30.55 12.84
N SER A 430 15.89 -30.78 13.42
CA SER A 430 15.21 -29.73 14.17
C SER A 430 16.12 -29.14 15.23
N ARG A 431 16.33 -27.83 15.17
CA ARG A 431 17.24 -27.22 16.12
C ARG A 431 16.60 -27.06 17.50
N ASN A 432 15.36 -26.55 17.53
CA ASN A 432 14.64 -26.42 18.80
C ASN A 432 14.55 -27.75 19.53
N ALA A 433 14.14 -28.81 18.83
CA ALA A 433 13.97 -30.11 19.47
C ALA A 433 15.30 -30.66 19.95
N GLY A 434 16.32 -30.66 19.08
CA GLY A 434 17.59 -31.27 19.44
C GLY A 434 18.29 -30.55 20.58
N GLN A 435 18.22 -29.21 20.60
CA GLN A 435 18.87 -28.48 21.69
C GLN A 435 18.05 -28.54 22.97
N ASN A 436 16.71 -28.45 22.86
CA ASN A 436 15.87 -28.63 24.05
C ASN A 436 16.06 -30.02 24.64
N ARG A 437 16.28 -31.03 23.81
CA ARG A 437 16.44 -32.39 24.32
C ARG A 437 17.72 -32.51 25.13
N LEU A 438 18.83 -31.95 24.62
CA LEU A 438 20.08 -32.00 25.36
C LEU A 438 19.98 -31.21 26.66
N LEU A 439 19.44 -29.99 26.60
CA LEU A 439 19.28 -29.19 27.80
C LEU A 439 18.38 -29.89 28.82
N ALA A 440 17.28 -30.49 28.36
CA ALA A 440 16.35 -31.12 29.29
C ALA A 440 16.95 -32.34 29.97
N MET A 441 17.90 -33.01 29.31
CA MET A 441 18.50 -34.20 29.90
C MET A 441 19.40 -33.86 31.08
N ASN A 442 19.87 -32.62 31.19
CA ASN A 442 20.67 -32.23 32.35
C ASN A 442 19.85 -32.13 33.63
N TYR A 443 18.53 -32.02 33.53
CA TYR A 443 17.72 -31.91 34.74
C TYR A 443 17.62 -33.22 35.50
N ILE A 444 17.82 -34.36 34.83
CA ILE A 444 17.56 -35.66 35.44
C ILE A 444 18.74 -36.60 35.34
N ASN A 445 19.71 -36.29 34.48
CA ASN A 445 20.78 -37.25 34.21
C ASN A 445 21.81 -37.22 35.33
N GLU A 446 22.09 -38.38 35.90
CA GLU A 446 23.03 -38.49 36.97
C GLU A 446 24.44 -38.65 36.54
N GLY A 447 24.64 -39.16 35.35
CA GLY A 447 25.96 -39.23 34.76
C GLY A 447 26.74 -40.49 35.06
N LEU A 448 26.06 -41.61 35.27
CA LEU A 448 26.76 -42.88 35.45
C LEU A 448 27.29 -43.41 34.13
N ASP A 449 26.44 -43.45 33.11
CA ASP A 449 26.84 -43.87 31.77
C ASP A 449 27.51 -42.70 31.05
N ASP A 450 27.75 -42.87 29.75
CA ASP A 450 28.22 -41.79 28.90
C ASP A 450 27.19 -41.43 27.83
N LYS A 451 25.92 -41.77 28.06
CA LYS A 451 24.90 -41.56 27.03
C LYS A 451 24.59 -40.09 26.83
N LEU A 452 24.71 -39.29 27.90
CA LEU A 452 24.54 -37.84 27.77
C LEU A 452 25.63 -37.24 26.89
N PHE A 453 26.89 -37.64 27.12
CA PHE A 453 27.98 -37.13 26.29
C PHE A 453 27.84 -37.61 24.85
N GLU A 454 27.37 -38.84 24.66
CA GLU A 454 27.19 -39.35 23.30
C GLU A 454 26.08 -38.58 22.58
N ALA A 455 24.98 -38.28 23.28
CA ALA A 455 23.91 -37.50 22.67
C ALA A 455 24.39 -36.12 22.27
N HIS A 456 25.23 -35.50 23.10
CA HIS A 456 25.83 -34.23 22.73
C HIS A 456 26.76 -34.39 21.52
N ARG A 457 27.57 -35.44 21.53
CA ARG A 457 28.53 -35.64 20.44
C ARG A 457 27.84 -35.94 19.12
N ASP A 458 26.75 -36.70 19.16
CA ASP A 458 26.01 -37.00 17.95
C ASP A 458 25.33 -35.76 17.39
N TRP A 459 24.80 -34.91 18.27
CA TRP A 459 24.23 -33.64 17.82
C TRP A 459 25.29 -32.77 17.15
N GLY A 460 26.49 -32.70 17.74
CA GLY A 460 27.55 -31.87 17.17
C GLY A 460 28.00 -32.36 15.79
N TRP A 461 28.04 -33.68 15.61
CA TRP A 461 28.36 -34.22 14.28
C TRP A 461 27.28 -33.87 13.28
N ARG A 462 26.01 -34.05 13.66
CA ARG A 462 24.90 -33.68 12.79
C ARG A 462 24.93 -32.18 12.47
N PHE A 463 25.12 -31.34 13.49
CA PHE A 463 25.04 -29.90 13.33
C PHE A 463 26.18 -29.34 12.50
N THR A 464 27.36 -29.94 12.59
CA THR A 464 28.48 -29.49 11.76
C THR A 464 28.38 -30.02 10.34
N ARG A 465 27.68 -31.14 10.12
CA ARG A 465 27.43 -31.61 8.77
C ARG A 465 26.58 -30.63 7.97
N LEU A 466 25.81 -29.77 8.64
CA LEU A 466 24.93 -28.83 7.97
C LEU A 466 25.44 -27.39 7.99
N HIS A 467 26.56 -27.14 8.67
CA HIS A 467 27.15 -25.81 8.67
C HIS A 467 28.50 -25.87 7.99
N PRO A 468 28.69 -25.18 6.87
CA PRO A 468 30.00 -25.18 6.22
C PRO A 468 31.06 -24.57 7.13
N GLN A 469 32.19 -25.26 7.25
CA GLN A 469 33.27 -24.81 8.09
C GLN A 469 34.23 -23.92 7.30
N TYR A 470 34.77 -22.92 7.98
CA TYR A 470 35.91 -22.17 7.44
C TYR A 470 37.18 -22.95 7.74
N THR A 471 37.98 -23.21 6.70
CA THR A 471 39.20 -23.99 6.86
C THR A 471 40.46 -23.15 6.92
N SER A 472 40.41 -21.89 6.46
CA SER A 472 41.54 -20.97 6.56
C SER A 472 41.15 -19.81 7.46
N TRP A 473 42.10 -19.36 8.28
CA TRP A 473 41.88 -18.25 9.20
C TRP A 473 43.04 -17.27 9.03
N ASP A 474 42.73 -16.10 8.47
CA ASP A 474 43.70 -15.06 8.14
C ASP A 474 44.24 -14.34 9.37
N ASN A 475 43.86 -14.73 10.58
CA ASN A 475 44.29 -14.03 11.77
C ASN A 475 45.79 -14.20 11.97
N LEU A 476 46.47 -13.10 12.33
CA LEU A 476 47.91 -13.12 12.45
C LEU A 476 48.36 -14.05 13.59
N LYS A 477 49.42 -14.81 13.34
CA LYS A 477 49.91 -15.80 14.29
C LYS A 477 51.12 -15.21 15.02
N ASP A 478 50.84 -14.45 16.07
CA ASP A 478 51.85 -14.07 17.04
C ASP A 478 51.27 -14.44 18.40
N PRO A 479 51.99 -15.23 19.21
CA PRO A 479 51.38 -15.73 20.46
C PRO A 479 51.10 -14.65 21.49
N GLU A 480 51.94 -13.62 21.62
CA GLU A 480 51.65 -12.51 22.52
C GLU A 480 51.31 -11.23 21.76
N ARG A 481 50.75 -11.36 20.57
CA ARG A 481 50.14 -10.25 19.86
C ARG A 481 48.92 -9.73 20.63
N PRO A 482 48.52 -8.48 20.40
CA PRO A 482 47.18 -8.06 20.84
C PRO A 482 46.12 -8.87 20.12
N ILE A 483 45.22 -9.47 20.90
CA ILE A 483 44.18 -10.33 20.36
C ILE A 483 42.83 -9.83 20.81
N THR A 484 41.80 -10.17 20.05
CA THR A 484 40.44 -9.76 20.33
C THR A 484 39.60 -10.95 20.80
N ILE A 485 38.80 -10.72 21.83
CA ILE A 485 37.99 -11.76 22.45
C ILE A 485 36.52 -11.44 22.19
N GLY A 486 35.84 -12.32 21.47
CA GLY A 486 34.44 -12.12 21.13
C GLY A 486 33.52 -12.85 22.10
N TYR A 487 32.55 -12.11 22.63
CA TYR A 487 31.51 -12.67 23.48
C TYR A 487 30.19 -12.59 22.72
N ILE A 488 29.59 -13.75 22.47
CA ILE A 488 28.37 -13.85 21.68
C ILE A 488 27.29 -14.47 22.55
N SER A 489 26.25 -13.70 22.85
CA SER A 489 25.21 -14.11 23.78
C SER A 489 23.95 -13.31 23.53
N PRO A 490 22.77 -13.90 23.73
CA PRO A 490 21.52 -13.13 23.72
C PRO A 490 21.09 -12.65 25.09
N ASP A 491 21.90 -12.90 26.13
CA ASP A 491 21.52 -12.73 27.52
C ASP A 491 22.14 -11.48 28.16
N PHE A 492 22.40 -10.44 27.38
CA PHE A 492 23.03 -9.20 27.84
C PHE A 492 22.01 -8.22 28.41
N PHE A 493 20.86 -8.75 28.80
CA PHE A 493 19.71 -8.08 29.40
C PHE A 493 19.53 -8.69 30.79
N THR A 494 18.41 -8.37 31.43
CA THR A 494 18.20 -8.76 32.83
C THR A 494 17.92 -10.27 32.85
N HIS A 495 19.00 -11.03 32.73
CA HIS A 495 19.01 -12.47 32.57
C HIS A 495 20.01 -13.08 33.54
N SER A 496 19.84 -14.37 33.82
CA SER A 496 20.73 -15.07 34.74
C SER A 496 22.19 -14.92 34.31
N VAL A 497 22.48 -15.08 33.02
CA VAL A 497 23.86 -15.04 32.53
C VAL A 497 24.50 -13.69 32.79
N SER A 498 23.70 -12.62 32.77
CA SER A 498 24.24 -11.27 32.90
C SER A 498 24.96 -11.08 34.23
N TYR A 499 24.43 -11.66 35.31
CA TYR A 499 25.04 -11.52 36.62
C TYR A 499 26.45 -12.11 36.67
N PHE A 500 26.84 -12.92 35.69
CA PHE A 500 28.15 -13.55 35.67
C PHE A 500 29.06 -13.01 34.58
N ILE A 501 28.53 -12.26 33.61
CA ILE A 501 29.36 -11.68 32.55
C ILE A 501 29.60 -10.18 32.79
N GLU A 502 28.89 -9.57 33.74
CA GLU A 502 29.17 -8.18 34.08
C GLU A 502 30.60 -7.99 34.56
N ALA A 503 31.18 -9.01 35.23
CA ALA A 503 32.52 -8.84 35.79
C ALA A 503 33.59 -8.75 34.72
N PRO A 504 33.70 -9.67 33.74
CA PRO A 504 34.73 -9.48 32.69
C PRO A 504 34.54 -8.22 31.87
N LEU A 505 33.30 -7.76 31.69
CA LEU A 505 33.07 -6.54 30.92
C LEU A 505 33.64 -5.31 31.63
N THR A 506 33.53 -5.27 32.96
CA THR A 506 34.01 -4.11 33.70
C THR A 506 35.52 -4.17 33.96
N HIS A 507 36.07 -5.36 34.18
CA HIS A 507 37.49 -5.53 34.45
C HIS A 507 38.09 -6.40 33.35
N HIS A 508 38.51 -5.76 32.26
CA HIS A 508 39.28 -6.42 31.21
C HIS A 508 40.34 -5.45 30.73
N ASP A 509 41.47 -6.00 30.28
CA ASP A 509 42.60 -5.16 29.92
C ASP A 509 42.26 -4.24 28.75
N TYR A 510 41.74 -4.82 27.67
CA TYR A 510 41.36 -4.13 26.44
C TYR A 510 42.58 -3.62 25.69
N THR A 511 43.78 -3.81 26.24
CA THR A 511 45.03 -3.35 25.65
C THR A 511 45.65 -4.42 24.76
N LYS A 512 45.83 -5.62 25.31
CA LYS A 512 46.21 -6.80 24.54
C LYS A 512 45.09 -7.81 24.44
N TYR A 513 43.93 -7.54 25.04
CA TYR A 513 42.79 -8.44 25.12
C TYR A 513 41.48 -7.71 24.78
N LYS A 514 41.47 -6.92 23.70
CA LYS A 514 40.31 -6.10 23.39
C LYS A 514 39.08 -6.99 23.14
N VAL A 515 37.99 -6.69 23.83
CA VAL A 515 36.80 -7.54 23.76
C VAL A 515 35.82 -6.97 22.76
N VAL A 516 35.10 -7.87 22.10
CA VAL A 516 34.08 -7.52 21.12
C VAL A 516 32.82 -8.27 21.52
N VAL A 517 31.73 -7.55 21.74
CA VAL A 517 30.46 -8.18 22.11
C VAL A 517 29.59 -8.33 20.87
N TYR A 518 29.01 -9.51 20.72
CA TYR A 518 27.97 -9.76 19.73
C TYR A 518 26.67 -9.98 20.50
N SER A 519 25.89 -8.92 20.65
CA SER A 519 24.62 -8.96 21.37
C SER A 519 23.51 -9.44 20.45
N ALA A 520 22.91 -10.58 20.78
CA ALA A 520 21.70 -11.06 20.12
C ALA A 520 20.47 -10.87 20.98
N VAL A 521 20.51 -9.87 21.87
CA VAL A 521 19.39 -9.59 22.76
C VAL A 521 18.15 -9.25 21.94
N VAL A 522 17.05 -9.92 22.22
CA VAL A 522 15.83 -9.70 21.46
C VAL A 522 14.98 -8.57 22.03
N LYS A 523 15.04 -8.35 23.35
CA LYS A 523 14.34 -7.25 23.99
C LYS A 523 15.31 -6.59 24.97
N ALA A 524 15.88 -5.45 24.56
CA ALA A 524 16.83 -4.76 25.41
C ALA A 524 16.12 -4.11 26.59
N ASP A 525 16.91 -3.80 27.62
CA ASP A 525 16.41 -3.12 28.81
C ASP A 525 17.54 -2.26 29.36
N ALA A 526 17.38 -1.79 30.60
CA ALA A 526 18.34 -0.87 31.17
C ALA A 526 19.72 -1.51 31.29
N LYS A 527 19.78 -2.79 31.64
CA LYS A 527 21.08 -3.45 31.82
C LYS A 527 21.82 -3.56 30.49
N THR A 528 21.09 -3.79 29.39
CA THR A 528 21.74 -3.90 28.10
C THR A 528 22.40 -2.58 27.70
N TYR A 529 21.65 -1.47 27.84
CA TYR A 529 22.22 -0.15 27.57
C TYR A 529 23.41 0.11 28.49
N ARG A 530 23.32 -0.30 29.75
CA ARG A 530 24.41 -0.12 30.69
C ARG A 530 25.65 -0.90 30.24
N PHE A 531 25.46 -2.17 29.86
CA PHE A 531 26.57 -2.98 29.38
C PHE A 531 27.20 -2.39 28.12
N ARG A 532 26.37 -2.00 27.15
CA ARG A 532 26.87 -1.39 25.92
C ARG A 532 27.68 -0.13 26.22
N ASP A 533 27.22 0.67 27.18
CA ASP A 533 27.99 1.85 27.57
C ASP A 533 29.37 1.46 28.06
N LYS A 534 29.45 0.51 28.99
CA LYS A 534 30.71 0.23 29.67
C LYS A 534 31.75 -0.37 28.72
N VAL A 535 31.33 -1.26 27.81
CA VAL A 535 32.28 -1.87 26.89
C VAL A 535 32.84 -0.82 25.92
N LEU A 536 32.00 0.13 25.50
CA LEU A 536 32.46 1.17 24.57
C LEU A 536 33.40 2.15 25.26
N LYS A 537 33.12 2.50 26.52
CA LYS A 537 34.01 3.41 27.25
C LYS A 537 35.37 2.77 27.51
N LYS A 538 35.40 1.46 27.74
CA LYS A 538 36.68 0.78 27.99
C LYS A 538 37.51 0.65 26.71
N GLY A 539 36.89 0.70 25.54
CA GLY A 539 37.60 0.64 24.27
C GLY A 539 37.16 -0.48 23.35
N GLY A 540 36.18 -1.31 23.70
CA GLY A 540 35.69 -2.35 22.83
C GLY A 540 34.57 -1.87 21.92
N VAL A 541 33.95 -2.83 21.23
CA VAL A 541 32.87 -2.54 20.32
C VAL A 541 31.67 -3.41 20.67
N TRP A 542 30.47 -2.87 20.42
CA TRP A 542 29.20 -3.52 20.72
C TRP A 542 28.40 -3.57 19.43
N LYS A 543 28.18 -4.78 18.92
CA LYS A 543 27.48 -4.98 17.65
C LYS A 543 26.22 -5.79 17.92
N ASP A 544 25.05 -5.17 17.69
CA ASP A 544 23.79 -5.86 17.83
C ASP A 544 23.59 -6.83 16.67
N ILE A 545 23.63 -8.13 16.96
CA ILE A 545 23.46 -9.14 15.92
C ILE A 545 22.06 -9.74 15.95
N TYR A 546 21.08 -9.04 16.53
CA TYR A 546 19.73 -9.55 16.58
C TYR A 546 19.15 -9.67 15.18
N GLY A 547 18.66 -10.86 14.85
CA GLY A 547 18.07 -11.12 13.56
C GLY A 547 19.04 -11.43 12.44
N ILE A 548 20.32 -11.12 12.61
CA ILE A 548 21.32 -11.43 11.59
C ILE A 548 21.60 -12.93 11.58
N ASP A 549 21.69 -13.50 10.37
CA ASP A 549 21.93 -14.92 10.20
C ASP A 549 23.29 -15.30 10.79
N GLU A 550 23.34 -16.51 11.36
CA GLU A 550 24.55 -16.97 12.04
C GLU A 550 25.73 -17.08 11.09
N LYS A 551 25.47 -17.47 9.84
CA LYS A 551 26.55 -17.50 8.86
C LYS A 551 27.01 -16.09 8.51
N LYS A 552 26.08 -15.14 8.48
CA LYS A 552 26.46 -13.74 8.36
C LYS A 552 27.14 -13.23 9.63
N ILE A 553 26.67 -13.71 10.80
CA ILE A 553 27.39 -13.43 12.03
C ILE A 553 28.81 -13.97 11.96
N ALA A 554 28.97 -15.17 11.39
CA ALA A 554 30.27 -15.82 11.33
C ALA A 554 31.26 -14.97 10.52
N SER A 555 30.89 -14.59 9.31
CA SER A 555 31.77 -13.74 8.52
C SER A 555 31.87 -12.34 9.11
N MET A 556 30.92 -11.94 9.96
CA MET A 556 31.08 -10.72 10.75
C MET A 556 32.14 -10.92 11.83
N VAL A 557 32.20 -12.12 12.43
CA VAL A 557 33.30 -12.48 13.32
C VAL A 557 34.63 -12.41 12.58
N ARG A 558 34.64 -12.73 11.29
CA ARG A 558 35.87 -12.68 10.51
C ARG A 558 36.22 -11.27 10.05
N GLU A 559 35.22 -10.42 9.84
CA GLU A 559 35.49 -9.02 9.53
C GLU A 559 36.16 -8.31 10.70
N ASP A 560 35.71 -8.60 11.91
CA ASP A 560 36.18 -7.94 13.11
C ASP A 560 37.45 -8.56 13.68
N LYS A 561 38.12 -9.43 12.91
CA LYS A 561 39.42 -9.98 13.28
C LYS A 561 39.38 -10.69 14.63
N ILE A 562 38.33 -11.46 14.87
CA ILE A 562 38.15 -12.11 16.16
C ILE A 562 39.12 -13.29 16.25
N ASP A 563 39.87 -13.33 17.35
CA ASP A 563 40.88 -14.35 17.57
C ASP A 563 40.39 -15.48 18.45
N ILE A 564 39.58 -15.16 19.46
CA ILE A 564 39.04 -16.15 20.40
C ILE A 564 37.55 -15.86 20.54
N LEU A 565 36.71 -16.76 20.02
CA LEU A 565 35.27 -16.62 20.15
C LEU A 565 34.81 -17.35 21.41
N VAL A 566 34.01 -16.66 22.23
CA VAL A 566 33.51 -17.22 23.48
C VAL A 566 31.99 -17.13 23.46
N GLU A 567 31.34 -18.28 23.38
CA GLU A 567 29.88 -18.35 23.41
C GLU A 567 29.42 -18.57 24.85
N LEU A 568 28.33 -17.91 25.23
CA LEU A 568 27.84 -17.95 26.60
C LEU A 568 26.41 -18.49 26.69
N THR A 569 26.00 -19.33 25.75
CA THR A 569 24.60 -19.74 25.76
C THR A 569 24.40 -21.25 25.67
N GLY A 570 25.34 -21.97 25.08
CA GLY A 570 25.22 -23.42 25.03
C GLY A 570 24.06 -23.86 24.16
N HIS A 571 23.22 -24.73 24.72
CA HIS A 571 22.00 -25.18 24.08
C HIS A 571 20.75 -24.48 24.61
N THR A 572 20.92 -23.40 25.36
CA THR A 572 19.79 -22.63 25.86
C THR A 572 19.29 -21.65 24.79
N ALA A 573 18.17 -21.00 25.09
CA ALA A 573 17.40 -20.29 24.08
C ALA A 573 18.22 -19.19 23.40
N ASN A 574 17.98 -19.03 22.09
CA ASN A 574 18.58 -17.99 21.27
C ASN A 574 20.10 -18.09 21.21
N ASN A 575 20.65 -19.28 21.46
CA ASN A 575 22.07 -19.49 21.31
C ASN A 575 22.48 -19.36 19.85
N LYS A 576 23.73 -19.00 19.64
CA LYS A 576 24.27 -18.75 18.31
C LYS A 576 25.36 -19.77 17.99
N LEU A 577 25.09 -21.03 18.35
CA LEU A 577 26.04 -22.11 18.08
C LEU A 577 26.23 -22.36 16.58
N GLY A 578 25.31 -21.89 15.75
CA GLY A 578 25.50 -22.02 14.31
C GLY A 578 26.66 -21.19 13.82
N THR A 579 26.80 -19.97 14.34
CA THR A 579 28.01 -19.19 14.10
C THR A 579 29.24 -19.96 14.53
N MET A 580 29.19 -20.59 15.70
CA MET A 580 30.34 -21.35 16.19
C MET A 580 30.63 -22.55 15.28
N ALA A 581 29.58 -23.23 14.81
CA ALA A 581 29.77 -24.42 14.01
C ALA A 581 30.51 -24.13 12.70
N CYS A 582 30.37 -22.91 12.16
CA CYS A 582 31.16 -22.51 11.00
C CYS A 582 32.63 -22.37 11.35
N ARG A 583 32.97 -22.32 12.63
CA ARG A 583 34.31 -21.99 13.13
C ARG A 583 34.82 -20.71 12.47
N PRO A 584 34.20 -19.56 12.75
CA PRO A 584 34.70 -18.32 12.14
C PRO A 584 36.01 -17.87 12.74
N ALA A 585 36.14 -17.96 14.07
CA ALA A 585 37.39 -17.67 14.75
C ALA A 585 38.20 -18.95 14.93
N PRO A 586 39.52 -18.85 14.89
CA PRO A 586 40.35 -20.06 15.02
C PRO A 586 40.32 -20.71 16.39
N VAL A 587 39.99 -19.97 17.46
CA VAL A 587 39.88 -20.52 18.81
C VAL A 587 38.48 -20.24 19.34
N GLN A 588 37.87 -21.26 19.95
CA GLN A 588 36.46 -21.18 20.33
C GLN A 588 36.25 -21.72 21.74
N VAL A 589 35.38 -21.05 22.51
CA VAL A 589 35.16 -21.36 23.92
C VAL A 589 33.67 -21.32 24.22
N THR A 590 33.27 -22.09 25.24
CA THR A 590 31.92 -22.03 25.80
C THR A 590 32.02 -21.82 27.30
N TRP A 591 31.04 -21.09 27.86
CA TRP A 591 31.16 -20.62 29.23
C TRP A 591 29.80 -20.16 29.76
N ILE A 592 29.62 -20.32 31.08
CA ILE A 592 28.51 -19.74 31.84
C ILE A 592 27.15 -20.37 31.51
N GLY A 593 26.70 -20.22 30.26
CA GLY A 593 25.29 -20.47 29.96
C GLY A 593 24.84 -21.90 30.16
N TYR A 594 25.59 -22.87 29.63
CA TYR A 594 25.14 -24.26 29.59
C TYR A 594 26.03 -25.13 30.48
N PRO A 595 25.44 -25.91 31.41
CA PRO A 595 26.24 -26.70 32.35
C PRO A 595 26.68 -28.07 31.81
N ASN A 596 27.23 -28.07 30.60
CA ASN A 596 27.67 -29.32 29.98
C ASN A 596 28.47 -28.97 28.73
N THR A 597 28.97 -30.00 28.07
CA THR A 597 29.64 -29.82 26.79
C THR A 597 28.67 -29.36 25.72
N THR A 598 29.19 -28.67 24.70
CA THR A 598 28.36 -28.28 23.57
C THR A 598 28.16 -29.42 22.59
N GLY A 599 29.14 -30.32 22.46
CA GLY A 599 29.10 -31.36 21.47
C GLY A 599 29.70 -31.00 20.14
N LEU A 600 29.93 -29.71 19.89
CA LEU A 600 30.49 -29.25 18.63
C LEU A 600 31.99 -29.47 18.63
N PRO A 601 32.54 -30.21 17.65
CA PRO A 601 34.01 -30.32 17.57
C PRO A 601 34.69 -29.03 17.14
N THR A 602 33.94 -28.01 16.74
CA THR A 602 34.53 -26.72 16.39
C THR A 602 34.91 -25.92 17.63
N VAL A 603 34.17 -26.08 18.73
CA VAL A 603 34.56 -25.46 19.99
C VAL A 603 35.75 -26.21 20.56
N ASP A 604 36.80 -25.48 20.91
CA ASP A 604 38.06 -26.11 21.32
C ASP A 604 38.19 -26.27 22.82
N TYR A 605 37.76 -25.29 23.61
CA TYR A 605 37.95 -25.32 25.05
C TYR A 605 36.66 -24.98 25.78
N ARG A 606 36.62 -25.30 27.07
CA ARG A 606 35.51 -24.98 27.95
C ARG A 606 36.05 -24.51 29.29
N ILE A 607 35.55 -23.39 29.79
CA ILE A 607 36.02 -22.82 31.04
C ILE A 607 35.24 -23.44 32.19
N THR A 608 35.96 -24.05 33.12
CA THR A 608 35.39 -24.57 34.36
C THR A 608 36.44 -24.38 35.45
N ASP A 609 36.21 -25.00 36.60
CA ASP A 609 37.13 -24.90 37.73
C ASP A 609 37.31 -26.28 38.35
N SER A 610 38.33 -26.39 39.21
CA SER A 610 38.73 -27.68 39.76
C SER A 610 37.71 -28.29 40.71
N LEU A 611 36.74 -27.51 41.19
CA LEU A 611 35.72 -28.06 42.08
C LEU A 611 34.49 -28.53 41.32
N ALA A 612 33.92 -27.66 40.47
CA ALA A 612 32.76 -28.06 39.68
C ALA A 612 33.11 -29.20 38.72
N ASP A 613 34.31 -29.18 38.15
CA ASP A 613 34.81 -30.29 37.34
C ASP A 613 36.16 -30.73 37.92
N PRO A 614 36.16 -31.74 38.78
CA PRO A 614 37.41 -32.21 39.38
C PRO A 614 38.32 -32.80 38.33
N PRO A 615 39.63 -32.92 38.61
CA PRO A 615 40.53 -33.56 37.65
C PRO A 615 40.29 -35.05 37.48
N ASP A 616 39.56 -35.68 38.39
CA ASP A 616 39.28 -37.11 38.33
C ASP A 616 37.85 -37.39 37.88
N THR A 617 37.21 -36.44 37.20
CA THR A 617 35.84 -36.64 36.75
C THR A 617 35.79 -37.65 35.60
N LYS A 618 34.72 -38.43 35.58
CA LYS A 618 34.48 -39.38 34.50
C LYS A 618 33.50 -38.84 33.46
N GLN A 619 33.00 -37.62 33.66
CA GLN A 619 32.11 -36.99 32.69
C GLN A 619 32.90 -36.56 31.46
N LYS A 620 32.44 -36.99 30.28
CA LYS A 620 33.19 -36.80 29.04
C LYS A 620 32.68 -35.57 28.30
N GLN A 621 33.62 -34.84 27.70
CA GLN A 621 33.34 -33.60 26.99
C GLN A 621 33.88 -33.68 25.57
N VAL A 622 33.49 -32.71 24.74
CA VAL A 622 33.98 -32.63 23.37
C VAL A 622 35.07 -31.56 23.30
N GLU A 623 35.00 -30.59 24.21
CA GLU A 623 36.03 -29.58 24.31
C GLU A 623 37.03 -29.94 25.40
N GLU A 624 38.22 -29.34 25.31
CA GLU A 624 39.22 -29.47 26.36
C GLU A 624 38.81 -28.60 27.54
N LEU A 625 38.88 -29.16 28.74
CA LEU A 625 38.48 -28.41 29.93
C LEU A 625 39.59 -27.44 30.32
N VAL A 626 39.22 -26.17 30.51
CA VAL A 626 40.13 -25.17 31.03
C VAL A 626 39.69 -24.90 32.47
N ARG A 627 40.35 -25.53 33.42
CA ARG A 627 40.10 -25.24 34.82
C ARG A 627 40.79 -23.94 35.19
N LEU A 628 40.11 -23.14 36.01
CA LEU A 628 40.60 -21.84 36.42
C LEU A 628 40.78 -21.81 37.93
N PRO A 629 41.63 -20.93 38.45
CA PRO A 629 41.68 -20.72 39.90
C PRO A 629 40.33 -20.21 40.41
N ASP A 630 40.01 -20.61 41.64
CA ASP A 630 38.80 -20.19 42.34
C ASP A 630 37.59 -20.69 41.55
N CYS A 631 36.46 -19.99 41.65
CA CYS A 631 35.25 -20.37 40.96
C CYS A 631 35.34 -20.05 39.47
N PHE A 632 34.74 -20.92 38.65
CA PHE A 632 34.63 -20.62 37.22
C PHE A 632 33.66 -19.48 36.94
N LEU A 633 32.94 -18.99 37.94
CA LEU A 633 32.00 -17.89 37.79
C LEU A 633 32.37 -16.73 38.70
N CYS A 634 31.93 -15.53 38.29
CA CYS A 634 32.13 -14.32 39.08
C CYS A 634 30.79 -13.60 39.18
N TYR A 635 30.27 -13.46 40.39
CA TYR A 635 28.95 -12.89 40.62
C TYR A 635 29.05 -11.38 40.82
N THR A 636 28.47 -10.61 39.89
CA THR A 636 28.26 -9.20 40.12
C THR A 636 26.81 -9.00 40.51
N PRO A 637 26.51 -8.66 41.76
CA PRO A 637 25.12 -8.73 42.23
C PRO A 637 24.34 -7.47 41.88
N SER A 638 23.03 -7.56 42.07
CA SER A 638 22.16 -6.44 41.74
C SER A 638 22.44 -5.27 42.69
N PRO A 639 22.56 -4.04 42.19
CA PRO A 639 22.79 -2.90 43.08
C PRO A 639 21.62 -2.63 44.01
N GLU A 640 20.41 -2.55 43.47
CA GLU A 640 19.22 -2.32 44.29
C GLU A 640 18.57 -3.64 44.71
N ALA A 641 19.36 -4.52 45.33
CA ALA A 641 18.79 -5.78 45.83
C ALA A 641 18.04 -5.56 47.15
N GLY A 642 18.56 -4.69 48.01
CA GLY A 642 17.99 -4.47 49.31
C GLY A 642 18.88 -5.00 50.42
N PRO A 643 18.48 -4.80 51.66
CA PRO A 643 19.26 -5.31 52.79
C PRO A 643 18.85 -6.73 53.17
N VAL A 644 19.63 -7.32 54.06
CA VAL A 644 19.33 -8.65 54.58
C VAL A 644 18.22 -8.53 55.61
N SER A 645 17.22 -9.44 55.53
CA SER A 645 16.09 -9.52 56.44
C SER A 645 16.36 -10.57 57.51
N PRO A 646 15.84 -10.37 58.72
CA PRO A 646 16.06 -11.34 59.80
C PRO A 646 15.47 -12.71 59.46
N THR A 647 16.01 -13.74 60.10
CA THR A 647 15.49 -15.08 59.91
C THR A 647 14.07 -15.16 60.44
N PRO A 648 13.09 -15.60 59.62
CA PRO A 648 11.70 -15.56 60.04
C PRO A 648 11.33 -16.61 61.08
N ALA A 649 12.23 -17.54 61.41
CA ALA A 649 11.89 -18.59 62.38
C ALA A 649 11.61 -18.00 63.76
N LEU A 650 12.25 -16.89 64.12
CA LEU A 650 11.98 -16.26 65.40
C LEU A 650 10.55 -15.75 65.48
N SER A 651 10.05 -15.16 64.39
CA SER A 651 8.71 -14.60 64.37
C SER A 651 7.64 -15.67 64.19
N ASN A 652 7.94 -16.72 63.40
CA ASN A 652 6.93 -17.71 63.07
C ASN A 652 6.77 -18.76 64.17
N GLY A 653 7.86 -19.14 64.81
CA GLY A 653 7.86 -20.30 65.68
C GLY A 653 8.17 -21.60 64.99
N PHE A 654 8.33 -21.58 63.66
CA PHE A 654 8.74 -22.77 62.90
C PHE A 654 9.79 -22.38 61.88
N VAL A 655 10.54 -23.38 61.43
CA VAL A 655 11.57 -23.19 60.43
C VAL A 655 10.97 -23.43 59.05
N THR A 656 11.30 -22.55 58.10
CA THR A 656 10.81 -22.63 56.74
C THR A 656 11.93 -23.08 55.82
N PHE A 657 11.64 -24.11 55.02
CA PHE A 657 12.54 -24.56 53.96
C PHE A 657 11.96 -24.15 52.62
N GLY A 658 12.80 -24.15 51.60
CA GLY A 658 12.30 -23.86 50.27
C GLY A 658 13.38 -23.63 49.24
N SER A 659 12.93 -23.35 48.02
CA SER A 659 13.80 -23.21 46.88
C SER A 659 13.14 -22.29 45.87
N PHE A 660 13.92 -21.39 45.29
CA PHE A 660 13.46 -20.51 44.21
C PHE A 660 13.97 -20.98 42.86
N ASN A 661 14.23 -22.28 42.71
CA ASN A 661 14.79 -22.82 41.50
C ASN A 661 13.69 -23.29 40.55
N ASN A 662 14.10 -23.64 39.33
CA ASN A 662 13.13 -24.05 38.31
C ASN A 662 12.41 -25.32 38.74
N LEU A 663 11.11 -25.37 38.45
CA LEU A 663 10.34 -26.58 38.70
C LEU A 663 10.95 -27.79 38.01
N ALA A 664 11.56 -27.59 36.84
CA ALA A 664 12.23 -28.68 36.14
C ALA A 664 13.36 -29.25 36.97
N LYS A 665 14.12 -28.38 37.63
CA LYS A 665 15.21 -28.83 38.49
C LYS A 665 14.73 -29.63 39.68
N ILE A 666 13.45 -29.50 40.06
CA ILE A 666 12.92 -30.22 41.22
C ILE A 666 12.46 -31.57 40.69
N THR A 667 13.39 -32.51 40.60
CA THR A 667 13.08 -33.87 40.22
C THR A 667 12.28 -34.54 41.33
N PRO A 668 11.49 -35.57 41.00
CA PRO A 668 10.80 -36.32 42.06
C PRO A 668 11.75 -36.86 43.13
N LYS A 669 12.99 -37.20 42.77
CA LYS A 669 13.94 -37.65 43.77
C LYS A 669 14.28 -36.55 44.77
N VAL A 670 14.41 -35.31 44.29
CA VAL A 670 14.56 -34.17 45.20
C VAL A 670 13.38 -34.08 46.16
N LEU A 671 12.17 -34.33 45.65
CA LEU A 671 10.97 -34.22 46.47
C LEU A 671 10.97 -35.26 47.59
N GLN A 672 11.43 -36.48 47.29
CA GLN A 672 11.50 -37.51 48.34
C GLN A 672 12.52 -37.14 49.40
N VAL A 673 13.65 -36.56 49.00
CA VAL A 673 14.66 -36.12 49.96
C VAL A 673 14.10 -35.01 50.83
N TRP A 674 13.50 -33.99 50.20
CA TRP A 674 12.87 -32.91 50.96
C TRP A 674 11.76 -33.44 51.86
N ALA A 675 11.06 -34.49 51.41
CA ALA A 675 9.96 -35.05 52.19
C ALA A 675 10.45 -35.57 53.54
N ARG A 676 11.55 -36.33 53.53
CA ARG A 676 12.08 -36.84 54.79
C ARG A 676 12.79 -35.75 55.59
N ILE A 677 13.22 -34.67 54.93
CA ILE A 677 13.67 -33.49 55.67
C ILE A 677 12.51 -32.87 56.43
N LEU A 678 11.38 -32.65 55.74
CA LEU A 678 10.20 -32.09 56.38
C LEU A 678 9.59 -33.04 57.40
N CYS A 679 9.89 -34.34 57.31
CA CYS A 679 9.47 -35.28 58.33
C CYS A 679 10.42 -35.31 59.51
N ALA A 680 11.68 -34.94 59.31
CA ALA A 680 12.64 -34.93 60.41
C ALA A 680 12.46 -33.70 61.30
N VAL A 681 12.27 -32.53 60.70
CA VAL A 681 11.97 -31.31 61.43
C VAL A 681 10.44 -31.20 61.54
N PRO A 682 9.86 -31.33 62.73
CA PRO A 682 8.40 -31.26 62.83
C PRO A 682 7.88 -29.85 62.77
N ASN A 683 6.63 -29.73 62.34
CA ASN A 683 5.92 -28.46 62.27
C ASN A 683 6.70 -27.42 61.51
N SER A 684 7.33 -27.84 60.41
CA SER A 684 8.05 -26.94 59.51
C SER A 684 7.35 -26.96 58.16
N ARG A 685 7.63 -25.96 57.34
CA ARG A 685 6.91 -25.84 56.09
C ARG A 685 7.87 -25.62 54.92
N LEU A 686 7.35 -25.90 53.73
CA LEU A 686 8.09 -25.80 52.48
C LEU A 686 7.50 -24.67 51.64
N VAL A 687 8.36 -23.93 50.95
CA VAL A 687 7.93 -22.87 50.06
C VAL A 687 8.75 -22.94 48.77
N VAL A 688 8.06 -22.94 47.63
CA VAL A 688 8.74 -22.98 46.34
C VAL A 688 8.07 -21.99 45.42
N LYS A 689 8.88 -21.13 44.81
CA LYS A 689 8.40 -20.06 43.94
C LYS A 689 8.80 -20.41 42.51
N CYS A 690 7.80 -20.72 41.69
CA CYS A 690 8.01 -21.04 40.28
C CYS A 690 6.88 -20.43 39.47
N LYS A 691 7.20 -20.09 38.21
CA LYS A 691 6.17 -19.59 37.31
C LYS A 691 5.03 -20.56 37.06
N PRO A 692 5.26 -21.87 36.85
CA PRO A 692 4.11 -22.78 36.60
C PRO A 692 3.10 -22.86 37.75
N PHE A 693 3.39 -22.26 38.91
CA PHE A 693 2.45 -22.25 40.01
C PHE A 693 1.38 -21.19 39.86
N CYS A 694 1.44 -20.35 38.82
CA CYS A 694 0.31 -19.49 38.50
C CYS A 694 -0.89 -20.33 38.07
N CYS A 695 -0.65 -21.48 37.44
CA CYS A 695 -1.71 -22.44 37.17
C CYS A 695 -1.99 -23.22 38.45
N ASP A 696 -3.21 -23.08 38.98
CA ASP A 696 -3.55 -23.76 40.22
C ASP A 696 -3.61 -25.27 40.07
N SER A 697 -3.76 -25.79 38.85
CA SER A 697 -3.84 -27.23 38.67
C SER A 697 -2.48 -27.89 38.86
N ILE A 698 -1.45 -27.39 38.17
CA ILE A 698 -0.09 -27.87 38.40
C ILE A 698 0.34 -27.58 39.83
N ARG A 699 -0.17 -26.49 40.41
CA ARG A 699 0.09 -26.17 41.81
C ARG A 699 -0.31 -27.34 42.72
N GLN A 700 -1.57 -27.74 42.68
CA GLN A 700 -2.03 -28.78 43.59
C GLN A 700 -1.74 -30.19 43.09
N ARG A 701 -1.26 -30.35 41.85
CA ARG A 701 -0.71 -31.64 41.45
C ARG A 701 0.65 -31.87 42.11
N PHE A 702 1.47 -30.82 42.16
CA PHE A 702 2.68 -30.85 42.98
C PHE A 702 2.35 -31.18 44.43
N LEU A 703 1.22 -30.69 44.93
CA LEU A 703 0.88 -30.88 46.33
C LEU A 703 0.45 -32.31 46.62
N THR A 704 -0.36 -32.91 45.73
CA THR A 704 -0.80 -34.28 45.98
C THR A 704 0.34 -35.28 45.81
N THR A 705 1.28 -34.99 44.92
CA THR A 705 2.51 -35.80 44.85
C THR A 705 3.26 -35.72 46.17
N LEU A 706 3.37 -34.51 46.73
CA LEU A 706 4.08 -34.32 47.99
C LEU A 706 3.34 -34.95 49.16
N GLU A 707 2.00 -35.01 49.09
CA GLU A 707 1.24 -35.59 50.20
C GLU A 707 1.46 -37.10 50.25
N GLN A 708 1.42 -37.78 49.11
CA GLN A 708 1.70 -39.21 49.11
C GLN A 708 3.12 -39.51 49.58
N LEU A 709 4.03 -38.54 49.45
CA LEU A 709 5.36 -38.63 49.99
C LEU A 709 5.40 -38.32 51.49
N GLY A 710 4.25 -38.19 52.14
CA GLY A 710 4.17 -38.09 53.58
C GLY A 710 4.01 -36.69 54.14
N LEU A 711 3.86 -35.67 53.29
CA LEU A 711 3.85 -34.27 53.70
C LEU A 711 2.61 -33.60 53.11
N GLU A 712 1.58 -33.42 53.92
CA GLU A 712 0.30 -32.98 53.41
C GLU A 712 0.32 -31.48 53.11
N SER A 713 -0.74 -31.01 52.44
CA SER A 713 -0.73 -29.73 51.75
C SER A 713 -0.62 -28.53 52.68
N LYS A 714 -1.01 -28.65 53.95
CA LYS A 714 -0.99 -27.48 54.83
C LYS A 714 0.41 -27.04 55.19
N ARG A 715 1.42 -27.89 54.98
CA ARG A 715 2.80 -27.57 55.28
C ARG A 715 3.61 -27.16 54.05
N VAL A 716 2.96 -26.89 52.92
CA VAL A 716 3.66 -26.49 51.71
C VAL A 716 3.03 -25.22 51.17
N ASP A 717 3.85 -24.40 50.51
CA ASP A 717 3.41 -23.12 49.97
C ASP A 717 4.00 -22.96 48.59
N LEU A 718 3.12 -22.85 47.59
CA LEU A 718 3.55 -22.71 46.20
C LEU A 718 3.29 -21.27 45.77
N LEU A 719 4.36 -20.49 45.67
CA LEU A 719 4.26 -19.07 45.38
C LEU A 719 4.42 -18.83 43.88
N PRO A 720 3.51 -18.10 43.25
CA PRO A 720 3.73 -17.72 41.85
C PRO A 720 4.91 -16.77 41.74
N LEU A 721 5.45 -16.67 40.53
CA LEU A 721 6.60 -15.79 40.32
C LEU A 721 6.21 -14.35 40.60
N ILE A 722 7.08 -13.65 41.33
CA ILE A 722 6.91 -12.24 41.62
C ILE A 722 7.80 -11.48 40.64
N LEU A 723 7.16 -10.74 39.72
CA LEU A 723 7.86 -10.26 38.54
C LEU A 723 8.78 -9.07 38.81
N PHE A 724 8.72 -8.49 40.01
CA PHE A 724 9.60 -7.40 40.38
C PHE A 724 10.86 -7.94 41.05
N ASN A 725 12.02 -7.52 40.54
CA ASN A 725 13.29 -8.04 41.02
C ASN A 725 13.49 -7.75 42.51
N HIS A 726 13.35 -6.48 42.89
CA HIS A 726 13.53 -6.08 44.29
C HIS A 726 12.68 -6.93 45.22
N ASP A 727 11.40 -7.13 44.86
CA ASP A 727 10.51 -7.93 45.68
C ASP A 727 10.86 -9.41 45.64
N HIS A 728 11.51 -9.88 44.57
CA HIS A 728 11.96 -11.27 44.53
C HIS A 728 13.15 -11.48 45.45
N MET A 729 14.15 -10.59 45.38
CA MET A 729 15.27 -10.64 46.33
C MET A 729 14.77 -10.62 47.77
N GLN A 730 13.78 -9.77 48.05
CA GLN A 730 13.24 -9.67 49.41
C GLN A 730 12.43 -10.89 49.80
N ALA A 731 11.97 -11.69 48.83
CA ALA A 731 11.20 -12.88 49.16
C ALA A 731 12.01 -13.89 49.96
N TYR A 732 13.34 -13.82 49.89
CA TYR A 732 14.20 -14.66 50.73
C TYR A 732 14.00 -14.40 52.22
N SER A 733 13.31 -13.30 52.58
CA SER A 733 12.88 -13.11 53.96
C SER A 733 11.95 -14.23 54.41
N LEU A 734 11.16 -14.77 53.49
CA LEU A 734 10.18 -15.79 53.83
C LEU A 734 10.82 -17.10 54.25
N MET A 735 12.06 -17.36 53.83
CA MET A 735 12.67 -18.68 53.97
C MET A 735 13.91 -18.60 54.85
N ASP A 736 14.07 -19.58 55.75
CA ASP A 736 15.24 -19.61 56.63
C ASP A 736 16.44 -20.26 55.98
N ILE A 737 16.23 -21.39 55.29
CA ILE A 737 17.29 -22.14 54.62
C ILE A 737 16.78 -22.57 53.25
N SER A 738 17.60 -22.39 52.22
CA SER A 738 17.29 -22.87 50.87
C SER A 738 17.96 -24.22 50.64
N LEU A 739 17.35 -25.02 49.78
CA LEU A 739 17.78 -26.39 49.54
C LEU A 739 18.08 -26.56 48.05
N ASP A 740 19.35 -26.81 47.73
CA ASP A 740 19.75 -26.89 46.33
C ASP A 740 19.11 -28.11 45.66
N THR A 741 19.01 -28.02 44.34
CA THR A 741 18.47 -29.09 43.51
C THR A 741 19.59 -29.95 42.96
N PHE A 742 19.22 -31.17 42.52
CA PHE A 742 20.19 -32.10 41.97
C PHE A 742 19.46 -33.04 41.03
N PRO A 743 20.11 -33.48 39.95
CA PRO A 743 21.53 -33.25 39.58
C PRO A 743 21.79 -31.88 38.99
N TYR A 744 20.77 -31.12 38.56
CA TYR A 744 20.96 -29.76 38.07
C TYR A 744 20.90 -28.81 39.26
N ALA A 745 22.05 -28.31 39.68
CA ALA A 745 22.13 -27.44 40.85
C ALA A 745 21.99 -25.98 40.44
N GLY A 746 21.30 -25.21 41.27
CA GLY A 746 21.13 -23.79 40.99
C GLY A 746 22.46 -23.08 40.85
N THR A 747 22.50 -22.09 39.94
CA THR A 747 23.68 -21.26 39.77
C THR A 747 23.47 -19.81 40.17
N THR A 748 22.48 -19.13 39.58
CA THR A 748 22.09 -17.81 40.06
C THR A 748 21.37 -17.89 41.40
N THR A 749 20.44 -18.85 41.54
CA THR A 749 19.55 -18.87 42.69
C THR A 749 20.31 -19.06 44.00
N THR A 750 21.30 -19.96 44.01
CA THR A 750 22.07 -20.13 45.24
C THR A 750 22.97 -18.92 45.48
N CYS A 751 23.52 -18.33 44.41
CA CYS A 751 24.23 -17.06 44.55
C CYS A 751 23.32 -15.98 45.11
N GLU A 752 22.12 -15.85 44.54
CA GLU A 752 21.14 -14.88 45.03
C GLU A 752 20.81 -15.13 46.50
N SER A 753 20.44 -16.37 46.82
CA SER A 753 20.03 -16.70 48.19
C SER A 753 21.16 -16.46 49.17
N LEU A 754 22.39 -16.82 48.80
CA LEU A 754 23.55 -16.51 49.63
C LEU A 754 23.66 -15.00 49.87
N TYR A 755 23.49 -14.20 48.82
CA TYR A 755 23.62 -12.75 48.96
C TYR A 755 22.52 -12.16 49.83
N MET A 756 21.41 -12.87 49.99
CA MET A 756 20.35 -12.51 50.92
C MET A 756 20.54 -13.11 52.31
N GLY A 757 21.72 -13.63 52.61
CA GLY A 757 22.00 -14.23 53.90
C GLY A 757 21.35 -15.57 54.16
N VAL A 758 20.58 -16.10 53.22
CA VAL A 758 19.95 -17.41 53.39
C VAL A 758 20.96 -18.49 53.03
N PRO A 759 21.34 -19.35 53.98
CA PRO A 759 22.24 -20.45 53.65
C PRO A 759 21.55 -21.49 52.78
N CYS A 760 22.33 -22.13 51.92
CA CYS A 760 21.83 -23.19 51.04
C CYS A 760 22.76 -24.39 51.11
N VAL A 761 22.21 -25.53 51.48
CA VAL A 761 22.96 -26.79 51.45
C VAL A 761 22.83 -27.41 50.07
N THR A 762 23.97 -27.76 49.47
CA THR A 762 24.00 -28.46 48.19
C THR A 762 24.50 -29.88 48.36
N MET A 763 24.17 -30.71 47.39
CA MET A 763 24.64 -32.09 47.31
C MET A 763 25.54 -32.22 46.09
N ALA A 764 26.70 -32.84 46.27
CA ALA A 764 27.64 -33.05 45.17
C ALA A 764 27.29 -34.29 44.37
N GLY A 765 27.95 -34.47 43.24
CA GLY A 765 27.67 -35.58 42.37
C GLY A 765 28.75 -35.82 41.34
N SER A 766 28.34 -36.45 40.23
CA SER A 766 29.28 -36.95 39.23
C SER A 766 29.55 -35.96 38.11
N VAL A 767 28.59 -35.10 37.78
CA VAL A 767 28.65 -34.27 36.60
C VAL A 767 28.80 -32.80 37.00
N HIS A 768 29.06 -31.96 36.00
CA HIS A 768 29.33 -30.54 36.28
C HIS A 768 28.08 -29.83 36.82
N ALA A 769 26.91 -30.14 36.28
CA ALA A 769 25.68 -29.54 36.79
C ALA A 769 25.41 -29.92 38.24
N HIS A 770 25.97 -31.03 38.69
CA HIS A 770 25.81 -31.51 40.06
C HIS A 770 26.81 -30.89 41.03
N ASN A 771 27.85 -30.21 40.54
CA ASN A 771 28.92 -29.71 41.40
C ASN A 771 29.12 -28.20 41.27
N VAL A 772 28.14 -27.48 40.71
CA VAL A 772 28.24 -26.02 40.70
C VAL A 772 28.13 -25.47 42.11
N GLY A 773 27.14 -25.95 42.88
CA GLY A 773 26.99 -25.54 44.26
C GLY A 773 28.18 -25.88 45.15
N VAL A 774 28.96 -26.88 44.76
CA VAL A 774 30.17 -27.21 45.53
C VAL A 774 31.22 -26.12 45.36
N SER A 775 31.55 -25.78 44.10
CA SER A 775 32.49 -24.71 43.84
C SER A 775 32.01 -23.40 44.45
N LEU A 776 30.72 -23.08 44.26
CA LEU A 776 30.17 -21.84 44.83
C LEU A 776 30.35 -21.80 46.34
N LEU A 777 29.86 -22.81 47.05
CA LEU A 777 29.85 -22.75 48.51
C LEU A 777 31.26 -22.85 49.09
N THR A 778 32.08 -23.75 48.55
CA THR A 778 33.44 -23.92 49.09
C THR A 778 34.21 -22.63 48.99
N LYS A 779 34.23 -22.01 47.82
CA LYS A 779 35.00 -20.79 47.61
C LYS A 779 34.32 -19.56 48.17
N VAL A 780 33.05 -19.65 48.56
CA VAL A 780 32.42 -18.53 49.27
C VAL A 780 32.85 -18.54 50.74
N GLY A 781 33.10 -19.73 51.31
CA GLY A 781 33.68 -19.83 52.63
C GLY A 781 32.92 -20.77 53.54
N LEU A 782 31.94 -21.47 52.97
CA LEU A 782 30.94 -22.22 53.72
C LEU A 782 30.86 -23.67 53.25
N GLY A 783 32.02 -24.29 53.09
CA GLY A 783 32.07 -25.67 52.63
C GLY A 783 31.46 -26.69 53.58
N HIS A 784 31.18 -26.29 54.83
CA HIS A 784 30.54 -27.20 55.77
C HIS A 784 29.08 -27.50 55.41
N LEU A 785 28.48 -26.77 54.48
CA LEU A 785 27.14 -27.08 53.98
C LEU A 785 27.16 -27.85 52.66
N VAL A 786 28.31 -28.40 52.28
CA VAL A 786 28.41 -29.19 51.05
C VAL A 786 28.17 -30.66 51.42
N ALA A 787 27.02 -31.19 51.01
CA ALA A 787 26.71 -32.58 51.28
C ALA A 787 27.40 -33.48 50.28
N LYS A 788 27.50 -34.77 50.62
CA LYS A 788 28.12 -35.76 49.77
C LYS A 788 27.17 -36.87 49.34
N ASN A 789 25.95 -36.89 49.84
CA ASN A 789 24.96 -37.90 49.51
C ASN A 789 23.62 -37.47 50.10
N GLU A 790 22.59 -38.28 49.85
CA GLU A 790 21.25 -37.97 50.37
C GLU A 790 21.24 -37.90 51.89
N ASP A 791 21.82 -38.93 52.55
CA ASP A 791 21.80 -38.97 54.00
C ASP A 791 22.59 -37.81 54.58
N GLU A 792 23.70 -37.43 53.93
CA GLU A 792 24.39 -36.22 54.31
C GLU A 792 23.48 -35.01 54.12
N TYR A 793 22.89 -34.88 52.94
CA TYR A 793 22.02 -33.75 52.61
C TYR A 793 20.91 -33.56 53.66
N VAL A 794 20.24 -34.65 54.03
CA VAL A 794 19.10 -34.52 54.94
C VAL A 794 19.55 -34.13 56.34
N GLN A 795 20.64 -34.71 56.84
CA GLN A 795 21.00 -34.45 58.23
C GLN A 795 21.69 -33.11 58.42
N LEU A 796 22.44 -32.62 57.42
CA LEU A 796 22.97 -31.27 57.52
C LEU A 796 21.86 -30.22 57.52
N SER A 797 20.74 -30.49 56.85
CA SER A 797 19.63 -29.53 56.85
C SER A 797 18.98 -29.44 58.23
N VAL A 798 18.72 -30.59 58.86
CA VAL A 798 18.11 -30.58 60.19
C VAL A 798 19.10 -30.13 61.25
N ASP A 799 20.41 -30.21 60.96
CA ASP A 799 21.39 -29.65 61.87
C ASP A 799 21.22 -28.15 62.00
N LEU A 800 21.18 -27.44 60.87
CA LEU A 800 20.94 -26.01 60.89
C LEU A 800 19.49 -25.65 61.16
N ALA A 801 18.57 -26.61 61.14
CA ALA A 801 17.19 -26.32 61.53
C ALA A 801 16.96 -26.52 63.02
N SER A 802 18.02 -26.51 63.84
CA SER A 802 17.87 -26.65 65.29
C SER A 802 18.28 -25.40 66.05
N ASP A 803 19.51 -24.90 65.85
CA ASP A 803 19.98 -23.69 66.51
C ASP A 803 19.46 -22.47 65.76
N VAL A 804 18.31 -21.95 66.19
CA VAL A 804 17.76 -20.75 65.56
C VAL A 804 18.67 -19.56 65.79
N THR A 805 19.33 -19.48 66.95
CA THR A 805 20.27 -18.38 67.22
C THR A 805 21.47 -18.44 66.29
N ALA A 806 22.02 -19.63 66.05
CA ALA A 806 23.11 -19.78 65.10
C ALA A 806 22.71 -19.31 63.71
N LEU A 807 21.46 -19.58 63.34
CA LEU A 807 20.94 -19.10 62.05
C LEU A 807 20.89 -17.59 62.03
N SER A 808 20.54 -16.97 63.16
CA SER A 808 20.58 -15.52 63.26
C SER A 808 22.01 -15.00 63.12
N LYS A 809 23.00 -15.75 63.58
CA LYS A 809 24.39 -15.37 63.34
C LYS A 809 24.74 -15.46 61.85
N LEU A 810 24.27 -16.51 61.18
CA LEU A 810 24.68 -16.76 59.80
C LEU A 810 24.08 -15.75 58.82
N ARG A 811 22.83 -15.34 59.04
CA ARG A 811 22.13 -14.56 58.02
C ARG A 811 22.74 -13.17 57.82
N MET A 812 23.27 -12.56 58.88
CA MET A 812 23.86 -11.23 58.76
C MET A 812 25.35 -11.27 58.45
N SER A 813 25.98 -12.44 58.42
CA SER A 813 27.38 -12.58 58.09
C SER A 813 27.64 -12.99 56.65
N LEU A 814 26.73 -13.79 56.06
CA LEU A 814 26.96 -14.33 54.72
C LEU A 814 27.24 -13.23 53.70
N ARG A 815 26.53 -12.10 53.82
CA ARG A 815 26.61 -11.06 52.79
C ARG A 815 28.05 -10.58 52.60
N ASP A 816 28.72 -10.23 53.69
CA ASP A 816 30.02 -9.58 53.58
C ASP A 816 31.14 -10.55 53.28
N LEU A 817 31.01 -11.82 53.69
CA LEU A 817 32.03 -12.81 53.35
C LEU A 817 32.07 -13.08 51.85
N MET A 818 30.90 -13.34 51.26
CA MET A 818 30.85 -13.65 49.83
C MET A 818 31.32 -12.47 48.99
N ALA A 819 30.97 -11.26 49.38
CA ALA A 819 31.53 -10.08 48.73
C ALA A 819 33.06 -10.10 48.81
N GLY A 820 33.60 -10.55 49.94
CA GLY A 820 35.03 -10.75 50.08
C GLY A 820 35.57 -12.03 49.49
N SER A 821 34.70 -12.99 49.15
CA SER A 821 35.17 -14.22 48.54
C SER A 821 35.64 -13.98 47.10
N PRO A 822 36.50 -14.85 46.57
CA PRO A 822 36.89 -14.73 45.16
C PRO A 822 35.72 -14.85 44.19
N VAL A 823 34.54 -15.23 44.66
CA VAL A 823 33.36 -15.34 43.80
C VAL A 823 32.83 -13.98 43.34
N CYS A 824 33.27 -12.89 43.96
CA CYS A 824 32.68 -11.58 43.72
C CYS A 824 33.69 -10.49 43.42
N ASN A 825 34.98 -10.80 43.31
CA ASN A 825 36.01 -9.82 42.99
C ASN A 825 36.51 -10.14 41.59
N GLY A 826 36.24 -9.22 40.65
CA GLY A 826 36.52 -9.41 39.25
C GLY A 826 37.96 -9.25 38.78
N PRO A 827 38.69 -8.24 39.30
CA PRO A 827 40.07 -8.05 38.82
C PRO A 827 40.96 -9.27 38.99
N SER A 828 40.92 -9.94 40.14
CA SER A 828 41.66 -11.18 40.30
C SER A 828 41.15 -12.24 39.34
N PHE A 829 39.82 -12.38 39.23
CA PHE A 829 39.22 -13.23 38.21
C PHE A 829 39.73 -12.89 36.82
N ALA A 830 39.88 -11.59 36.53
CA ALA A 830 40.18 -11.16 35.16
C ALA A 830 41.53 -11.69 34.68
N VAL A 831 42.58 -11.50 35.48
CA VAL A 831 43.91 -11.96 35.07
C VAL A 831 43.93 -13.47 34.91
N GLY A 832 43.16 -14.18 35.74
CA GLY A 832 43.06 -15.62 35.55
C GLY A 832 42.41 -15.99 34.23
N LEU A 833 41.37 -15.26 33.84
CA LEU A 833 40.73 -15.52 32.56
C LEU A 833 41.68 -15.22 31.41
N GLU A 834 42.25 -14.00 31.39
CA GLU A 834 43.11 -13.60 30.28
C GLU A 834 44.39 -14.43 30.21
N SER A 835 44.86 -14.98 31.34
CA SER A 835 45.97 -15.93 31.28
C SER A 835 45.59 -17.16 30.49
N ALA A 836 44.46 -17.78 30.85
CA ALA A 836 43.97 -18.93 30.10
C ALA A 836 43.71 -18.57 28.64
N TYR A 837 43.26 -17.35 28.38
CA TYR A 837 43.00 -16.90 27.02
C TYR A 837 44.28 -16.94 26.17
N ARG A 838 45.30 -16.20 26.60
CA ARG A 838 46.57 -16.23 25.87
C ARG A 838 47.18 -17.63 25.90
N ASN A 839 46.85 -18.43 26.92
CA ASN A 839 47.33 -19.80 26.96
C ASN A 839 46.74 -20.65 25.83
N MET A 840 45.56 -20.28 25.34
CA MET A 840 45.01 -20.95 24.16
C MET A 840 45.56 -20.33 22.88
N TRP A 841 45.75 -19.01 22.86
CA TRP A 841 46.49 -18.38 21.77
C TRP A 841 47.93 -18.87 21.70
N LYS A 842 48.47 -19.39 22.80
CA LYS A 842 49.74 -20.09 22.77
C LYS A 842 49.72 -21.20 21.72
N LYS A 843 48.79 -22.15 21.87
CA LYS A 843 48.81 -23.36 21.04
C LYS A 843 48.37 -23.08 19.61
N TYR A 844 47.54 -22.06 19.39
CA TYR A 844 47.06 -21.83 18.03
C TYR A 844 48.22 -21.55 17.07
N CYS A 845 49.18 -20.72 17.47
CA CYS A 845 50.28 -20.38 16.58
C CYS A 845 51.24 -21.55 16.41
N LYS A 846 51.53 -22.26 17.50
CA LYS A 846 52.50 -23.35 17.44
C LYS A 846 52.14 -24.40 16.39
N GLY A 847 50.84 -24.63 16.17
CA GLY A 847 50.40 -25.65 15.25
C GLY A 847 49.90 -26.90 15.96
N GLY B 23 -21.91 27.62 78.28
CA GLY B 23 -20.69 26.87 78.45
C GLY B 23 -20.53 25.72 77.46
N SER B 24 -19.29 25.29 77.25
CA SER B 24 -18.96 24.26 76.27
C SER B 24 -18.29 23.08 76.96
N ARG B 25 -18.66 21.87 76.54
CA ARG B 25 -18.16 20.66 77.15
C ARG B 25 -16.77 20.29 76.63
N SER B 26 -15.90 19.90 77.56
CA SER B 26 -14.54 19.46 77.23
C SER B 26 -14.23 18.21 78.06
N SER B 27 -13.27 17.42 77.58
CA SER B 27 -13.02 16.11 78.17
C SER B 27 -11.53 15.81 78.27
N SER B 28 -11.13 15.25 79.42
CA SER B 28 -9.80 14.72 79.64
C SER B 28 -9.85 13.20 79.61
N SER B 29 -8.88 12.58 78.93
CA SER B 29 -8.93 11.15 78.63
C SER B 29 -7.96 10.38 79.54
N SER B 30 -8.44 9.24 80.04
CA SER B 30 -7.63 8.35 80.86
C SER B 30 -7.22 7.12 80.06
N ALA B 31 -6.01 6.66 80.29
CA ALA B 31 -5.54 5.41 79.69
C ALA B 31 -6.13 4.22 80.43
N GLY B 32 -6.39 3.14 79.68
CA GLY B 32 -6.97 1.94 80.23
C GLY B 32 -5.90 0.98 80.74
N VAL B 33 -6.35 -0.24 81.05
CA VAL B 33 -5.42 -1.25 81.54
C VAL B 33 -4.36 -1.53 80.49
N LEU B 34 -3.14 -1.80 80.95
CA LEU B 34 -2.06 -2.18 80.05
C LEU B 34 -2.45 -3.41 79.25
N SER B 35 -2.33 -3.32 77.94
CA SER B 35 -2.71 -4.44 77.09
C SER B 35 -1.77 -5.61 77.35
N PRO B 36 -2.30 -6.83 77.40
CA PRO B 36 -1.53 -7.96 77.97
C PRO B 36 -0.22 -8.21 77.24
N SER B 37 0.70 -8.83 77.95
CA SER B 37 2.05 -9.10 77.45
C SER B 37 2.02 -10.05 76.25
N TYR B 49 -0.33 -19.99 65.08
CA TYR B 49 -0.23 -20.79 63.86
C TYR B 49 -1.34 -20.41 62.89
N ALA B 50 -2.58 -20.41 63.40
CA ALA B 50 -3.78 -20.34 62.57
C ALA B 50 -3.69 -19.23 61.53
N ASN B 51 -3.35 -18.01 61.94
CA ASN B 51 -3.40 -16.88 61.02
C ASN B 51 -2.24 -16.85 60.05
N ILE B 52 -1.14 -17.57 60.35
CA ILE B 52 -0.04 -17.64 59.39
C ILE B 52 -0.44 -18.48 58.18
N LEU B 53 -1.13 -19.60 58.40
CA LEU B 53 -1.67 -20.36 57.26
C LEU B 53 -2.66 -19.52 56.47
N ARG B 54 -3.45 -18.67 57.16
CA ARG B 54 -4.43 -17.84 56.47
C ARG B 54 -3.76 -16.90 55.48
N ALA B 55 -2.67 -16.24 55.90
CA ALA B 55 -1.96 -15.34 55.01
C ALA B 55 -1.46 -16.05 53.76
N ARG B 56 -1.20 -17.36 53.87
CA ARG B 56 -0.74 -18.19 52.76
C ARG B 56 -1.89 -18.92 52.07
N ASN B 57 -3.14 -18.44 52.25
CA ASN B 57 -4.33 -18.95 51.59
C ASN B 57 -4.66 -20.39 51.99
N LYS B 58 -4.37 -20.76 53.24
CA LYS B 58 -4.82 -22.03 53.80
C LYS B 58 -6.14 -21.81 54.53
N PHE B 59 -7.20 -21.62 53.73
CA PHE B 59 -8.51 -21.28 54.30
C PHE B 59 -9.06 -22.43 55.14
N ALA B 60 -9.08 -23.64 54.59
CA ALA B 60 -9.77 -24.75 55.25
C ALA B 60 -9.04 -25.18 56.52
N ASP B 61 -7.71 -25.25 56.48
CA ASP B 61 -6.94 -25.68 57.65
C ASP B 61 -7.04 -24.67 58.79
N ALA B 62 -6.82 -23.39 58.48
CA ALA B 62 -6.89 -22.35 59.50
C ALA B 62 -8.30 -22.24 60.07
N LEU B 63 -9.31 -22.32 59.21
CA LEU B 63 -10.70 -22.36 59.66
C LEU B 63 -10.90 -23.39 60.76
N ALA B 64 -10.37 -24.60 60.56
CA ALA B 64 -10.52 -25.66 61.55
C ALA B 64 -9.93 -25.27 62.90
N LEU B 65 -8.75 -24.66 62.90
CA LEU B 65 -8.12 -24.25 64.16
C LEU B 65 -8.96 -23.17 64.86
N TYR B 66 -9.55 -22.26 64.08
CA TYR B 66 -10.49 -21.30 64.66
C TYR B 66 -11.65 -22.00 65.34
N GLU B 67 -12.34 -22.88 64.62
CA GLU B 67 -13.46 -23.63 65.19
C GLU B 67 -13.05 -24.34 66.47
N ALA B 68 -11.86 -24.93 66.48
CA ALA B 68 -11.34 -25.54 67.71
C ALA B 68 -11.05 -24.47 68.75
N MET B 69 -10.51 -23.32 68.33
CA MET B 69 -10.18 -22.26 69.26
C MET B 69 -11.42 -21.71 69.96
N LEU B 70 -12.55 -21.65 69.24
CA LEU B 70 -13.76 -21.11 69.85
C LEU B 70 -14.36 -22.08 70.86
N GLU B 71 -14.21 -23.38 70.66
CA GLU B 71 -14.70 -24.33 71.65
C GLU B 71 -13.78 -24.42 72.86
N LYS B 72 -12.49 -24.12 72.68
CA LYS B 72 -11.59 -24.03 73.83
C LYS B 72 -11.81 -22.74 74.61
N ASP B 73 -12.02 -21.63 73.90
CA ASP B 73 -12.37 -20.35 74.52
C ASP B 73 -13.29 -19.62 73.55
N SER B 74 -14.54 -19.44 73.94
CA SER B 74 -15.55 -18.83 73.08
C SER B 74 -15.48 -17.30 73.07
N LYS B 75 -14.44 -16.72 73.67
CA LYS B 75 -14.31 -15.27 73.75
C LYS B 75 -13.05 -14.75 73.08
N ASN B 76 -12.35 -15.59 72.32
CA ASN B 76 -11.18 -15.14 71.58
C ASN B 76 -11.66 -14.52 70.26
N VAL B 77 -11.58 -13.20 70.16
CA VAL B 77 -12.16 -12.50 69.02
C VAL B 77 -11.40 -12.79 67.73
N GLU B 78 -10.10 -13.07 67.83
CA GLU B 78 -9.31 -13.33 66.63
C GLU B 78 -9.80 -14.56 65.88
N ALA B 79 -10.29 -15.57 66.62
CA ALA B 79 -10.86 -16.76 65.99
C ALA B 79 -12.14 -16.42 65.24
N HIS B 80 -13.00 -15.59 65.84
CA HIS B 80 -14.21 -15.15 65.17
C HIS B 80 -13.86 -14.41 63.88
N ILE B 81 -12.91 -13.48 63.96
CA ILE B 81 -12.51 -12.71 62.78
C ILE B 81 -11.86 -13.63 61.75
N GLY B 82 -11.10 -14.62 62.21
CA GLY B 82 -10.47 -15.54 61.28
C GLY B 82 -11.48 -16.35 60.49
N LYS B 83 -12.46 -16.94 61.19
CA LYS B 83 -13.51 -17.70 60.51
C LYS B 83 -14.30 -16.82 59.55
N GLY B 84 -14.60 -15.59 59.97
CA GLY B 84 -15.39 -14.71 59.12
C GLY B 84 -14.72 -14.39 57.81
N ILE B 85 -13.40 -14.18 57.84
CA ILE B 85 -12.66 -13.95 56.60
C ILE B 85 -12.67 -15.20 55.74
N CYS B 86 -12.46 -16.38 56.34
CA CYS B 86 -12.53 -17.63 55.59
C CYS B 86 -13.89 -17.81 54.94
N LEU B 87 -14.97 -17.66 55.72
CA LEU B 87 -16.31 -17.82 55.18
C LEU B 87 -16.62 -16.78 54.10
N GLN B 88 -16.09 -15.56 54.26
CA GLN B 88 -16.27 -14.53 53.24
C GLN B 88 -15.64 -14.93 51.91
N THR B 89 -14.59 -15.74 51.94
CA THR B 89 -14.00 -16.26 50.71
C THR B 89 -14.94 -17.24 50.02
N GLN B 90 -15.63 -18.09 50.80
CA GLN B 90 -16.61 -19.08 50.35
C GLN B 90 -17.93 -18.46 49.89
N ASN B 91 -18.02 -17.13 49.84
CA ASN B 91 -19.21 -16.38 49.44
C ASN B 91 -20.37 -16.55 50.42
N LYS B 92 -20.09 -17.05 51.63
CA LYS B 92 -21.11 -17.20 52.67
C LYS B 92 -21.11 -15.92 53.51
N GLY B 93 -21.75 -14.89 52.97
CA GLY B 93 -21.71 -13.58 53.61
C GLY B 93 -22.66 -13.44 54.79
N ASN B 94 -23.82 -14.09 54.74
CA ASN B 94 -24.77 -14.01 55.84
C ASN B 94 -24.16 -14.56 57.13
N LEU B 95 -23.39 -15.65 57.02
CA LEU B 95 -22.73 -16.21 58.19
C LEU B 95 -21.59 -15.32 58.67
N ALA B 96 -20.91 -14.63 57.75
CA ALA B 96 -19.77 -13.79 58.14
C ALA B 96 -20.22 -12.57 58.94
N PHE B 97 -21.33 -11.94 58.54
CA PHE B 97 -21.86 -10.82 59.31
C PHE B 97 -22.23 -11.24 60.73
N ASP B 98 -22.66 -12.49 60.91
CA ASP B 98 -23.02 -12.98 62.24
C ASP B 98 -21.80 -13.03 63.16
N CYS B 99 -20.68 -13.53 62.66
CA CYS B 99 -19.50 -13.71 63.51
C CYS B 99 -18.67 -12.43 63.65
N PHE B 100 -18.62 -11.60 62.60
CA PHE B 100 -17.98 -10.30 62.74
C PHE B 100 -18.69 -9.46 63.78
N SER B 101 -20.03 -9.53 63.83
CA SER B 101 -20.77 -8.84 64.88
C SER B 101 -20.51 -9.48 66.24
N GLU B 102 -20.29 -10.79 66.27
CA GLU B 102 -19.88 -11.44 67.51
C GLU B 102 -18.50 -10.97 67.95
N ALA B 103 -17.63 -10.62 67.00
CA ALA B 103 -16.31 -10.09 67.36
C ALA B 103 -16.41 -8.67 67.90
N ILE B 104 -17.27 -7.84 67.33
CA ILE B 104 -17.39 -6.46 67.82
C ILE B 104 -18.13 -6.42 69.14
N ARG B 105 -19.02 -7.38 69.40
CA ARG B 105 -19.74 -7.41 70.67
C ARG B 105 -18.89 -7.97 71.81
N LEU B 106 -17.87 -8.75 71.48
CA LEU B 106 -16.89 -9.16 72.50
C LEU B 106 -15.84 -8.09 72.69
N ASP B 107 -15.26 -7.60 71.60
CA ASP B 107 -14.18 -6.61 71.64
C ASP B 107 -14.52 -5.49 70.66
N PRO B 108 -15.27 -4.49 71.11
CA PRO B 108 -15.39 -3.26 70.31
C PRO B 108 -14.05 -2.57 70.23
N HIS B 109 -13.96 -1.61 69.31
CA HIS B 109 -12.70 -0.91 69.02
C HIS B 109 -11.65 -1.87 68.47
N ASN B 110 -12.08 -2.86 67.70
CA ASN B 110 -11.19 -3.74 66.94
C ASN B 110 -11.25 -3.29 65.49
N ALA B 111 -10.16 -2.67 65.01
CA ALA B 111 -10.15 -2.11 63.67
C ALA B 111 -10.40 -3.18 62.62
N CYS B 112 -9.76 -4.34 62.76
CA CYS B 112 -9.91 -5.40 61.78
C CYS B 112 -11.37 -5.83 61.65
N ALA B 113 -11.99 -6.20 62.78
CA ALA B 113 -13.39 -6.65 62.75
C ALA B 113 -14.31 -5.55 62.25
N LEU B 114 -14.08 -4.30 62.67
CA LEU B 114 -14.93 -3.20 62.23
C LEU B 114 -14.76 -2.93 60.73
N THR B 115 -13.52 -3.04 60.23
CA THR B 115 -13.29 -2.83 58.80
C THR B 115 -13.94 -3.94 57.97
N HIS B 116 -13.93 -5.17 58.46
CA HIS B 116 -14.51 -6.27 57.70
C HIS B 116 -16.02 -6.20 57.68
N CYS B 117 -16.64 -5.77 58.79
CA CYS B 117 -18.08 -5.58 58.80
C CYS B 117 -18.50 -4.50 57.81
N GLY B 118 -17.64 -3.48 57.62
CA GLY B 118 -17.93 -2.48 56.59
C GLY B 118 -17.79 -3.05 55.20
N ILE B 119 -16.78 -3.89 54.98
CA ILE B 119 -16.61 -4.52 53.67
C ILE B 119 -17.83 -5.36 53.33
N LEU B 120 -18.35 -6.09 54.31
CA LEU B 120 -19.59 -6.84 54.10
C LEU B 120 -20.76 -5.91 53.85
N HIS B 121 -20.81 -4.79 54.57
CA HIS B 121 -21.91 -3.84 54.40
C HIS B 121 -21.91 -3.23 53.00
N LYS B 122 -20.73 -3.06 52.41
CA LYS B 122 -20.67 -2.50 51.05
C LYS B 122 -21.11 -3.53 50.02
N GLU B 123 -20.61 -4.76 50.13
CA GLU B 123 -20.95 -5.80 49.16
C GLU B 123 -22.43 -6.15 49.20
N GLU B 124 -23.07 -6.01 50.37
CA GLU B 124 -24.52 -6.20 50.44
C GLU B 124 -25.27 -5.03 49.82
N GLY B 125 -24.65 -3.86 49.77
CA GLY B 125 -25.27 -2.66 49.25
C GLY B 125 -25.65 -1.62 50.28
N ARG B 126 -25.22 -1.77 51.53
CA ARG B 126 -25.46 -0.78 52.57
C ARG B 126 -24.21 0.10 52.68
N LEU B 127 -24.11 1.05 51.76
CA LEU B 127 -22.84 1.77 51.56
C LEU B 127 -22.57 2.75 52.70
N VAL B 128 -23.60 3.43 53.21
CA VAL B 128 -23.36 4.43 54.24
C VAL B 128 -23.11 3.77 55.59
N GLU B 129 -23.83 2.67 55.89
CA GLU B 129 -23.51 1.88 57.07
C GLU B 129 -22.10 1.31 57.00
N ALA B 130 -21.63 1.02 55.79
CA ALA B 130 -20.25 0.56 55.61
C ALA B 130 -19.25 1.65 55.99
N ALA B 131 -19.45 2.86 55.48
CA ALA B 131 -18.54 3.96 55.81
C ALA B 131 -18.58 4.28 57.29
N GLU B 132 -19.72 4.08 57.94
CA GLU B 132 -19.79 4.26 59.38
C GLU B 132 -18.86 3.28 60.10
N SER B 133 -18.91 2.00 59.71
CA SER B 133 -18.05 0.99 60.33
C SER B 133 -16.58 1.24 60.02
N TYR B 134 -16.27 1.75 58.82
CA TYR B 134 -14.90 2.12 58.52
C TYR B 134 -14.43 3.25 59.42
N GLN B 135 -15.31 4.20 59.72
CA GLN B 135 -14.90 5.36 60.52
C GLN B 135 -14.64 4.99 61.97
N LYS B 136 -15.50 4.15 62.57
CA LYS B 136 -15.22 3.73 63.95
C LYS B 136 -14.01 2.80 64.00
N ALA B 137 -13.72 2.09 62.91
CA ALA B 137 -12.46 1.36 62.83
C ALA B 137 -11.27 2.30 62.93
N LEU B 138 -11.29 3.39 62.14
CA LEU B 138 -10.17 4.32 62.14
C LEU B 138 -10.07 5.08 63.47
N MET B 139 -11.19 5.24 64.18
CA MET B 139 -11.15 5.78 65.53
C MET B 139 -10.40 4.83 66.46
N ALA B 140 -10.63 3.53 66.32
CA ALA B 140 -9.93 2.54 67.12
C ALA B 140 -8.43 2.61 66.85
N ASP B 141 -8.04 2.54 65.58
CA ASP B 141 -6.63 2.58 65.19
C ASP B 141 -6.50 3.42 63.92
N ALA B 142 -6.04 4.66 64.08
CA ALA B 142 -5.82 5.52 62.92
C ALA B 142 -4.71 4.98 62.02
N SER B 143 -3.82 4.13 62.55
CA SER B 143 -2.75 3.56 61.76
C SER B 143 -3.22 2.43 60.85
N TYR B 144 -4.41 1.89 61.09
CA TYR B 144 -4.92 0.78 60.30
C TYR B 144 -5.34 1.28 58.92
N LYS B 145 -4.43 1.20 57.95
CA LYS B 145 -4.64 1.67 56.60
C LYS B 145 -5.71 0.89 55.83
N PRO B 146 -5.89 -0.41 56.09
CA PRO B 146 -7.03 -1.11 55.45
C PRO B 146 -8.35 -0.38 55.57
N ALA B 147 -8.64 0.20 56.74
CA ALA B 147 -9.88 0.94 56.90
C ALA B 147 -9.85 2.25 56.11
N ALA B 148 -8.67 2.89 56.03
CA ALA B 148 -8.57 4.12 55.25
C ALA B 148 -8.81 3.86 53.77
N GLU B 149 -8.21 2.80 53.23
CA GLU B 149 -8.40 2.49 51.81
C GLU B 149 -9.83 2.11 51.51
N CYS B 150 -10.43 1.26 52.35
CA CYS B 150 -11.82 0.87 52.14
C CYS B 150 -12.76 2.06 52.23
N LEU B 151 -12.51 2.95 53.19
CA LEU B 151 -13.36 4.14 53.34
C LEU B 151 -13.24 5.05 52.14
N ALA B 152 -12.03 5.24 51.61
CA ALA B 152 -11.85 6.09 50.45
C ALA B 152 -12.59 5.53 49.23
N ILE B 153 -12.61 4.21 49.09
CA ILE B 153 -13.31 3.59 47.96
C ILE B 153 -14.81 3.84 48.04
N VAL B 154 -15.41 3.60 49.22
CA VAL B 154 -16.85 3.75 49.33
C VAL B 154 -17.26 5.22 49.24
N LEU B 155 -16.44 6.13 49.74
CA LEU B 155 -16.73 7.56 49.58
C LEU B 155 -16.66 7.98 48.12
N THR B 156 -15.69 7.44 47.38
CA THR B 156 -15.64 7.68 45.95
C THR B 156 -16.91 7.20 45.27
N ASP B 157 -17.37 6.00 45.62
CA ASP B 157 -18.60 5.48 45.03
C ASP B 157 -19.81 6.33 45.41
N LEU B 158 -19.84 6.83 46.65
CA LEU B 158 -20.91 7.74 47.04
C LEU B 158 -20.84 9.04 46.26
N GLY B 159 -19.63 9.52 45.96
CA GLY B 159 -19.50 10.75 45.21
C GLY B 159 -19.91 10.61 43.76
N THR B 160 -19.59 9.46 43.14
CA THR B 160 -19.97 9.28 41.74
C THR B 160 -21.46 9.01 41.58
N SER B 161 -22.10 8.40 42.59
CA SER B 161 -23.55 8.31 42.58
C SER B 161 -24.17 9.71 42.69
N LEU B 162 -23.53 10.59 43.45
CA LEU B 162 -23.98 11.97 43.55
C LEU B 162 -23.85 12.69 42.21
N LYS B 163 -22.77 12.42 41.48
CA LYS B 163 -22.54 13.10 40.21
C LYS B 163 -23.62 12.76 39.19
N LEU B 164 -24.01 11.49 39.11
CA LEU B 164 -25.04 11.09 38.16
C LEU B 164 -26.37 11.75 38.48
N ALA B 165 -26.65 11.98 39.76
CA ALA B 165 -27.87 12.66 40.19
C ALA B 165 -27.83 14.16 39.99
N GLY B 166 -26.77 14.70 39.37
CA GLY B 166 -26.65 16.11 39.13
C GLY B 166 -26.13 16.94 40.28
N ASN B 167 -25.99 16.36 41.47
CA ASN B 167 -25.43 17.07 42.62
C ASN B 167 -23.90 17.05 42.52
N THR B 168 -23.40 17.76 41.49
CA THR B 168 -21.98 17.65 41.13
C THR B 168 -21.08 18.19 42.23
N GLN B 169 -21.38 19.39 42.75
CA GLN B 169 -20.50 20.00 43.75
C GLN B 169 -20.46 19.16 45.03
N GLU B 170 -21.62 18.62 45.44
CA GLU B 170 -21.60 17.71 46.58
C GLU B 170 -20.87 16.42 46.27
N GLY B 171 -20.79 16.04 44.99
CA GLY B 171 -20.00 14.89 44.61
C GLY B 171 -18.51 15.18 44.63
N ILE B 172 -18.12 16.34 44.08
CA ILE B 172 -16.71 16.74 44.10
C ILE B 172 -16.17 16.77 45.52
N GLN B 173 -16.98 17.27 46.47
CA GLN B 173 -16.54 17.31 47.86
C GLN B 173 -16.33 15.90 48.40
N LYS B 174 -17.27 14.99 48.13
CA LYS B 174 -17.11 13.62 48.60
C LYS B 174 -15.87 12.97 48.01
N TYR B 175 -15.48 13.36 46.81
CA TYR B 175 -14.20 12.89 46.27
C TYR B 175 -13.04 13.37 47.13
N TYR B 176 -13.02 14.68 47.42
CA TYR B 176 -11.89 15.26 48.14
C TYR B 176 -11.77 14.71 49.56
N GLU B 177 -12.89 14.30 50.16
CA GLU B 177 -12.84 13.65 51.46
C GLU B 177 -12.13 12.30 51.35
N ALA B 178 -12.49 11.52 50.33
CA ALA B 178 -11.80 10.26 50.07
C ALA B 178 -10.30 10.47 49.94
N LEU B 179 -9.91 11.56 49.28
CA LEU B 179 -8.48 11.82 49.13
C LEU B 179 -7.84 12.27 50.42
N LYS B 180 -8.60 12.88 51.34
CA LYS B 180 -8.05 13.15 52.67
C LYS B 180 -7.84 11.85 53.44
N ILE B 181 -8.74 10.88 53.28
CA ILE B 181 -8.59 9.60 53.96
C ILE B 181 -7.44 8.81 53.35
N ASP B 182 -7.41 8.70 52.03
CA ASP B 182 -6.32 8.04 51.31
C ASP B 182 -5.93 8.92 50.13
N PRO B 183 -4.85 9.70 50.25
CA PRO B 183 -4.40 10.53 49.13
C PRO B 183 -3.78 9.77 47.98
N HIS B 184 -3.67 8.43 48.08
CA HIS B 184 -3.06 7.62 47.05
C HIS B 184 -4.08 6.81 46.26
N TYR B 185 -5.37 7.00 46.52
CA TYR B 185 -6.43 6.30 45.81
C TYR B 185 -6.67 7.01 44.48
N ALA B 186 -6.23 6.38 43.38
CA ALA B 186 -6.28 6.97 42.04
C ALA B 186 -7.70 7.15 41.50
N PRO B 187 -8.62 6.18 41.69
CA PRO B 187 -9.99 6.40 41.18
C PRO B 187 -10.63 7.71 41.62
N ALA B 188 -10.28 8.22 42.81
CA ALA B 188 -10.80 9.50 43.25
C ALA B 188 -10.27 10.64 42.38
N TYR B 189 -8.98 10.59 42.03
CA TYR B 189 -8.43 11.58 41.12
C TYR B 189 -9.07 11.49 39.74
N TYR B 190 -9.24 10.26 39.23
CA TYR B 190 -9.78 10.07 37.89
C TYR B 190 -11.24 10.52 37.80
N ASN B 191 -12.06 10.13 38.78
CA ASN B 191 -13.45 10.59 38.79
C ASN B 191 -13.54 12.10 38.98
N LEU B 192 -12.58 12.69 39.70
CA LEU B 192 -12.49 14.15 39.76
C LEU B 192 -12.21 14.75 38.38
N GLY B 193 -11.42 14.04 37.56
CA GLY B 193 -11.07 14.56 36.25
C GLY B 193 -12.23 14.55 35.27
N VAL B 194 -13.15 13.59 35.40
CA VAL B 194 -14.22 13.50 34.42
C VAL B 194 -15.29 14.57 34.65
N VAL B 195 -15.46 15.04 35.89
CA VAL B 195 -16.37 16.16 36.11
C VAL B 195 -15.67 17.48 35.79
N TYR B 196 -14.40 17.60 36.16
CA TYR B 196 -13.63 18.79 35.81
C TYR B 196 -13.51 18.97 34.31
N SER B 197 -13.58 17.87 33.54
CA SER B 197 -13.70 17.99 32.09
C SER B 197 -15.15 18.25 31.69
N GLU B 198 -16.11 17.59 32.36
CA GLU B 198 -17.52 17.80 32.04
C GLU B 198 -17.93 19.23 32.36
N MET B 199 -17.32 19.85 33.36
CA MET B 199 -17.53 21.25 33.68
C MET B 199 -16.56 22.16 32.91
N MET B 200 -15.81 21.59 31.96
CA MET B 200 -14.97 22.33 31.01
C MET B 200 -13.82 23.08 31.69
N GLN B 201 -13.35 22.57 32.84
CA GLN B 201 -12.10 23.01 33.45
C GLN B 201 -11.01 22.01 33.07
N TYR B 202 -10.53 22.13 31.82
CA TYR B 202 -9.64 21.10 31.29
C TYR B 202 -8.28 21.09 31.97
N ASP B 203 -7.78 22.26 32.39
CA ASP B 203 -6.54 22.30 33.17
C ASP B 203 -6.70 21.54 34.48
N ASN B 204 -7.82 21.77 35.17
CA ASN B 204 -8.10 21.06 36.41
C ASN B 204 -8.31 19.58 36.17
N ALA B 205 -9.01 19.22 35.09
CA ALA B 205 -9.17 17.81 34.74
C ALA B 205 -7.83 17.15 34.47
N LEU B 206 -6.92 17.87 33.81
CA LEU B 206 -5.57 17.36 33.56
C LEU B 206 -4.88 16.97 34.86
N SER B 207 -4.69 17.95 35.75
CA SER B 207 -3.92 17.71 36.97
C SER B 207 -4.49 16.57 37.78
N CYS B 208 -5.81 16.38 37.75
CA CYS B 208 -6.42 15.21 38.37
C CYS B 208 -5.96 13.93 37.68
N TYR B 209 -5.95 13.93 36.35
CA TYR B 209 -5.54 12.73 35.61
C TYR B 209 -4.06 12.46 35.78
N GLU B 210 -3.23 13.52 35.86
CA GLU B 210 -1.79 13.31 36.01
C GLU B 210 -1.47 12.61 37.32
N LYS B 211 -2.06 13.06 38.43
CA LYS B 211 -1.82 12.39 39.70
C LYS B 211 -2.50 11.02 39.74
N ALA B 212 -3.62 10.86 39.04
CA ALA B 212 -4.19 9.53 38.88
C ALA B 212 -3.20 8.58 38.21
N ALA B 213 -2.46 9.08 37.22
CA ALA B 213 -1.44 8.27 36.57
C ALA B 213 -0.21 8.09 37.46
N LEU B 214 0.07 9.06 38.33
CA LEU B 214 1.20 8.92 39.24
C LEU B 214 0.91 7.90 40.34
N GLU B 215 -0.32 7.89 40.85
CA GLU B 215 -0.72 6.90 41.84
C GLU B 215 -1.01 5.53 41.22
N ARG B 216 -1.10 5.46 39.88
CA ARG B 216 -1.40 4.22 39.17
C ARG B 216 -0.89 4.31 37.74
N PRO B 217 0.36 3.96 37.47
CA PRO B 217 0.88 4.04 36.10
C PRO B 217 0.11 3.19 35.11
N MET B 218 -0.69 2.24 35.57
CA MET B 218 -1.47 1.33 34.73
C MET B 218 -2.92 1.78 34.60
N TYR B 219 -3.16 3.09 34.60
CA TYR B 219 -4.49 3.67 34.46
C TYR B 219 -4.66 4.08 33.00
N ALA B 220 -5.23 3.17 32.20
CA ALA B 220 -5.47 3.47 30.80
C ALA B 220 -6.47 4.60 30.63
N GLU B 221 -7.61 4.51 31.34
CA GLU B 221 -8.68 5.50 31.18
C GLU B 221 -8.19 6.91 31.47
N ALA B 222 -7.26 7.09 32.41
CA ALA B 222 -6.72 8.41 32.67
C ALA B 222 -5.87 8.89 31.51
N TYR B 223 -5.03 8.01 30.95
CA TYR B 223 -4.18 8.39 29.83
C TYR B 223 -5.02 8.67 28.59
N CYS B 224 -6.07 7.90 28.37
CA CYS B 224 -6.93 8.11 27.20
C CYS B 224 -7.68 9.44 27.31
N ASN B 225 -8.20 9.76 28.50
CA ASN B 225 -8.91 11.01 28.67
C ASN B 225 -7.97 12.22 28.63
N MET B 226 -6.71 12.02 29.04
CA MET B 226 -5.71 13.08 28.84
C MET B 226 -5.46 13.33 27.35
N GLY B 227 -5.35 12.26 26.57
CA GLY B 227 -5.17 12.42 25.13
C GLY B 227 -6.31 13.14 24.46
N VAL B 228 -7.54 12.88 24.89
CA VAL B 228 -8.71 13.53 24.31
C VAL B 228 -8.65 15.03 24.54
N ILE B 229 -8.24 15.45 25.75
CA ILE B 229 -8.16 16.88 26.02
C ILE B 229 -7.04 17.51 25.21
N TYR B 230 -5.86 16.89 25.21
CA TYR B 230 -4.74 17.42 24.44
C TYR B 230 -5.08 17.51 22.97
N LYS B 231 -5.86 16.56 22.45
CA LYS B 231 -6.28 16.59 21.05
C LYS B 231 -7.20 17.77 20.78
N ASN B 232 -8.27 17.89 21.57
CA ASN B 232 -9.23 18.97 21.37
C ASN B 232 -8.62 20.35 21.58
N ARG B 233 -7.49 20.43 22.29
CA ARG B 233 -6.83 21.69 22.56
C ARG B 233 -5.76 22.03 21.53
N GLY B 234 -5.54 21.14 20.56
CA GLY B 234 -4.68 21.45 19.44
C GLY B 234 -3.22 21.14 19.63
N ASP B 235 -2.89 20.07 20.35
CA ASP B 235 -1.53 19.54 20.38
C ASP B 235 -1.69 18.02 20.28
N LEU B 236 -1.65 17.51 19.06
CA LEU B 236 -1.88 16.08 18.85
C LEU B 236 -0.66 15.24 19.19
N GLU B 237 0.54 15.81 19.05
CA GLU B 237 1.76 15.09 19.41
C GLU B 237 1.71 14.62 20.85
N MET B 238 1.31 15.51 21.76
CA MET B 238 1.12 15.13 23.16
C MET B 238 -0.13 14.28 23.36
N ALA B 239 -1.18 14.52 22.56
CA ALA B 239 -2.32 13.61 22.59
C ALA B 239 -1.91 12.20 22.18
N ILE B 240 -1.05 12.10 21.17
CA ILE B 240 -0.62 10.79 20.67
C ILE B 240 0.24 10.07 21.70
N THR B 241 1.09 10.81 22.42
CA THR B 241 1.91 10.14 23.43
C THR B 241 1.07 9.75 24.64
N CYS B 242 -0.02 10.46 24.91
CA CYS B 242 -0.94 10.01 25.93
C CYS B 242 -1.70 8.76 25.49
N TYR B 243 -2.10 8.71 24.21
CA TYR B 243 -2.73 7.49 23.70
C TYR B 243 -1.75 6.33 23.66
N GLU B 244 -0.46 6.61 23.42
CA GLU B 244 0.56 5.55 23.42
C GLU B 244 0.65 4.90 24.79
N ARG B 245 0.75 5.72 25.84
CA ARG B 245 0.78 5.20 27.21
C ARG B 245 -0.51 4.45 27.55
N CYS B 246 -1.64 4.87 26.97
CA CYS B 246 -2.89 4.20 27.25
C CYS B 246 -2.94 2.82 26.63
N LEU B 247 -2.50 2.69 25.38
CA LEU B 247 -2.54 1.40 24.70
C LEU B 247 -1.38 0.50 25.09
N ALA B 248 -0.33 1.05 25.71
CA ALA B 248 0.68 0.20 26.32
C ALA B 248 0.11 -0.56 27.51
N VAL B 249 -0.88 0.01 28.19
CA VAL B 249 -1.54 -0.65 29.30
C VAL B 249 -2.65 -1.58 28.81
N SER B 250 -3.40 -1.16 27.79
CA SER B 250 -4.49 -1.95 27.24
C SER B 250 -4.45 -1.82 25.72
N PRO B 251 -3.77 -2.74 25.03
CA PRO B 251 -3.67 -2.64 23.57
C PRO B 251 -4.99 -2.79 22.85
N ASN B 252 -6.01 -3.34 23.51
CA ASN B 252 -7.31 -3.54 22.89
C ASN B 252 -8.36 -2.58 23.42
N PHE B 253 -7.93 -1.43 23.94
CA PHE B 253 -8.84 -0.36 24.34
C PHE B 253 -9.34 0.31 23.07
N GLU B 254 -10.51 -0.10 22.60
CA GLU B 254 -10.93 0.25 21.25
C GLU B 254 -11.18 1.74 21.10
N ILE B 255 -11.79 2.37 22.10
CA ILE B 255 -12.04 3.81 22.04
C ILE B 255 -10.73 4.55 21.84
N ALA B 256 -9.71 4.22 22.63
CA ALA B 256 -8.40 4.86 22.45
C ALA B 256 -7.77 4.47 21.12
N LYS B 257 -8.04 3.26 20.63
CA LYS B 257 -7.53 2.85 19.32
C LYS B 257 -8.07 3.76 18.22
N ASN B 258 -9.37 4.02 18.23
CA ASN B 258 -9.96 4.90 17.23
C ASN B 258 -9.45 6.33 17.36
N ASN B 259 -9.44 6.85 18.60
CA ASN B 259 -8.89 8.19 18.84
C ASN B 259 -7.43 8.28 18.46
N MET B 260 -6.70 7.15 18.54
CA MET B 260 -5.32 7.14 18.08
C MET B 260 -5.23 7.28 16.57
N ALA B 261 -6.10 6.57 15.84
CA ALA B 261 -6.12 6.70 14.39
C ALA B 261 -6.51 8.12 13.99
N ILE B 262 -7.53 8.68 14.63
CA ILE B 262 -7.99 10.04 14.33
C ILE B 262 -6.86 11.03 14.52
N ALA B 263 -6.19 10.98 15.68
CA ALA B 263 -5.10 11.91 15.96
C ALA B 263 -3.95 11.71 14.97
N LEU B 264 -3.65 10.46 14.62
CA LEU B 264 -2.54 10.20 13.72
C LEU B 264 -2.85 10.70 12.30
N THR B 265 -4.11 10.59 11.87
CA THR B 265 -4.48 11.12 10.57
C THR B 265 -4.42 12.64 10.55
N ASP B 266 -4.93 13.29 11.61
CA ASP B 266 -4.87 14.75 11.68
C ASP B 266 -3.45 15.25 11.67
N LEU B 267 -2.54 14.53 12.34
CA LEU B 267 -1.15 14.97 12.36
C LEU B 267 -0.43 14.64 11.07
N GLY B 268 -0.84 13.58 10.37
CA GLY B 268 -0.34 13.34 9.03
C GLY B 268 -0.68 14.48 8.09
N THR B 269 -1.93 14.94 8.14
CA THR B 269 -2.34 16.08 7.32
C THR B 269 -1.57 17.34 7.70
N LYS B 270 -1.36 17.57 9.01
CA LYS B 270 -0.64 18.76 9.45
C LYS B 270 0.80 18.75 8.92
N VAL B 271 1.47 17.61 9.02
CA VAL B 271 2.85 17.52 8.54
C VAL B 271 2.91 17.57 7.02
N LYS B 272 1.90 17.01 6.34
CA LYS B 272 1.89 17.05 4.88
C LYS B 272 1.82 18.47 4.35
N LEU B 273 1.00 19.32 4.98
CA LEU B 273 0.83 20.68 4.50
C LEU B 273 2.04 21.55 4.80
N GLU B 274 2.89 21.14 5.74
CA GLU B 274 4.15 21.85 5.99
C GLU B 274 5.26 21.43 5.04
N GLY B 275 4.96 20.57 4.07
CA GLY B 275 5.91 20.24 3.01
C GLY B 275 6.48 18.84 3.09
N ASP B 276 6.25 18.11 4.17
CA ASP B 276 6.81 16.77 4.35
C ASP B 276 5.72 15.75 4.03
N VAL B 277 5.65 15.36 2.75
CA VAL B 277 4.61 14.45 2.30
C VAL B 277 4.82 13.05 2.86
N THR B 278 6.08 12.58 2.88
CA THR B 278 6.35 11.19 3.22
C THR B 278 6.04 10.90 4.68
N GLN B 279 6.42 11.79 5.60
CA GLN B 279 6.09 11.59 7.00
C GLN B 279 4.58 11.62 7.21
N GLY B 280 3.86 12.43 6.43
CA GLY B 280 2.41 12.37 6.48
C GLY B 280 1.87 11.03 6.03
N VAL B 281 2.47 10.46 4.98
CA VAL B 281 2.11 9.12 4.53
C VAL B 281 2.42 8.10 5.61
N ALA B 282 3.58 8.25 6.28
CA ALA B 282 3.93 7.34 7.36
C ALA B 282 2.90 7.38 8.49
N TYR B 283 2.51 8.59 8.90
CA TYR B 283 1.46 8.73 9.91
C TYR B 283 0.15 8.11 9.44
N TYR B 284 -0.17 8.28 8.16
CA TYR B 284 -1.42 7.74 7.63
C TYR B 284 -1.46 6.21 7.74
N LYS B 285 -0.34 5.55 7.41
CA LYS B 285 -0.30 4.10 7.49
C LYS B 285 -0.35 3.62 8.93
N LYS B 286 0.33 4.32 9.84
CA LYS B 286 0.23 4.00 11.26
C LYS B 286 -1.20 4.14 11.75
N ALA B 287 -1.90 5.20 11.31
CA ALA B 287 -3.31 5.36 11.66
C ALA B 287 -4.14 4.16 11.22
N LEU B 288 -3.76 3.53 10.11
CA LEU B 288 -4.48 2.34 9.65
C LEU B 288 -4.14 1.12 10.49
N TYR B 289 -2.97 1.09 11.11
CA TYR B 289 -2.65 -0.02 12.01
C TYR B 289 -3.62 -0.04 13.20
N TYR B 290 -3.94 1.13 13.75
CA TYR B 290 -4.86 1.21 14.87
C TYR B 290 -6.31 1.05 14.43
N ASN B 291 -6.64 1.48 13.22
CA ASN B 291 -7.99 1.37 12.67
C ASN B 291 -7.86 1.11 11.18
N TRP B 292 -7.99 -0.17 10.78
CA TRP B 292 -7.76 -0.56 9.40
C TRP B 292 -8.88 -0.12 8.47
N HIS B 293 -10.01 0.34 9.00
CA HIS B 293 -11.11 0.81 8.17
C HIS B 293 -11.42 2.28 8.43
N TYR B 294 -10.41 3.04 8.86
CA TYR B 294 -10.54 4.49 8.97
C TYR B 294 -10.49 5.07 7.56
N ALA B 295 -11.64 5.49 7.05
CA ALA B 295 -11.71 5.97 5.66
C ALA B 295 -10.86 7.22 5.47
N ASP B 296 -10.86 8.12 6.44
CA ASP B 296 -10.14 9.39 6.28
C ASP B 296 -8.65 9.17 6.03
N ALA B 297 -8.08 8.08 6.55
CA ALA B 297 -6.69 7.78 6.21
C ALA B 297 -6.56 7.19 4.82
N MET B 298 -7.56 6.41 4.38
CA MET B 298 -7.58 5.91 3.01
C MET B 298 -7.57 7.08 2.02
N TYR B 299 -8.54 7.99 2.16
CA TYR B 299 -8.66 9.11 1.23
C TYR B 299 -7.39 9.96 1.21
N ASN B 300 -6.87 10.30 2.39
CA ASN B 300 -5.68 11.13 2.44
C ASN B 300 -4.48 10.43 1.82
N LEU B 301 -4.44 9.11 1.90
CA LEU B 301 -3.36 8.36 1.25
C LEU B 301 -3.54 8.35 -0.26
N GLY B 302 -4.79 8.30 -0.74
CA GLY B 302 -5.02 8.50 -2.16
C GLY B 302 -4.55 9.86 -2.64
N VAL B 303 -4.85 10.91 -1.85
CA VAL B 303 -4.42 12.26 -2.23
C VAL B 303 -2.89 12.35 -2.27
N ALA B 304 -2.24 11.81 -1.23
CA ALA B 304 -0.79 11.92 -1.15
C ALA B 304 -0.11 11.08 -2.21
N TYR B 305 -0.67 9.92 -2.53
CA TYR B 305 -0.07 9.07 -3.57
C TYR B 305 -0.28 9.67 -4.95
N GLY B 306 -1.47 10.25 -5.19
CA GLY B 306 -1.68 10.98 -6.43
C GLY B 306 -0.68 12.10 -6.62
N GLU B 307 -0.49 12.92 -5.59
CA GLU B 307 0.54 13.96 -5.65
C GLU B 307 1.92 13.38 -5.88
N MET B 308 2.15 12.13 -5.46
CA MET B 308 3.40 11.43 -5.73
C MET B 308 3.43 10.80 -7.12
N LEU B 309 2.42 11.08 -7.94
CA LEU B 309 2.27 10.56 -9.30
C LEU B 309 2.09 9.04 -9.34
N LYS B 310 1.86 8.39 -8.20
CA LYS B 310 1.60 6.95 -8.14
C LYS B 310 0.09 6.74 -8.23
N PHE B 311 -0.44 6.88 -9.45
CA PHE B 311 -1.89 6.92 -9.63
C PHE B 311 -2.53 5.54 -9.49
N ASP B 312 -1.84 4.48 -9.92
CA ASP B 312 -2.41 3.14 -9.81
C ASP B 312 -2.73 2.80 -8.36
N MET B 313 -1.82 3.12 -7.44
CA MET B 313 -2.07 2.84 -6.03
C MET B 313 -3.07 3.83 -5.44
N ALA B 314 -2.99 5.10 -5.87
CA ALA B 314 -3.94 6.09 -5.39
C ALA B 314 -5.38 5.70 -5.70
N ILE B 315 -5.60 5.05 -6.85
CA ILE B 315 -6.94 4.58 -7.20
C ILE B 315 -7.43 3.56 -6.19
N VAL B 316 -6.54 2.66 -5.74
CA VAL B 316 -6.94 1.65 -4.78
C VAL B 316 -7.34 2.29 -3.46
N PHE B 317 -6.49 3.20 -2.95
CA PHE B 317 -6.80 3.86 -1.69
C PHE B 317 -8.14 4.58 -1.74
N TYR B 318 -8.44 5.21 -2.88
CA TYR B 318 -9.70 5.95 -3.01
C TYR B 318 -10.89 5.00 -2.99
N GLU B 319 -10.82 3.89 -3.73
CA GLU B 319 -11.92 2.93 -3.72
C GLU B 319 -12.12 2.36 -2.33
N LEU B 320 -11.03 2.14 -1.60
CA LEU B 320 -11.14 1.66 -0.22
C LEU B 320 -11.77 2.72 0.68
N ALA B 321 -11.41 3.99 0.50
CA ALA B 321 -12.03 5.06 1.27
C ALA B 321 -13.53 5.11 1.00
N PHE B 322 -13.91 5.10 -0.27
CA PHE B 322 -15.33 5.18 -0.62
C PHE B 322 -16.06 3.90 -0.23
N HIS B 323 -15.37 2.77 -0.17
CA HIS B 323 -15.99 1.53 0.28
C HIS B 323 -16.41 1.62 1.75
N PHE B 324 -15.49 2.11 2.60
CA PHE B 324 -15.79 2.22 4.02
C PHE B 324 -16.64 3.44 4.34
N ASN B 325 -16.54 4.50 3.55
CA ASN B 325 -17.33 5.71 3.72
C ASN B 325 -18.09 5.98 2.42
N PRO B 326 -19.33 5.49 2.31
CA PRO B 326 -20.12 5.75 1.10
C PRO B 326 -20.53 7.20 0.93
N HIS B 327 -20.15 8.08 1.86
CA HIS B 327 -20.41 9.51 1.76
C HIS B 327 -19.18 10.31 1.38
N CYS B 328 -18.04 9.66 1.13
CA CYS B 328 -16.82 10.37 0.73
C CYS B 328 -16.92 10.70 -0.75
N ALA B 329 -17.64 11.79 -1.04
CA ALA B 329 -17.74 12.28 -2.41
C ALA B 329 -16.41 12.79 -2.94
N GLU B 330 -15.48 13.16 -2.05
CA GLU B 330 -14.16 13.59 -2.51
C GLU B 330 -13.42 12.46 -3.20
N ALA B 331 -13.54 11.23 -2.68
CA ALA B 331 -12.84 10.10 -3.29
C ALA B 331 -13.41 9.75 -4.65
N CYS B 332 -14.73 9.84 -4.81
CA CYS B 332 -15.32 9.63 -6.13
C CYS B 332 -14.82 10.66 -7.13
N ASN B 333 -14.70 11.92 -6.69
CA ASN B 333 -14.20 12.97 -7.58
C ASN B 333 -12.78 12.71 -8.01
N ASN B 334 -11.89 12.42 -7.06
CA ASN B 334 -10.48 12.21 -7.39
C ASN B 334 -10.28 10.94 -8.19
N LEU B 335 -11.14 9.94 -8.01
CA LEU B 335 -11.13 8.79 -8.89
C LEU B 335 -11.52 9.18 -10.31
N GLY B 336 -12.54 10.03 -10.46
CA GLY B 336 -12.93 10.50 -11.77
C GLY B 336 -11.80 11.22 -12.48
N VAL B 337 -11.04 12.02 -11.74
CA VAL B 337 -9.91 12.74 -12.33
C VAL B 337 -8.85 11.75 -12.81
N LEU B 338 -8.49 10.78 -11.96
CA LEU B 338 -7.45 9.84 -12.32
C LEU B 338 -7.84 8.97 -13.51
N TYR B 339 -9.12 8.63 -13.63
CA TYR B 339 -9.58 7.83 -14.77
C TYR B 339 -9.79 8.66 -16.02
N LYS B 340 -9.98 9.98 -15.90
CA LYS B 340 -10.02 10.84 -17.07
C LYS B 340 -8.62 11.06 -17.65
N ASP B 341 -7.61 11.16 -16.78
CA ASP B 341 -6.24 11.22 -17.26
C ASP B 341 -5.83 9.93 -17.96
N ARG B 342 -6.55 8.83 -17.73
CA ARG B 342 -6.34 7.56 -18.39
C ARG B 342 -7.21 7.39 -19.64
N ASP B 343 -7.97 8.43 -20.00
CA ASP B 343 -8.91 8.43 -21.11
C ASP B 343 -10.06 7.45 -20.93
N ASN B 344 -10.26 6.96 -19.70
CA ASN B 344 -11.42 6.12 -19.37
C ASN B 344 -12.60 7.04 -19.04
N LEU B 345 -13.12 7.69 -20.08
CA LEU B 345 -14.13 8.73 -19.88
C LEU B 345 -15.43 8.14 -19.35
N ASP B 346 -15.77 6.91 -19.76
CA ASP B 346 -16.98 6.27 -19.23
C ASP B 346 -16.91 6.13 -17.72
N LYS B 347 -15.80 5.60 -17.21
CA LYS B 347 -15.68 5.44 -15.76
C LYS B 347 -15.52 6.78 -15.05
N ALA B 348 -14.86 7.74 -15.70
CA ALA B 348 -14.74 9.07 -15.09
C ALA B 348 -16.11 9.69 -14.88
N VAL B 349 -17.02 9.50 -15.85
CA VAL B 349 -18.39 10.00 -15.69
C VAL B 349 -19.07 9.31 -14.51
N GLU B 350 -18.94 7.99 -14.41
CA GLU B 350 -19.61 7.27 -13.33
C GLU B 350 -19.09 7.70 -11.97
N CYS B 351 -17.80 8.02 -11.87
CA CYS B 351 -17.27 8.51 -10.60
C CYS B 351 -17.87 9.87 -10.25
N TYR B 352 -17.90 10.79 -11.23
CA TYR B 352 -18.48 12.11 -10.97
C TYR B 352 -19.96 12.00 -10.61
N GLN B 353 -20.66 11.07 -11.26
CA GLN B 353 -22.08 10.87 -10.97
C GLN B 353 -22.29 10.42 -9.52
N MET B 354 -21.42 9.52 -9.02
CA MET B 354 -21.55 9.08 -7.64
C MET B 354 -21.19 10.19 -6.67
N ALA B 355 -20.21 11.03 -7.02
CA ALA B 355 -19.92 12.20 -6.21
C ALA B 355 -21.13 13.13 -6.14
N LEU B 356 -21.71 13.46 -7.28
CA LEU B 356 -22.83 14.39 -7.31
C LEU B 356 -24.11 13.78 -6.74
N SER B 357 -24.19 12.45 -6.65
CA SER B 357 -25.30 11.84 -5.95
C SER B 357 -25.14 11.95 -4.44
N ILE B 358 -23.96 12.33 -3.95
CA ILE B 358 -23.74 12.53 -2.52
C ILE B 358 -23.75 14.02 -2.17
N LYS B 359 -23.08 14.84 -2.96
CA LYS B 359 -23.03 16.29 -2.75
C LYS B 359 -23.39 16.95 -4.07
N PRO B 360 -24.69 17.14 -4.34
CA PRO B 360 -25.11 17.65 -5.65
C PRO B 360 -24.50 18.99 -6.02
N ASN B 361 -24.14 19.82 -5.04
CA ASN B 361 -23.51 21.10 -5.30
C ASN B 361 -22.01 21.06 -5.09
N PHE B 362 -21.38 19.91 -5.37
CA PHE B 362 -19.94 19.75 -5.29
C PHE B 362 -19.33 20.38 -6.53
N ALA B 363 -18.73 21.57 -6.37
CA ALA B 363 -18.34 22.36 -7.53
C ALA B 363 -17.33 21.64 -8.41
N GLN B 364 -16.39 20.90 -7.80
CA GLN B 364 -15.38 20.22 -8.60
C GLN B 364 -16.00 19.18 -9.52
N SER B 365 -16.86 18.32 -8.98
CA SER B 365 -17.42 17.24 -9.79
C SER B 365 -18.34 17.77 -10.88
N LEU B 366 -19.07 18.86 -10.62
CA LEU B 366 -19.88 19.47 -11.68
C LEU B 366 -19.00 19.97 -12.81
N ASN B 367 -17.91 20.68 -12.46
CA ASN B 367 -16.98 21.16 -13.47
C ASN B 367 -16.29 20.00 -14.17
N ASN B 368 -15.81 19.03 -13.40
CA ASN B 368 -15.09 17.91 -13.98
C ASN B 368 -15.99 17.09 -14.90
N LEU B 369 -17.24 16.87 -14.50
CA LEU B 369 -18.21 16.24 -15.39
C LEU B 369 -18.41 17.07 -16.65
N GLY B 370 -18.48 18.39 -16.49
CA GLY B 370 -18.63 19.26 -17.64
C GLY B 370 -17.46 19.18 -18.60
N VAL B 371 -16.24 19.08 -18.05
CA VAL B 371 -15.06 18.90 -18.89
C VAL B 371 -15.16 17.62 -19.70
N VAL B 372 -15.59 16.52 -19.07
CA VAL B 372 -15.75 15.27 -19.80
C VAL B 372 -16.77 15.42 -20.92
N TYR B 373 -17.90 16.06 -20.62
CA TYR B 373 -18.94 16.25 -21.63
C TYR B 373 -18.44 17.16 -22.75
N THR B 374 -17.61 18.16 -22.41
CA THR B 374 -17.00 18.99 -23.44
C THR B 374 -16.17 18.16 -24.41
N VAL B 375 -15.45 17.16 -23.89
CA VAL B 375 -14.65 16.31 -24.75
C VAL B 375 -15.54 15.36 -25.55
N GLN B 376 -16.60 14.83 -24.92
CA GLN B 376 -17.47 13.89 -25.61
C GLN B 376 -18.36 14.57 -26.65
N GLY B 377 -18.48 15.90 -26.63
CA GLY B 377 -19.27 16.61 -27.60
C GLY B 377 -20.69 16.93 -27.17
N LYS B 378 -21.08 16.55 -25.96
CA LYS B 378 -22.41 16.89 -25.43
C LYS B 378 -22.34 18.32 -24.90
N MET B 379 -22.52 19.27 -25.82
CA MET B 379 -22.26 20.67 -25.52
C MET B 379 -23.28 21.23 -24.54
N ASP B 380 -24.57 20.94 -24.76
CA ASP B 380 -25.62 21.48 -23.89
C ASP B 380 -25.44 20.99 -22.46
N ALA B 381 -25.24 19.68 -22.28
CA ALA B 381 -25.04 19.14 -20.94
C ALA B 381 -23.76 19.68 -20.32
N ALA B 382 -22.72 19.86 -21.13
CA ALA B 382 -21.46 20.39 -20.60
C ALA B 382 -21.65 21.82 -20.08
N ALA B 383 -22.41 22.64 -20.79
CA ALA B 383 -22.67 24.00 -20.32
C ALA B 383 -23.46 23.99 -19.03
N SER B 384 -24.49 23.14 -18.95
CA SER B 384 -25.28 23.03 -17.71
C SER B 384 -24.40 22.63 -16.54
N MET B 385 -23.51 21.66 -16.75
CA MET B 385 -22.63 21.20 -15.68
C MET B 385 -21.75 22.34 -15.17
N ILE B 386 -21.12 23.07 -16.10
CA ILE B 386 -20.18 24.11 -15.69
C ILE B 386 -20.91 25.31 -15.09
N GLU B 387 -22.09 25.62 -15.62
CA GLU B 387 -22.88 26.70 -15.04
C GLU B 387 -23.24 26.41 -13.59
N LYS B 388 -23.58 25.16 -13.29
CA LYS B 388 -23.86 24.78 -11.91
C LYS B 388 -22.58 24.81 -11.07
N ALA B 389 -21.44 24.44 -11.66
CA ALA B 389 -20.18 24.55 -10.94
C ALA B 389 -19.89 26.00 -10.55
N ILE B 390 -20.24 26.94 -11.42
CA ILE B 390 -19.98 28.35 -11.15
C ILE B 390 -20.99 28.88 -10.12
N LEU B 391 -22.24 28.43 -10.19
CA LEU B 391 -23.22 28.82 -9.17
C LEU B 391 -22.77 28.34 -7.79
N ALA B 392 -22.17 27.15 -7.73
CA ALA B 392 -21.71 26.61 -6.45
C ALA B 392 -20.51 27.39 -5.91
N ASN B 393 -19.52 27.65 -6.78
CA ASN B 393 -18.34 28.44 -6.43
C ASN B 393 -18.26 29.65 -7.35
N PRO B 394 -18.82 30.80 -6.95
CA PRO B 394 -18.84 31.97 -7.85
C PRO B 394 -17.46 32.52 -8.22
N THR B 395 -16.38 32.02 -7.62
CA THR B 395 -15.03 32.44 -7.97
C THR B 395 -14.21 31.29 -8.54
N TYR B 396 -14.90 30.28 -9.07
CA TYR B 396 -14.27 29.09 -9.66
C TYR B 396 -13.72 29.50 -11.02
N ALA B 397 -12.51 30.09 -10.98
CA ALA B 397 -11.94 30.70 -12.18
C ALA B 397 -11.70 29.65 -13.27
N GLU B 398 -11.15 28.49 -12.91
CA GLU B 398 -10.93 27.45 -13.91
C GLU B 398 -12.25 26.98 -14.51
N ALA B 399 -13.34 27.01 -13.73
CA ALA B 399 -14.64 26.68 -14.30
C ALA B 399 -15.02 27.67 -15.39
N PHE B 400 -14.76 28.96 -15.17
CA PHE B 400 -15.02 29.97 -16.19
C PHE B 400 -14.15 29.72 -17.43
N ASN B 401 -12.88 29.36 -17.23
CA ASN B 401 -12.01 29.07 -18.37
C ASN B 401 -12.52 27.87 -19.16
N ASN B 402 -12.99 26.83 -18.48
CA ASN B 402 -13.53 25.68 -19.19
C ASN B 402 -14.81 26.04 -19.92
N LEU B 403 -15.58 26.98 -19.38
CA LEU B 403 -16.79 27.44 -20.08
C LEU B 403 -16.42 28.15 -21.38
N GLY B 404 -15.38 28.98 -21.35
CA GLY B 404 -14.92 29.61 -22.58
C GLY B 404 -14.42 28.60 -23.59
N VAL B 405 -13.72 27.57 -23.13
CA VAL B 405 -13.27 26.49 -24.01
C VAL B 405 -14.48 25.86 -24.69
N LEU B 406 -15.53 25.57 -23.93
CA LEU B 406 -16.73 24.99 -24.50
C LEU B 406 -17.37 25.90 -25.53
N TYR B 407 -17.44 27.20 -25.25
CA TYR B 407 -18.07 28.14 -26.19
C TYR B 407 -17.25 28.26 -27.46
N ARG B 408 -15.92 28.25 -27.34
CA ARG B 408 -15.06 28.31 -28.51
C ARG B 408 -15.19 27.06 -29.36
N ASP B 409 -15.31 25.88 -28.72
CA ASP B 409 -15.46 24.64 -29.47
C ASP B 409 -16.70 24.67 -30.34
N ALA B 410 -17.80 25.20 -29.82
CA ALA B 410 -19.03 25.35 -30.59
C ALA B 410 -18.98 26.56 -31.52
N GLY B 411 -17.85 27.26 -31.59
CA GLY B 411 -17.70 28.35 -32.52
C GLY B 411 -18.39 29.62 -32.12
N ASN B 412 -18.48 29.91 -30.82
CA ASN B 412 -19.05 31.14 -30.33
C ASN B 412 -17.91 31.92 -29.67
N ILE B 413 -17.18 32.69 -30.48
CA ILE B 413 -15.93 33.26 -30.02
C ILE B 413 -16.17 34.41 -29.05
N THR B 414 -17.23 35.19 -29.28
CA THR B 414 -17.47 36.34 -28.41
C THR B 414 -17.79 35.89 -26.99
N MET B 415 -18.67 34.91 -26.85
CA MET B 415 -18.98 34.37 -25.53
C MET B 415 -17.79 33.63 -24.93
N ALA B 416 -16.99 32.96 -25.76
CA ALA B 416 -15.80 32.29 -25.24
C ALA B 416 -14.81 33.30 -24.66
N ILE B 417 -14.62 34.44 -25.33
CA ILE B 417 -13.75 35.49 -24.82
C ILE B 417 -14.32 36.07 -23.52
N ASP B 418 -15.65 36.19 -23.45
CA ASP B 418 -16.28 36.67 -22.23
C ASP B 418 -15.93 35.77 -21.04
N ALA B 419 -16.16 34.46 -21.19
CA ALA B 419 -15.84 33.52 -20.12
C ALA B 419 -14.36 33.57 -19.74
N TYR B 420 -13.47 33.81 -20.70
CA TYR B 420 -12.07 34.01 -20.35
C TYR B 420 -11.87 35.31 -19.60
N GLU B 421 -12.57 36.38 -20.01
CA GLU B 421 -12.41 37.66 -19.35
C GLU B 421 -12.97 37.64 -17.94
N GLU B 422 -14.03 36.86 -17.72
CA GLU B 422 -14.58 36.75 -16.37
C GLU B 422 -13.63 35.96 -15.46
N CYS B 423 -13.03 34.90 -15.99
CA CYS B 423 -12.02 34.18 -15.23
C CYS B 423 -10.85 35.10 -14.88
N LEU B 424 -10.46 35.96 -15.82
CA LEU B 424 -9.32 36.86 -15.58
C LEU B 424 -9.67 37.96 -14.60
N LYS B 425 -10.95 38.32 -14.49
CA LYS B 425 -11.35 39.21 -13.41
C LYS B 425 -11.17 38.55 -12.05
N ILE B 426 -11.34 37.23 -11.98
CA ILE B 426 -11.21 36.49 -10.73
C ILE B 426 -9.75 36.17 -10.44
N ASP B 427 -9.00 35.73 -11.46
CA ASP B 427 -7.58 35.40 -11.34
C ASP B 427 -6.85 36.10 -12.48
N PRO B 428 -6.31 37.30 -12.25
CA PRO B 428 -5.67 38.04 -13.34
C PRO B 428 -4.41 37.39 -13.88
N ASP B 429 -3.87 36.39 -13.19
CA ASP B 429 -2.66 35.70 -13.62
C ASP B 429 -2.94 34.29 -14.12
N SER B 430 -4.20 33.96 -14.38
CA SER B 430 -4.56 32.61 -14.84
C SER B 430 -3.91 32.32 -16.18
N ARG B 431 -2.95 31.38 -16.18
CA ARG B 431 -2.26 30.99 -17.42
C ARG B 431 -3.23 30.48 -18.47
N ASN B 432 -4.31 29.82 -18.05
CA ASN B 432 -5.19 29.13 -18.98
C ASN B 432 -6.06 30.11 -19.75
N ALA B 433 -6.86 30.90 -19.03
CA ALA B 433 -7.74 31.86 -19.67
C ALA B 433 -6.95 32.95 -20.38
N GLY B 434 -5.79 33.31 -19.84
CA GLY B 434 -4.99 34.35 -20.47
C GLY B 434 -4.56 33.98 -21.88
N GLN B 435 -3.99 32.78 -22.03
CA GLN B 435 -3.55 32.35 -23.35
C GLN B 435 -4.74 31.97 -24.23
N ASN B 436 -5.77 31.34 -23.65
CA ASN B 436 -6.95 31.00 -24.43
C ASN B 436 -7.67 32.23 -24.96
N ARG B 437 -7.52 33.37 -24.27
CA ARG B 437 -8.18 34.58 -24.75
C ARG B 437 -7.41 35.21 -25.91
N LEU B 438 -6.09 35.29 -25.79
CA LEU B 438 -5.28 35.77 -26.91
C LEU B 438 -5.48 34.89 -28.14
N LEU B 439 -5.52 33.57 -27.96
CA LEU B 439 -5.75 32.68 -29.08
C LEU B 439 -7.13 32.89 -29.68
N ALA B 440 -8.16 33.05 -28.82
CA ALA B 440 -9.52 33.17 -29.32
C ALA B 440 -9.71 34.43 -30.16
N MET B 441 -9.05 35.51 -29.74
CA MET B 441 -9.25 36.80 -30.41
C MET B 441 -8.78 36.78 -31.86
N ASN B 442 -7.86 35.87 -32.21
CA ASN B 442 -7.44 35.75 -33.61
C ASN B 442 -8.57 35.28 -34.51
N TYR B 443 -9.57 34.59 -33.98
CA TYR B 443 -10.63 34.05 -34.82
C TYR B 443 -11.55 35.13 -35.37
N ILE B 444 -11.56 36.32 -34.77
CA ILE B 444 -12.42 37.40 -35.22
C ILE B 444 -11.67 38.71 -35.42
N ASN B 445 -10.38 38.77 -35.12
CA ASN B 445 -9.64 40.02 -35.23
C ASN B 445 -9.24 40.24 -36.68
N GLU B 446 -9.85 41.23 -37.33
CA GLU B 446 -9.47 41.59 -38.68
C GLU B 446 -8.37 42.66 -38.70
N GLY B 447 -7.88 43.06 -37.54
CA GLY B 447 -6.65 43.83 -37.43
C GLY B 447 -6.65 45.22 -38.03
N LEU B 448 -7.63 46.03 -37.65
CA LEU B 448 -7.69 47.44 -38.07
C LEU B 448 -7.30 48.40 -36.96
N ASP B 449 -6.91 47.87 -35.80
CA ASP B 449 -6.49 48.63 -34.63
C ASP B 449 -5.27 47.92 -34.07
N ASP B 450 -4.86 48.29 -32.87
CA ASP B 450 -3.71 47.67 -32.23
C ASP B 450 -4.08 47.03 -30.90
N LYS B 451 -5.38 46.87 -30.62
CA LYS B 451 -5.80 46.29 -29.34
C LYS B 451 -5.36 44.84 -29.21
N LEU B 452 -5.26 44.11 -30.33
CA LEU B 452 -4.79 42.73 -30.27
C LEU B 452 -3.33 42.67 -29.88
N PHE B 453 -2.47 43.44 -30.56
CA PHE B 453 -1.05 43.45 -30.22
C PHE B 453 -0.80 43.94 -28.79
N GLU B 454 -1.58 44.92 -28.35
CA GLU B 454 -1.43 45.41 -26.98
C GLU B 454 -1.80 44.33 -25.97
N ALA B 455 -2.87 43.57 -26.25
CA ALA B 455 -3.26 42.49 -25.36
C ALA B 455 -2.16 41.45 -25.26
N HIS B 456 -1.51 41.12 -26.39
CA HIS B 456 -0.39 40.19 -26.35
C HIS B 456 0.78 40.79 -25.56
N ARG B 457 1.08 42.07 -25.79
CA ARG B 457 2.21 42.70 -25.12
C ARG B 457 1.94 42.87 -23.63
N ASP B 458 0.71 43.25 -23.26
CA ASP B 458 0.36 43.35 -21.85
C ASP B 458 0.53 42.01 -21.15
N TRP B 459 0.09 40.93 -21.80
CA TRP B 459 0.28 39.59 -21.24
C TRP B 459 1.76 39.28 -21.07
N GLY B 460 2.59 39.65 -22.05
CA GLY B 460 3.99 39.30 -22.00
C GLY B 460 4.71 39.97 -20.84
N TRP B 461 4.39 41.24 -20.56
CA TRP B 461 4.98 41.92 -19.43
C TRP B 461 4.61 41.23 -18.12
N ARG B 462 3.31 41.05 -17.88
CA ARG B 462 2.85 40.43 -16.64
C ARG B 462 3.39 39.01 -16.49
N PHE B 463 3.53 38.29 -17.60
CA PHE B 463 4.03 36.92 -17.54
C PHE B 463 5.53 36.87 -17.26
N THR B 464 6.31 37.74 -17.91
CA THR B 464 7.75 37.72 -17.73
C THR B 464 8.16 38.10 -16.31
N ARG B 465 7.35 38.92 -15.63
CA ARG B 465 7.69 39.30 -14.27
C ARG B 465 7.53 38.13 -13.30
N LEU B 466 6.62 37.20 -13.60
CA LEU B 466 6.44 36.01 -12.79
C LEU B 466 7.51 34.95 -13.05
N HIS B 467 8.53 35.23 -13.86
CA HIS B 467 9.53 34.25 -14.24
C HIS B 467 10.92 34.83 -14.10
N PRO B 468 11.82 34.20 -13.35
CA PRO B 468 13.22 34.66 -13.33
C PRO B 468 13.87 34.42 -14.67
N GLN B 469 14.64 35.41 -15.13
CA GLN B 469 15.30 35.34 -16.42
C GLN B 469 16.81 35.24 -16.24
N TYR B 470 17.42 34.39 -17.05
CA TYR B 470 18.87 34.26 -17.09
C TYR B 470 19.46 35.44 -17.84
N THR B 471 20.48 36.06 -17.25
CA THR B 471 21.04 37.31 -17.77
C THR B 471 22.42 37.13 -18.37
N SER B 472 22.91 35.89 -18.47
CA SER B 472 24.20 35.62 -19.09
C SER B 472 24.17 34.22 -19.70
N TRP B 473 24.95 34.04 -20.76
CA TRP B 473 24.96 32.78 -21.50
C TRP B 473 26.39 32.39 -21.82
N ASP B 474 26.73 31.13 -21.58
CA ASP B 474 28.11 30.66 -21.74
C ASP B 474 28.45 30.29 -23.18
N ASN B 475 27.49 30.35 -24.10
CA ASN B 475 27.70 29.80 -25.43
C ASN B 475 28.83 30.52 -26.16
N LEU B 476 29.70 29.73 -26.78
CA LEU B 476 30.89 30.25 -27.43
C LEU B 476 30.50 31.01 -28.71
N LYS B 477 30.86 32.29 -28.78
CA LYS B 477 30.44 33.15 -29.88
C LYS B 477 31.34 32.91 -31.09
N ASP B 478 30.97 31.93 -31.93
CA ASP B 478 31.68 31.77 -33.18
C ASP B 478 30.72 31.52 -34.34
N PRO B 479 30.73 32.40 -35.35
CA PRO B 479 29.63 32.41 -36.33
C PRO B 479 29.44 31.13 -37.13
N GLU B 480 30.50 30.42 -37.49
CA GLU B 480 30.37 29.27 -38.39
C GLU B 480 30.52 27.94 -37.67
N ARG B 481 30.36 27.94 -36.35
CA ARG B 481 30.36 26.69 -35.59
C ARG B 481 29.14 25.84 -35.96
N PRO B 482 29.26 24.52 -35.91
CA PRO B 482 28.07 23.66 -35.97
C PRO B 482 27.09 23.99 -34.84
N ILE B 483 25.84 24.22 -35.21
CA ILE B 483 24.82 24.75 -34.30
C ILE B 483 23.89 23.63 -33.89
N THR B 484 23.63 23.52 -32.59
CA THR B 484 22.61 22.62 -32.07
C THR B 484 21.37 23.45 -31.73
N ILE B 485 20.34 23.32 -32.56
CA ILE B 485 19.10 24.06 -32.43
C ILE B 485 18.07 23.17 -31.74
N GLY B 486 17.19 23.79 -30.96
CA GLY B 486 16.21 23.07 -30.17
C GLY B 486 14.79 23.40 -30.55
N TYR B 487 13.95 22.37 -30.65
CA TYR B 487 12.52 22.53 -30.89
C TYR B 487 11.77 22.02 -29.67
N ILE B 488 10.99 22.91 -29.05
CA ILE B 488 10.18 22.56 -27.89
C ILE B 488 8.71 22.70 -28.29
N SER B 489 7.94 21.63 -28.10
CA SER B 489 6.55 21.58 -28.51
C SER B 489 5.87 20.34 -27.94
N PRO B 490 4.56 20.40 -27.65
CA PRO B 490 3.84 19.20 -27.22
C PRO B 490 3.18 18.43 -28.35
N ASP B 491 3.36 18.86 -29.60
CA ASP B 491 2.57 18.41 -30.73
C ASP B 491 3.35 17.50 -31.67
N PHE B 492 4.25 16.68 -31.13
CA PHE B 492 5.01 15.76 -31.95
C PHE B 492 4.29 14.44 -32.18
N PHE B 493 3.00 14.38 -31.87
CA PHE B 493 2.08 13.29 -32.21
C PHE B 493 1.36 13.68 -33.49
N THR B 494 0.36 12.90 -33.89
CA THR B 494 -0.38 13.24 -35.12
C THR B 494 -1.20 14.49 -34.81
N HIS B 495 -0.67 15.63 -35.23
CA HIS B 495 -1.20 16.94 -34.91
C HIS B 495 -0.90 17.86 -36.08
N SER B 496 -1.65 18.96 -36.17
CA SER B 496 -1.47 19.90 -37.27
C SER B 496 -0.01 20.33 -37.41
N VAL B 497 0.68 20.56 -36.28
CA VAL B 497 2.06 21.02 -36.31
C VAL B 497 2.99 19.95 -36.85
N SER B 498 2.64 18.67 -36.67
CA SER B 498 3.54 17.59 -37.08
C SER B 498 3.80 17.61 -38.58
N TYR B 499 2.75 17.81 -39.38
CA TYR B 499 2.89 17.81 -40.83
C TYR B 499 3.87 18.88 -41.31
N PHE B 500 4.05 19.94 -40.52
CA PHE B 500 4.98 21.01 -40.88
C PHE B 500 6.29 20.94 -40.10
N ILE B 501 6.39 20.06 -39.11
CA ILE B 501 7.65 19.84 -38.38
C ILE B 501 8.22 18.46 -38.70
N GLU B 502 7.67 17.76 -39.69
CA GLU B 502 8.31 16.54 -40.16
C GLU B 502 9.32 16.86 -41.27
N ALA B 503 8.98 17.81 -42.14
CA ALA B 503 9.89 18.24 -43.18
C ALA B 503 11.26 18.68 -42.66
N PRO B 504 11.38 19.55 -41.62
CA PRO B 504 12.72 19.89 -41.13
C PRO B 504 13.45 18.73 -40.49
N LEU B 505 12.81 18.03 -39.56
CA LEU B 505 13.44 16.89 -38.89
C LEU B 505 14.02 15.90 -39.88
N THR B 506 13.34 15.69 -40.99
CA THR B 506 13.78 14.74 -42.00
C THR B 506 14.93 15.29 -42.82
N HIS B 507 14.79 16.51 -43.35
CA HIS B 507 15.77 17.08 -44.27
C HIS B 507 16.69 18.11 -43.61
N HIS B 508 16.73 18.16 -42.28
CA HIS B 508 17.75 18.95 -41.62
C HIS B 508 19.11 18.29 -41.77
N ASP B 509 20.16 19.10 -41.85
CA ASP B 509 21.52 18.57 -41.86
C ASP B 509 22.03 18.54 -40.44
N TYR B 510 21.96 17.37 -39.81
CA TYR B 510 22.41 17.21 -38.43
C TYR B 510 23.90 17.48 -38.28
N THR B 511 24.66 17.41 -39.38
CA THR B 511 26.11 17.55 -39.31
C THR B 511 26.52 18.94 -38.84
N LYS B 512 25.89 19.98 -39.40
CA LYS B 512 26.19 21.35 -39.00
C LYS B 512 25.01 22.09 -38.39
N TYR B 513 23.79 21.52 -38.44
CA TYR B 513 22.65 22.05 -37.67
C TYR B 513 22.04 20.87 -36.92
N LYS B 514 22.54 20.60 -35.73
CA LYS B 514 21.99 19.53 -34.91
C LYS B 514 20.69 19.96 -34.26
N VAL B 515 19.78 19.00 -34.09
CA VAL B 515 18.46 19.27 -33.52
C VAL B 515 18.35 18.54 -32.19
N VAL B 516 17.83 19.25 -31.20
CA VAL B 516 17.45 18.66 -29.92
C VAL B 516 15.96 18.89 -29.74
N VAL B 517 15.19 17.81 -29.69
CA VAL B 517 13.74 17.89 -29.64
C VAL B 517 13.31 17.82 -28.18
N TYR B 518 12.54 18.81 -27.73
CA TYR B 518 11.96 18.83 -26.40
C TYR B 518 10.48 18.52 -26.55
N SER B 519 10.15 17.23 -26.44
CA SER B 519 8.79 16.75 -26.69
C SER B 519 7.98 16.77 -25.40
N ALA B 520 6.93 17.59 -25.38
CA ALA B 520 5.97 17.61 -24.29
C ALA B 520 4.69 16.85 -24.62
N VAL B 521 4.80 15.82 -25.48
CA VAL B 521 3.64 15.09 -25.95
C VAL B 521 2.91 14.46 -24.79
N VAL B 522 1.63 14.82 -24.61
CA VAL B 522 0.84 14.27 -23.51
C VAL B 522 0.53 12.80 -23.76
N LYS B 523 0.23 12.43 -25.01
CA LYS B 523 -0.05 11.04 -25.38
C LYS B 523 0.63 10.76 -26.71
N ALA B 524 1.73 10.02 -26.67
CA ALA B 524 2.48 9.71 -27.89
C ALA B 524 1.71 8.72 -28.76
N ASP B 525 2.13 8.60 -30.01
CA ASP B 525 1.53 7.69 -30.96
C ASP B 525 2.61 7.24 -31.93
N ALA B 526 2.19 6.54 -33.00
CA ALA B 526 3.14 6.04 -33.99
C ALA B 526 3.97 7.17 -34.58
N LYS B 527 3.36 8.35 -34.80
CA LYS B 527 4.09 9.47 -35.37
C LYS B 527 5.20 9.95 -34.45
N THR B 528 4.96 9.93 -33.13
CA THR B 528 5.99 10.36 -32.19
C THR B 528 7.23 9.49 -32.29
N TYR B 529 7.05 8.17 -32.20
CA TYR B 529 8.17 7.24 -32.29
C TYR B 529 8.82 7.31 -33.67
N ARG B 530 8.00 7.40 -34.73
CA ARG B 530 8.53 7.52 -36.08
C ARG B 530 9.42 8.76 -36.20
N PHE B 531 8.97 9.88 -35.63
CA PHE B 531 9.84 11.05 -35.52
C PHE B 531 11.07 10.73 -34.65
N ARG B 532 10.84 10.22 -33.44
CA ARG B 532 11.92 9.98 -32.49
C ARG B 532 12.99 9.07 -33.08
N ASP B 533 12.59 7.91 -33.60
CA ASP B 533 13.55 6.98 -34.17
C ASP B 533 14.30 7.61 -35.34
N LYS B 534 13.59 8.39 -36.16
CA LYS B 534 14.25 9.15 -37.21
C LYS B 534 15.27 10.13 -36.63
N VAL B 535 14.82 10.99 -35.70
CA VAL B 535 15.70 11.99 -35.11
C VAL B 535 16.94 11.34 -34.49
N LEU B 536 16.74 10.25 -33.76
CA LEU B 536 17.87 9.58 -33.12
C LEU B 536 18.81 8.96 -34.14
N LYS B 537 18.27 8.43 -35.24
CA LYS B 537 19.10 7.78 -36.25
C LYS B 537 20.08 8.76 -36.89
N LYS B 538 19.65 9.99 -37.13
CA LYS B 538 20.51 10.96 -37.81
C LYS B 538 21.51 11.61 -36.87
N GLY B 539 21.43 11.38 -35.57
CA GLY B 539 22.36 11.91 -34.61
C GLY B 539 21.88 13.07 -33.75
N GLY B 540 20.56 13.26 -33.60
CA GLY B 540 20.03 14.31 -32.76
C GLY B 540 19.59 13.78 -31.40
N VAL B 541 19.29 14.72 -30.51
CA VAL B 541 18.81 14.38 -29.16
C VAL B 541 17.30 14.46 -29.13
N TRP B 542 16.69 13.60 -28.32
CA TRP B 542 15.26 13.60 -28.09
C TRP B 542 15.02 13.46 -26.60
N LYS B 543 14.46 14.48 -25.98
CA LYS B 543 14.19 14.51 -24.55
C LYS B 543 12.69 14.64 -24.33
N ASP B 544 12.10 13.66 -23.63
CA ASP B 544 10.72 13.77 -23.21
C ASP B 544 10.64 14.69 -22.00
N ILE B 545 9.95 15.82 -22.15
CA ILE B 545 9.84 16.82 -21.10
C ILE B 545 8.46 16.84 -20.48
N TYR B 546 7.61 15.85 -20.77
CA TYR B 546 6.26 15.85 -20.22
C TYR B 546 6.29 15.71 -18.71
N GLY B 547 5.41 16.44 -18.04
CA GLY B 547 5.36 16.42 -16.59
C GLY B 547 6.47 17.19 -15.90
N ILE B 548 7.36 17.84 -16.66
CA ILE B 548 8.51 18.54 -16.11
C ILE B 548 8.20 20.03 -16.09
N ASP B 549 8.49 20.67 -14.96
CA ASP B 549 8.27 22.11 -14.81
C ASP B 549 9.07 22.87 -15.87
N GLU B 550 8.50 23.99 -16.32
CA GLU B 550 9.15 24.81 -17.33
C GLU B 550 10.48 25.38 -16.85
N LYS B 551 10.66 25.51 -15.54
CA LYS B 551 11.91 26.07 -15.03
C LYS B 551 13.04 25.05 -15.13
N LYS B 552 12.78 23.78 -14.79
CA LYS B 552 13.81 22.78 -14.99
C LYS B 552 14.08 22.56 -16.48
N ILE B 553 13.02 22.54 -17.31
CA ILE B 553 13.23 22.50 -18.76
C ILE B 553 14.16 23.62 -19.20
N ALA B 554 13.99 24.81 -18.61
CA ALA B 554 14.85 25.93 -18.95
C ALA B 554 16.30 25.64 -18.64
N SER B 555 16.57 25.01 -17.49
CA SER B 555 17.95 24.72 -17.13
C SER B 555 18.48 23.50 -17.88
N MET B 556 17.61 22.58 -18.30
CA MET B 556 18.05 21.52 -19.22
C MET B 556 18.56 22.12 -20.53
N VAL B 557 17.93 23.20 -20.98
CA VAL B 557 18.32 23.83 -22.23
C VAL B 557 19.76 24.32 -22.15
N ARG B 558 20.17 24.83 -20.98
CA ARG B 558 21.56 25.24 -20.81
C ARG B 558 22.48 24.05 -20.71
N GLU B 559 22.04 22.98 -20.03
CA GLU B 559 22.82 21.74 -19.98
C GLU B 559 23.15 21.26 -21.38
N ASP B 560 22.14 21.19 -22.25
CA ASP B 560 22.30 20.74 -23.62
C ASP B 560 22.96 21.77 -24.53
N LYS B 561 23.37 22.92 -23.97
CA LYS B 561 24.04 23.98 -24.73
C LYS B 561 23.24 24.37 -25.96
N ILE B 562 21.93 24.56 -25.77
CA ILE B 562 21.04 24.86 -26.89
C ILE B 562 21.40 26.25 -27.45
N ASP B 563 21.72 26.29 -28.75
CA ASP B 563 22.01 27.57 -29.39
C ASP B 563 20.71 28.29 -29.81
N ILE B 564 19.92 27.64 -30.65
CA ILE B 564 18.64 28.16 -31.14
C ILE B 564 17.54 27.44 -30.37
N LEU B 565 16.77 28.16 -29.56
CA LEU B 565 15.59 27.58 -28.94
C LEU B 565 14.35 28.07 -29.69
N VAL B 566 13.66 27.15 -30.35
CA VAL B 566 12.50 27.48 -31.17
C VAL B 566 11.29 26.78 -30.56
N GLU B 567 10.31 27.56 -30.12
CA GLU B 567 9.05 27.00 -29.67
C GLU B 567 8.04 26.99 -30.81
N LEU B 568 7.17 25.98 -30.82
CA LEU B 568 6.24 25.78 -31.93
C LEU B 568 4.81 25.67 -31.43
N THR B 569 4.47 26.36 -30.37
CA THR B 569 3.12 26.25 -29.82
C THR B 569 2.43 27.60 -29.67
N GLY B 570 3.18 28.66 -29.33
CA GLY B 570 2.56 29.95 -29.12
C GLY B 570 1.67 29.94 -27.90
N HIS B 571 0.43 30.40 -28.06
CA HIS B 571 -0.57 30.36 -27.01
C HIS B 571 -1.56 29.22 -27.19
N THR B 572 -1.23 28.24 -28.03
CA THR B 572 -2.07 27.06 -28.15
C THR B 572 -1.76 26.09 -27.00
N ALA B 573 -2.61 25.08 -26.88
CA ALA B 573 -2.66 24.27 -25.66
C ALA B 573 -1.32 23.58 -25.40
N ASN B 574 -1.00 23.44 -24.11
CA ASN B 574 0.21 22.75 -23.64
C ASN B 574 1.49 23.39 -24.18
N ASN B 575 1.45 24.70 -24.43
CA ASN B 575 2.65 25.44 -24.77
C ASN B 575 3.61 25.49 -23.58
N LYS B 576 4.86 25.84 -23.87
CA LYS B 576 5.95 25.86 -22.90
C LYS B 576 6.62 27.22 -22.90
N LEU B 577 5.81 28.27 -22.86
CA LEU B 577 6.29 29.65 -22.91
C LEU B 577 6.95 30.09 -21.61
N GLY B 578 6.60 29.43 -20.49
CA GLY B 578 7.31 29.72 -19.24
C GLY B 578 8.79 29.40 -19.33
N THR B 579 9.14 28.32 -20.05
CA THR B 579 10.55 28.04 -20.31
C THR B 579 11.19 29.18 -21.10
N MET B 580 10.46 29.72 -22.08
CA MET B 580 10.99 30.80 -22.90
C MET B 580 11.10 32.09 -22.10
N ALA B 581 10.20 32.29 -21.12
CA ALA B 581 10.21 33.51 -20.33
C ALA B 581 11.47 33.67 -19.48
N CYS B 582 12.24 32.60 -19.30
CA CYS B 582 13.49 32.67 -18.55
C CYS B 582 14.69 32.97 -19.43
N ARG B 583 14.52 32.92 -20.75
CA ARG B 583 15.58 33.11 -21.74
C ARG B 583 16.73 32.16 -21.44
N PRO B 584 16.53 30.84 -21.56
CA PRO B 584 17.65 29.91 -21.32
C PRO B 584 18.67 29.92 -22.45
N ALA B 585 18.20 30.02 -23.68
CA ALA B 585 19.07 30.07 -24.84
C ALA B 585 19.43 31.51 -25.18
N PRO B 586 20.56 31.74 -25.85
CA PRO B 586 20.92 33.11 -26.24
C PRO B 586 19.97 33.74 -27.24
N VAL B 587 19.17 32.95 -27.96
CA VAL B 587 18.31 33.44 -29.02
C VAL B 587 17.09 32.53 -29.11
N GLN B 588 15.90 33.15 -29.23
CA GLN B 588 14.65 32.41 -29.17
C GLN B 588 13.75 32.83 -30.33
N VAL B 589 13.10 31.85 -30.96
CA VAL B 589 12.20 32.06 -32.08
C VAL B 589 10.89 31.35 -31.81
N THR B 590 9.83 31.86 -32.45
CA THR B 590 8.51 31.22 -32.46
C THR B 590 8.11 30.97 -33.91
N TRP B 591 7.34 29.90 -34.13
CA TRP B 591 7.15 29.39 -35.49
C TRP B 591 6.04 28.35 -35.52
N ILE B 592 5.25 28.37 -36.61
CA ILE B 592 4.25 27.37 -36.96
C ILE B 592 3.00 27.41 -36.08
N GLY B 593 3.19 27.35 -34.76
CA GLY B 593 2.08 27.03 -33.88
C GLY B 593 1.00 28.10 -33.78
N TYR B 594 1.39 29.37 -33.71
CA TYR B 594 0.47 30.46 -33.36
C TYR B 594 0.54 31.55 -34.41
N PRO B 595 -0.63 31.99 -34.97
CA PRO B 595 -0.64 33.00 -36.03
C PRO B 595 -0.61 34.44 -35.51
N ASN B 596 0.28 34.72 -34.56
CA ASN B 596 0.47 36.07 -34.06
C ASN B 596 1.79 36.12 -33.31
N THR B 597 2.05 37.25 -32.66
CA THR B 597 3.19 37.35 -31.78
C THR B 597 2.91 36.61 -30.47
N THR B 598 3.99 36.20 -29.79
CA THR B 598 3.85 35.64 -28.45
C THR B 598 3.57 36.73 -27.42
N GLY B 599 4.02 37.96 -27.67
CA GLY B 599 3.98 39.02 -26.70
C GLY B 599 5.11 38.97 -25.69
N LEU B 600 6.00 37.98 -25.79
CA LEU B 600 7.07 37.81 -24.83
C LEU B 600 8.28 38.63 -25.25
N PRO B 601 8.78 39.54 -24.41
CA PRO B 601 10.03 40.23 -24.75
C PRO B 601 11.23 39.29 -24.79
N THR B 602 11.14 38.12 -24.17
CA THR B 602 12.27 37.18 -24.18
C THR B 602 12.49 36.54 -25.54
N VAL B 603 11.46 36.50 -26.38
CA VAL B 603 11.60 35.98 -27.74
C VAL B 603 12.04 37.11 -28.65
N ASP B 604 13.02 36.83 -29.50
CA ASP B 604 13.56 37.85 -30.39
C ASP B 604 13.02 37.76 -31.80
N TYR B 605 12.70 36.56 -32.28
CA TYR B 605 12.43 36.33 -33.69
C TYR B 605 11.12 35.59 -33.88
N ARG B 606 10.57 35.72 -35.08
CA ARG B 606 9.39 34.98 -35.51
C ARG B 606 9.55 34.67 -36.99
N ILE B 607 9.36 33.40 -37.35
CA ILE B 607 9.64 32.93 -38.70
C ILE B 607 8.37 33.01 -39.53
N THR B 608 8.39 33.87 -40.54
CA THR B 608 7.28 34.09 -41.47
C THR B 608 7.88 34.17 -42.87
N ASP B 609 7.06 34.58 -43.84
CA ASP B 609 7.55 34.90 -45.16
C ASP B 609 6.99 36.26 -45.59
N SER B 610 7.52 36.76 -46.70
CA SER B 610 7.17 38.08 -47.21
C SER B 610 5.74 38.14 -47.77
N LEU B 611 5.00 37.05 -47.75
CA LEU B 611 3.61 37.02 -48.19
C LEU B 611 2.62 36.91 -47.04
N ALA B 612 2.88 36.02 -46.07
CA ALA B 612 2.03 35.97 -44.89
C ALA B 612 2.21 37.19 -44.01
N ASP B 613 3.43 37.72 -43.95
CA ASP B 613 3.70 39.01 -43.32
C ASP B 613 4.41 39.88 -44.36
N PRO B 614 3.65 40.58 -45.20
CA PRO B 614 4.26 41.47 -46.21
C PRO B 614 5.09 42.56 -45.55
N PRO B 615 6.05 43.13 -46.27
CA PRO B 615 6.90 44.17 -45.65
C PRO B 615 6.15 45.42 -45.26
N ASP B 616 4.94 45.65 -45.77
CA ASP B 616 4.14 46.82 -45.44
C ASP B 616 3.12 46.53 -44.34
N THR B 617 3.26 45.43 -43.62
CA THR B 617 2.27 45.02 -42.63
C THR B 617 2.18 46.04 -41.50
N LYS B 618 0.98 46.57 -41.28
CA LYS B 618 0.75 47.48 -40.17
C LYS B 618 0.48 46.77 -38.86
N GLN B 619 0.53 45.43 -38.84
CA GLN B 619 0.27 44.66 -37.64
C GLN B 619 1.54 44.59 -36.80
N LYS B 620 1.44 45.03 -35.54
CA LYS B 620 2.59 45.08 -34.66
C LYS B 620 2.85 43.73 -34.00
N GLN B 621 4.13 43.38 -33.88
CA GLN B 621 4.55 42.11 -33.28
C GLN B 621 5.82 42.35 -32.47
N VAL B 622 5.84 41.80 -31.24
CA VAL B 622 6.91 42.10 -30.29
C VAL B 622 8.25 41.55 -30.76
N GLU B 623 8.24 40.49 -31.57
CA GLU B 623 9.49 39.91 -32.06
C GLU B 623 9.91 40.55 -33.38
N GLU B 624 11.19 40.43 -33.69
CA GLU B 624 11.66 40.76 -35.03
C GLU B 624 11.23 39.66 -35.99
N LEU B 625 10.72 40.08 -37.15
CA LEU B 625 10.18 39.13 -38.11
C LEU B 625 11.27 38.68 -39.08
N VAL B 626 11.47 37.38 -39.18
CA VAL B 626 12.42 36.80 -40.12
C VAL B 626 11.61 36.19 -41.25
N ARG B 627 11.76 36.74 -42.45
CA ARG B 627 11.01 36.30 -43.62
C ARG B 627 11.88 35.34 -44.42
N LEU B 628 11.45 34.08 -44.49
CA LEU B 628 12.20 33.01 -45.14
C LEU B 628 11.99 33.07 -46.66
N PRO B 629 12.85 32.44 -47.45
CA PRO B 629 12.55 32.32 -48.89
C PRO B 629 11.29 31.50 -49.14
N ASP B 630 10.43 32.03 -50.00
CA ASP B 630 9.21 31.34 -50.42
C ASP B 630 8.27 31.20 -49.22
N CYS B 631 7.84 29.98 -48.90
CA CYS B 631 6.88 29.77 -47.82
C CYS B 631 7.60 29.59 -46.48
N PHE B 632 6.93 30.03 -45.41
CA PHE B 632 7.41 29.83 -44.05
C PHE B 632 7.04 28.45 -43.50
N LEU B 633 6.23 27.69 -44.22
CA LEU B 633 5.86 26.33 -43.84
C LEU B 633 6.33 25.36 -44.92
N CYS B 634 6.26 24.08 -44.58
CA CYS B 634 6.50 23.01 -45.56
C CYS B 634 5.69 21.78 -45.17
N TYR B 635 4.72 21.46 -46.01
CA TYR B 635 3.82 20.34 -45.75
C TYR B 635 4.49 19.02 -46.11
N THR B 636 4.30 18.04 -45.23
CA THR B 636 4.68 16.67 -45.52
C THR B 636 3.44 15.80 -45.38
N PRO B 637 2.90 15.27 -46.47
CA PRO B 637 1.66 14.49 -46.40
C PRO B 637 1.93 13.05 -45.98
N SER B 638 1.05 12.51 -45.15
CA SER B 638 1.15 11.12 -44.76
C SER B 638 0.89 10.24 -45.98
N PRO B 639 1.81 9.34 -46.34
CA PRO B 639 1.65 8.58 -47.59
C PRO B 639 0.41 7.69 -47.63
N GLU B 640 -0.28 7.50 -46.51
CA GLU B 640 -1.53 6.73 -46.48
C GLU B 640 -2.75 7.61 -46.67
N ALA B 641 -2.59 8.77 -47.32
CA ALA B 641 -3.73 9.63 -47.61
C ALA B 641 -4.68 8.96 -48.59
N GLY B 642 -4.16 8.49 -49.73
CA GLY B 642 -4.99 7.93 -50.78
C GLY B 642 -4.86 8.76 -52.04
N PRO B 643 -5.27 8.20 -53.17
CA PRO B 643 -5.12 8.91 -54.44
C PRO B 643 -6.17 10.00 -54.61
N VAL B 644 -5.88 10.90 -55.54
CA VAL B 644 -6.80 11.97 -55.90
C VAL B 644 -8.06 11.34 -56.47
N SER B 645 -9.21 11.56 -55.78
CA SER B 645 -10.42 10.89 -56.22
C SER B 645 -11.21 11.76 -57.20
N PRO B 646 -11.95 11.13 -58.12
CA PRO B 646 -12.68 11.89 -59.13
C PRO B 646 -13.47 13.06 -58.56
N THR B 647 -13.56 14.12 -59.36
CA THR B 647 -14.38 15.27 -59.00
C THR B 647 -15.85 14.85 -58.92
N PRO B 648 -16.55 15.09 -57.80
CA PRO B 648 -17.92 14.58 -57.70
C PRO B 648 -18.90 15.26 -58.66
N ALA B 649 -18.61 16.47 -59.16
CA ALA B 649 -19.62 17.19 -59.93
C ALA B 649 -20.02 16.40 -61.16
N LEU B 650 -19.10 15.57 -61.68
CA LEU B 650 -19.41 14.73 -62.83
C LEU B 650 -20.45 13.66 -62.49
N SER B 651 -20.38 13.06 -61.29
CA SER B 651 -21.29 11.99 -60.92
C SER B 651 -22.54 12.47 -60.19
N ASN B 652 -22.56 13.73 -59.74
CA ASN B 652 -23.68 14.25 -58.98
C ASN B 652 -24.58 15.20 -59.75
N GLY B 653 -24.09 15.83 -60.82
CA GLY B 653 -24.90 16.79 -61.54
C GLY B 653 -24.93 18.17 -60.93
N PHE B 654 -24.15 18.41 -59.89
CA PHE B 654 -24.08 19.71 -59.23
C PHE B 654 -22.71 19.86 -58.60
N VAL B 655 -22.38 21.08 -58.19
CA VAL B 655 -21.08 21.39 -57.60
C VAL B 655 -21.24 21.52 -56.09
N THR B 656 -20.38 20.84 -55.33
CA THR B 656 -20.40 20.89 -53.89
C THR B 656 -19.21 21.71 -53.39
N PHE B 657 -19.51 22.78 -52.65
CA PHE B 657 -18.51 23.55 -51.92
C PHE B 657 -18.34 22.96 -50.53
N GLY B 658 -17.16 23.18 -49.95
CA GLY B 658 -16.89 22.58 -48.66
C GLY B 658 -15.73 23.22 -47.92
N SER B 659 -15.69 22.93 -46.62
CA SER B 659 -14.59 23.36 -45.76
C SER B 659 -14.44 22.36 -44.64
N PHE B 660 -13.20 22.08 -44.24
CA PHE B 660 -12.92 21.18 -43.13
C PHE B 660 -12.26 21.90 -41.97
N ASN B 661 -12.41 23.22 -41.90
CA ASN B 661 -11.77 24.00 -40.85
C ASN B 661 -12.59 23.98 -39.56
N ASN B 662 -11.99 24.51 -38.49
CA ASN B 662 -12.65 24.62 -37.21
C ASN B 662 -13.97 25.37 -37.34
N LEU B 663 -14.97 24.93 -36.59
CA LEU B 663 -16.19 25.72 -36.43
C LEU B 663 -15.86 27.13 -35.93
N ALA B 664 -14.84 27.23 -35.08
CA ALA B 664 -14.45 28.53 -34.52
C ALA B 664 -13.93 29.47 -35.60
N LYS B 665 -13.35 28.92 -36.67
CA LYS B 665 -12.85 29.74 -37.75
C LYS B 665 -13.97 30.26 -38.65
N ILE B 666 -15.11 29.58 -38.70
CA ILE B 666 -16.19 29.94 -39.61
C ILE B 666 -17.03 30.99 -38.89
N THR B 667 -16.64 32.25 -39.06
CA THR B 667 -17.37 33.37 -38.48
C THR B 667 -18.70 33.57 -39.20
N PRO B 668 -19.64 34.30 -38.60
CA PRO B 668 -20.90 34.58 -39.30
C PRO B 668 -20.71 35.39 -40.57
N LYS B 669 -19.68 36.24 -40.63
CA LYS B 669 -19.36 36.91 -41.89
C LYS B 669 -18.86 35.95 -42.95
N VAL B 670 -18.40 34.76 -42.56
CA VAL B 670 -18.01 33.74 -43.53
C VAL B 670 -19.24 33.04 -44.10
N LEU B 671 -20.22 32.74 -43.24
CA LEU B 671 -21.46 32.15 -43.70
C LEU B 671 -22.20 33.08 -44.66
N GLN B 672 -22.10 34.40 -44.43
CA GLN B 672 -22.69 35.36 -45.36
C GLN B 672 -22.10 35.22 -46.75
N VAL B 673 -20.77 35.18 -46.84
CA VAL B 673 -20.09 35.07 -48.14
C VAL B 673 -20.43 33.74 -48.78
N TRP B 674 -20.40 32.65 -48.01
CA TRP B 674 -20.71 31.34 -48.57
C TRP B 674 -22.16 31.26 -49.05
N ALA B 675 -23.07 31.97 -48.38
CA ALA B 675 -24.46 31.99 -48.83
C ALA B 675 -24.60 32.74 -50.15
N ARG B 676 -23.78 33.78 -50.36
CA ARG B 676 -23.76 34.45 -51.66
C ARG B 676 -23.27 33.53 -52.75
N ILE B 677 -22.21 32.76 -52.46
CA ILE B 677 -21.67 31.81 -53.43
C ILE B 677 -22.73 30.77 -53.79
N LEU B 678 -23.45 30.26 -52.79
CA LEU B 678 -24.43 29.22 -53.06
C LEU B 678 -25.74 29.78 -53.61
N CYS B 679 -25.99 31.08 -53.46
CA CYS B 679 -27.08 31.71 -54.18
C CYS B 679 -26.71 32.00 -55.62
N ALA B 680 -25.42 31.96 -55.96
CA ALA B 680 -24.95 32.20 -57.31
C ALA B 680 -24.93 30.93 -58.15
N VAL B 681 -24.48 29.81 -57.60
CA VAL B 681 -24.44 28.54 -58.32
C VAL B 681 -25.77 27.82 -58.08
N PRO B 682 -26.54 27.56 -59.13
CA PRO B 682 -27.82 26.85 -58.94
C PRO B 682 -27.62 25.42 -58.44
N ASN B 683 -28.45 25.04 -57.48
CA ASN B 683 -28.52 23.68 -56.95
C ASN B 683 -27.18 23.17 -56.43
N SER B 684 -26.23 24.06 -56.18
CA SER B 684 -24.99 23.66 -55.53
C SER B 684 -25.27 23.21 -54.10
N ARG B 685 -24.25 22.63 -53.47
CA ARG B 685 -24.39 22.11 -52.12
C ARG B 685 -23.17 22.49 -51.31
N LEU B 686 -23.37 22.59 -50.00
CA LEU B 686 -22.29 22.91 -49.06
C LEU B 686 -22.13 21.76 -48.08
N VAL B 687 -20.89 21.40 -47.80
CA VAL B 687 -20.58 20.37 -46.80
C VAL B 687 -19.45 20.88 -45.92
N VAL B 688 -19.61 20.74 -44.61
CA VAL B 688 -18.57 21.09 -43.65
C VAL B 688 -18.54 20.03 -42.57
N LYS B 689 -17.34 19.67 -42.12
CA LYS B 689 -17.16 18.62 -41.14
C LYS B 689 -16.54 19.22 -39.89
N CYS B 690 -17.27 19.17 -38.77
CA CYS B 690 -16.80 19.74 -37.52
C CYS B 690 -17.15 18.80 -36.38
N LYS B 691 -16.30 18.81 -35.34
CA LYS B 691 -16.53 17.96 -34.17
C LYS B 691 -17.85 18.27 -33.46
N PRO B 692 -18.19 19.53 -33.15
CA PRO B 692 -19.45 19.79 -32.45
C PRO B 692 -20.69 19.43 -33.25
N PHE B 693 -20.55 19.10 -34.54
CA PHE B 693 -21.69 18.72 -35.35
C PHE B 693 -22.32 17.40 -34.92
N CYS B 694 -21.65 16.63 -34.06
CA CYS B 694 -22.31 15.47 -33.46
C CYS B 694 -23.47 15.92 -32.58
N CYS B 695 -23.26 16.97 -31.79
CA CYS B 695 -24.36 17.59 -31.06
C CYS B 695 -25.28 18.31 -32.04
N ASP B 696 -26.59 18.07 -31.93
CA ASP B 696 -27.52 18.58 -32.92
C ASP B 696 -28.03 19.97 -32.59
N SER B 697 -27.91 20.41 -31.33
CA SER B 697 -28.16 21.81 -31.03
C SER B 697 -27.21 22.72 -31.81
N ILE B 698 -25.95 22.31 -31.94
CA ILE B 698 -25.00 23.04 -32.78
C ILE B 698 -25.39 22.92 -34.26
N ARG B 699 -25.73 21.71 -34.69
CA ARG B 699 -26.06 21.49 -36.10
C ARG B 699 -27.33 22.23 -36.50
N GLN B 700 -28.33 22.24 -35.63
CA GLN B 700 -29.59 22.89 -35.97
C GLN B 700 -29.44 24.40 -36.00
N ARG B 701 -28.78 24.98 -35.01
CA ARG B 701 -28.59 26.42 -35.02
C ARG B 701 -27.70 26.86 -36.18
N PHE B 702 -26.68 26.06 -36.52
CA PHE B 702 -25.89 26.33 -37.72
C PHE B 702 -26.76 26.31 -38.96
N LEU B 703 -27.75 25.40 -39.01
CA LEU B 703 -28.68 25.39 -40.14
C LEU B 703 -29.56 26.63 -40.14
N THR B 704 -30.07 27.04 -38.97
CA THR B 704 -30.99 28.16 -38.91
C THR B 704 -30.33 29.43 -39.42
N THR B 705 -29.11 29.73 -38.95
CA THR B 705 -28.39 30.90 -39.43
C THR B 705 -28.25 30.91 -40.94
N LEU B 706 -28.16 29.72 -41.55
CA LEU B 706 -28.05 29.66 -43.01
C LEU B 706 -29.39 29.84 -43.70
N GLU B 707 -30.49 29.45 -43.05
CA GLU B 707 -31.79 29.55 -43.70
C GLU B 707 -32.35 30.97 -43.66
N GLN B 708 -32.11 31.71 -42.56
CA GLN B 708 -32.36 33.14 -42.60
C GLN B 708 -31.39 33.86 -43.53
N LEU B 709 -30.29 33.20 -43.92
CA LEU B 709 -29.36 33.73 -44.90
C LEU B 709 -29.72 33.31 -46.32
N GLY B 710 -30.87 32.67 -46.52
CA GLY B 710 -31.29 32.29 -47.85
C GLY B 710 -31.06 30.83 -48.18
N LEU B 711 -29.94 30.29 -47.70
CA LEU B 711 -29.54 28.92 -47.99
C LEU B 711 -30.39 27.93 -47.19
N GLU B 712 -31.07 27.02 -47.88
CA GLU B 712 -31.97 26.11 -47.20
C GLU B 712 -31.25 24.81 -46.82
N SER B 713 -31.90 24.03 -45.96
CA SER B 713 -31.22 22.95 -45.23
C SER B 713 -30.79 21.82 -46.16
N LYS B 714 -31.66 21.39 -47.07
CA LYS B 714 -31.36 20.23 -47.90
C LYS B 714 -30.20 20.46 -48.86
N ARG B 715 -29.62 21.66 -48.87
CA ARG B 715 -28.44 21.97 -49.66
C ARG B 715 -27.16 22.00 -48.83
N VAL B 716 -27.27 21.90 -47.51
CA VAL B 716 -26.13 22.00 -46.60
C VAL B 716 -26.04 20.70 -45.80
N ASP B 717 -24.82 20.17 -45.68
CA ASP B 717 -24.57 18.93 -44.95
C ASP B 717 -23.49 19.21 -43.89
N LEU B 718 -23.86 19.05 -42.63
CA LEU B 718 -22.93 19.25 -41.52
C LEU B 718 -22.47 17.88 -41.07
N LEU B 719 -21.26 17.50 -41.48
CA LEU B 719 -20.83 16.14 -41.19
C LEU B 719 -20.08 16.08 -39.87
N PRO B 720 -20.20 14.97 -39.13
CA PRO B 720 -19.50 14.83 -37.86
C PRO B 720 -18.06 14.36 -38.08
N LEU B 721 -17.24 14.62 -37.07
CA LEU B 721 -15.86 14.16 -37.07
C LEU B 721 -15.82 12.64 -37.23
N ILE B 722 -14.88 12.17 -38.04
CA ILE B 722 -14.59 10.75 -38.15
C ILE B 722 -13.14 10.52 -37.73
N LEU B 723 -12.87 9.35 -37.16
CA LEU B 723 -11.66 9.14 -36.37
C LEU B 723 -10.45 8.72 -37.19
N PHE B 724 -10.63 8.15 -38.37
CA PHE B 724 -9.52 7.63 -39.15
C PHE B 724 -8.98 8.70 -40.10
N ASN B 725 -7.66 8.88 -40.12
CA ASN B 725 -7.05 9.88 -40.97
C ASN B 725 -7.23 9.55 -42.45
N HIS B 726 -7.08 8.27 -42.81
CA HIS B 726 -7.30 7.86 -44.19
C HIS B 726 -8.70 8.22 -44.66
N ASP B 727 -9.71 7.92 -43.84
CA ASP B 727 -11.08 8.27 -44.18
C ASP B 727 -11.27 9.78 -44.26
N HIS B 728 -10.52 10.54 -43.47
CA HIS B 728 -10.65 11.99 -43.47
C HIS B 728 -10.21 12.59 -44.80
N MET B 729 -9.02 12.22 -45.27
CA MET B 729 -8.53 12.74 -46.54
C MET B 729 -9.11 12.01 -47.74
N GLN B 730 -9.85 10.93 -47.52
CA GLN B 730 -10.71 10.36 -48.55
C GLN B 730 -12.14 10.88 -48.44
N ALA B 731 -12.39 11.79 -47.51
CA ALA B 731 -13.66 12.50 -47.39
C ALA B 731 -13.69 13.77 -48.22
N TYR B 732 -12.58 14.14 -48.86
CA TYR B 732 -12.61 15.15 -49.91
C TYR B 732 -13.30 14.65 -51.17
N SER B 733 -13.67 13.37 -51.19
CA SER B 733 -14.41 12.80 -52.31
C SER B 733 -15.74 13.53 -52.54
N LEU B 734 -16.33 14.10 -51.49
CA LEU B 734 -17.65 14.68 -51.56
C LEU B 734 -17.63 16.18 -51.87
N MET B 735 -16.48 16.71 -52.30
CA MET B 735 -16.30 18.15 -52.41
C MET B 735 -15.59 18.48 -53.72
N ASP B 736 -16.07 19.54 -54.39
CA ASP B 736 -15.49 20.06 -55.63
C ASP B 736 -14.57 21.24 -55.40
N ILE B 737 -14.96 22.14 -54.50
CA ILE B 737 -14.20 23.36 -54.21
C ILE B 737 -14.18 23.51 -52.69
N SER B 738 -13.03 23.89 -52.15
CA SER B 738 -12.98 24.25 -50.75
C SER B 738 -12.89 25.76 -50.59
N LEU B 739 -13.51 26.27 -49.53
CA LEU B 739 -13.60 27.70 -49.27
C LEU B 739 -12.83 28.01 -47.99
N ASP B 740 -11.83 28.88 -48.10
CA ASP B 740 -11.00 29.20 -46.94
C ASP B 740 -11.75 30.10 -45.97
N THR B 741 -11.26 30.12 -44.74
CA THR B 741 -11.86 30.90 -43.67
C THR B 741 -11.10 32.22 -43.48
N PHE B 742 -11.76 33.16 -42.80
CA PHE B 742 -11.17 34.47 -42.54
C PHE B 742 -11.90 35.07 -41.35
N PRO B 743 -11.21 35.87 -40.51
CA PRO B 743 -9.81 36.30 -40.63
C PRO B 743 -8.78 35.24 -40.25
N TYR B 744 -9.20 34.06 -39.79
CA TYR B 744 -8.27 32.99 -39.42
C TYR B 744 -8.29 31.96 -40.56
N ALA B 745 -7.33 32.07 -41.47
CA ALA B 745 -7.28 31.18 -42.62
C ALA B 745 -6.70 29.82 -42.23
N GLY B 746 -7.16 28.77 -42.91
CA GLY B 746 -6.65 27.45 -42.66
C GLY B 746 -5.21 27.31 -43.12
N THR B 747 -4.43 26.51 -42.39
CA THR B 747 -3.06 26.21 -42.78
C THR B 747 -2.84 24.76 -43.16
N THR B 748 -3.18 23.81 -42.29
CA THR B 748 -3.09 22.40 -42.66
C THR B 748 -4.27 21.97 -43.51
N THR B 749 -5.45 22.55 -43.26
CA THR B 749 -6.65 22.13 -43.97
C THR B 749 -6.57 22.49 -45.46
N THR B 750 -6.01 23.65 -45.78
CA THR B 750 -5.82 23.99 -47.20
C THR B 750 -4.73 23.13 -47.82
N CYS B 751 -3.65 22.86 -47.07
CA CYS B 751 -2.58 22.00 -47.59
C CYS B 751 -3.10 20.59 -47.84
N GLU B 752 -3.99 20.10 -46.97
CA GLU B 752 -4.57 18.78 -47.18
C GLU B 752 -5.56 18.80 -48.34
N SER B 753 -6.30 19.90 -48.50
CA SER B 753 -7.25 20.00 -49.61
C SER B 753 -6.52 20.06 -50.95
N LEU B 754 -5.46 20.86 -51.03
CA LEU B 754 -4.68 20.92 -52.27
C LEU B 754 -3.99 19.59 -52.56
N TYR B 755 -3.72 18.78 -51.53
CA TYR B 755 -3.14 17.47 -51.77
C TYR B 755 -4.16 16.48 -52.34
N MET B 756 -5.43 16.62 -51.95
CA MET B 756 -6.48 15.74 -52.46
C MET B 756 -7.11 16.26 -53.75
N GLY B 757 -6.50 17.25 -54.39
CA GLY B 757 -6.95 17.74 -55.67
C GLY B 757 -7.96 18.87 -55.62
N VAL B 758 -8.56 19.12 -54.46
CA VAL B 758 -9.60 20.14 -54.34
C VAL B 758 -8.96 21.51 -54.16
N PRO B 759 -9.19 22.45 -55.07
CA PRO B 759 -8.62 23.80 -54.90
C PRO B 759 -9.39 24.60 -53.86
N CYS B 760 -8.74 25.67 -53.40
CA CYS B 760 -9.25 26.46 -52.29
C CYS B 760 -9.16 27.94 -52.65
N VAL B 761 -10.31 28.61 -52.63
CA VAL B 761 -10.35 30.06 -52.79
C VAL B 761 -10.14 30.69 -51.43
N THR B 762 -9.07 31.47 -51.30
CA THR B 762 -8.76 32.17 -50.06
C THR B 762 -8.93 33.67 -50.25
N MET B 763 -8.95 34.37 -49.12
CA MET B 763 -9.05 35.83 -49.09
C MET B 763 -7.86 36.40 -48.35
N ALA B 764 -7.29 37.48 -48.88
CA ALA B 764 -6.20 38.14 -48.19
C ALA B 764 -6.75 39.06 -47.09
N GLY B 765 -5.85 39.54 -46.25
CA GLY B 765 -6.22 40.42 -45.15
C GLY B 765 -5.09 41.31 -44.69
N SER B 766 -5.25 41.91 -43.51
CA SER B 766 -4.27 42.85 -42.97
C SER B 766 -3.39 42.25 -41.89
N VAL B 767 -3.62 40.99 -41.51
CA VAL B 767 -2.88 40.34 -40.43
C VAL B 767 -2.43 38.95 -40.89
N HIS B 768 -1.49 38.38 -40.13
CA HIS B 768 -0.83 37.15 -40.54
C HIS B 768 -1.80 35.99 -40.66
N ALA B 769 -2.67 35.81 -39.66
CA ALA B 769 -3.62 34.71 -39.68
C ALA B 769 -4.54 34.74 -40.90
N HIS B 770 -4.65 35.89 -41.56
CA HIS B 770 -5.49 36.05 -42.73
C HIS B 770 -4.75 35.77 -44.03
N ASN B 771 -3.43 35.89 -44.04
CA ASN B 771 -2.64 35.80 -45.27
C ASN B 771 -1.83 34.51 -45.37
N VAL B 772 -2.04 33.55 -44.48
CA VAL B 772 -1.41 32.24 -44.65
C VAL B 772 -1.93 31.56 -45.91
N GLY B 773 -3.25 31.61 -46.13
CA GLY B 773 -3.80 31.06 -47.36
C GLY B 773 -3.27 31.73 -48.60
N VAL B 774 -2.90 33.01 -48.50
CA VAL B 774 -2.29 33.71 -49.63
C VAL B 774 -0.96 33.06 -49.99
N SER B 775 -0.06 32.94 -49.00
CA SER B 775 1.28 32.43 -49.28
C SER B 775 1.25 30.98 -49.75
N LEU B 776 0.37 30.16 -49.14
CA LEU B 776 0.28 28.76 -49.54
C LEU B 776 -0.19 28.61 -50.98
N LEU B 777 -1.33 29.23 -51.31
CA LEU B 777 -1.90 29.11 -52.66
C LEU B 777 -0.94 29.68 -53.71
N THR B 778 -0.31 30.82 -53.41
CA THR B 778 0.54 31.49 -54.38
C THR B 778 1.77 30.67 -54.71
N LYS B 779 2.54 30.29 -53.69
CA LYS B 779 3.77 29.54 -53.93
C LYS B 779 3.51 28.11 -54.39
N VAL B 780 2.27 27.62 -54.26
CA VAL B 780 1.89 26.37 -54.89
C VAL B 780 1.74 26.56 -56.40
N GLY B 781 1.34 27.76 -56.83
CA GLY B 781 1.14 28.05 -58.24
C GLY B 781 -0.27 28.49 -58.59
N LEU B 782 -1.16 28.66 -57.62
CA LEU B 782 -2.55 28.99 -57.88
C LEU B 782 -2.91 30.36 -57.29
N GLY B 783 -1.99 31.31 -57.46
CA GLY B 783 -2.21 32.65 -56.94
C GLY B 783 -3.41 33.36 -57.52
N HIS B 784 -3.88 32.92 -58.69
CA HIS B 784 -5.10 33.50 -59.26
C HIS B 784 -6.33 33.13 -58.46
N LEU B 785 -6.24 32.17 -57.55
CA LEU B 785 -7.34 31.80 -56.65
C LEU B 785 -7.30 32.58 -55.35
N VAL B 786 -6.37 33.54 -55.21
CA VAL B 786 -6.28 34.41 -54.05
C VAL B 786 -7.16 35.63 -54.30
N ALA B 787 -8.09 35.89 -53.38
CA ALA B 787 -8.99 37.03 -53.50
C ALA B 787 -8.55 38.15 -52.57
N LYS B 788 -8.73 39.39 -53.02
CA LYS B 788 -8.40 40.55 -52.21
C LYS B 788 -9.59 41.09 -51.41
N ASN B 789 -10.79 40.56 -51.64
CA ASN B 789 -11.98 41.08 -50.97
C ASN B 789 -13.09 40.04 -51.03
N GLU B 790 -14.24 40.40 -50.47
CA GLU B 790 -15.40 39.52 -50.50
C GLU B 790 -15.89 39.27 -51.92
N ASP B 791 -16.09 40.34 -52.69
CA ASP B 791 -16.65 40.21 -54.04
C ASP B 791 -15.76 39.35 -54.92
N GLU B 792 -14.44 39.53 -54.82
CA GLU B 792 -13.52 38.68 -55.56
C GLU B 792 -13.61 37.23 -55.09
N TYR B 793 -13.61 37.02 -53.78
CA TYR B 793 -13.83 35.70 -53.20
C TYR B 793 -15.06 35.03 -53.80
N VAL B 794 -16.17 35.75 -53.88
CA VAL B 794 -17.40 35.20 -54.42
C VAL B 794 -17.25 34.91 -55.91
N GLN B 795 -16.74 35.88 -56.66
CA GLN B 795 -16.66 35.72 -58.11
C GLN B 795 -15.70 34.60 -58.48
N LEU B 796 -14.61 34.46 -57.73
CA LEU B 796 -13.65 33.39 -58.02
C LEU B 796 -14.27 32.01 -57.81
N SER B 797 -15.11 31.87 -56.79
CA SER B 797 -15.67 30.55 -56.46
C SER B 797 -16.67 30.10 -57.52
N VAL B 798 -17.58 30.98 -57.93
CA VAL B 798 -18.57 30.58 -58.93
C VAL B 798 -17.94 30.48 -60.31
N ASP B 799 -16.94 31.33 -60.60
CA ASP B 799 -16.15 31.15 -61.82
C ASP B 799 -15.54 29.76 -61.88
N LEU B 800 -15.10 29.24 -60.74
CA LEU B 800 -14.43 27.96 -60.72
C LEU B 800 -15.43 26.80 -60.82
N ALA B 801 -16.64 26.97 -60.27
CA ALA B 801 -17.72 26.01 -60.45
C ALA B 801 -18.32 26.04 -61.85
N SER B 802 -17.96 27.02 -62.68
CA SER B 802 -18.57 27.16 -63.99
C SER B 802 -18.09 26.07 -64.95
N ASP B 803 -16.78 25.98 -65.15
CA ASP B 803 -16.20 24.96 -66.03
C ASP B 803 -15.88 23.72 -65.20
N VAL B 804 -16.70 22.68 -65.36
CA VAL B 804 -16.51 21.46 -64.59
C VAL B 804 -15.39 20.60 -65.16
N THR B 805 -15.15 20.67 -66.47
CA THR B 805 -14.07 19.88 -67.07
C THR B 805 -12.70 20.43 -66.66
N ALA B 806 -12.56 21.76 -66.60
CA ALA B 806 -11.34 22.35 -66.07
C ALA B 806 -11.12 21.91 -64.63
N LEU B 807 -12.20 21.84 -63.84
CA LEU B 807 -12.14 21.28 -62.49
C LEU B 807 -11.51 19.91 -62.48
N SER B 808 -11.96 19.07 -63.41
CA SER B 808 -11.50 17.70 -63.44
C SER B 808 -10.03 17.61 -63.78
N LYS B 809 -9.54 18.49 -64.65
CA LYS B 809 -8.13 18.48 -64.98
C LYS B 809 -7.28 19.13 -63.87
N LEU B 810 -7.80 20.18 -63.25
CA LEU B 810 -7.12 20.80 -62.11
C LEU B 810 -6.94 19.81 -60.97
N ARG B 811 -7.94 18.96 -60.74
CA ARG B 811 -7.89 18.02 -59.64
C ARG B 811 -6.69 17.09 -59.73
N MET B 812 -6.41 16.56 -60.94
CA MET B 812 -5.27 15.65 -61.11
C MET B 812 -3.95 16.40 -61.10
N SER B 813 -3.93 17.61 -61.68
CA SER B 813 -2.71 18.39 -61.74
C SER B 813 -2.22 18.81 -60.35
N LEU B 814 -3.14 19.00 -59.40
CA LEU B 814 -2.80 19.68 -58.15
C LEU B 814 -1.76 18.92 -57.35
N ARG B 815 -2.00 17.63 -57.08
CA ARG B 815 -1.11 16.87 -56.20
C ARG B 815 0.33 16.93 -56.68
N ASP B 816 0.56 16.73 -57.98
CA ASP B 816 1.91 16.75 -58.51
C ASP B 816 2.40 18.15 -58.83
N LEU B 817 1.48 19.11 -59.02
CA LEU B 817 1.90 20.51 -59.15
C LEU B 817 2.68 20.94 -57.92
N MET B 818 2.13 20.69 -56.75
CA MET B 818 2.69 21.22 -55.52
C MET B 818 3.45 20.18 -54.69
N ALA B 819 3.44 18.91 -55.11
CA ALA B 819 4.46 17.99 -54.59
C ALA B 819 5.83 18.37 -55.10
N GLY B 820 5.90 18.96 -56.29
CA GLY B 820 7.10 19.55 -56.83
C GLY B 820 7.20 21.05 -56.65
N SER B 821 6.30 21.65 -55.88
CA SER B 821 6.42 23.05 -55.49
C SER B 821 7.44 23.16 -54.36
N PRO B 822 7.74 24.38 -53.90
CA PRO B 822 8.49 24.55 -52.66
C PRO B 822 7.64 24.47 -51.40
N VAL B 823 6.38 24.08 -51.53
CA VAL B 823 5.52 23.88 -50.36
C VAL B 823 5.64 22.45 -49.83
N CYS B 824 6.00 21.50 -50.70
CA CYS B 824 6.16 20.11 -50.30
C CYS B 824 7.59 19.61 -50.41
N ASN B 825 8.51 20.39 -50.98
CA ASN B 825 9.90 19.97 -51.15
C ASN B 825 10.70 20.39 -49.92
N GLY B 826 11.09 19.41 -49.12
CA GLY B 826 11.82 19.64 -47.89
C GLY B 826 13.18 20.28 -48.05
N PRO B 827 14.08 19.63 -48.81
CA PRO B 827 15.47 20.13 -48.91
C PRO B 827 15.58 21.58 -49.38
N SER B 828 14.66 22.04 -50.24
CA SER B 828 14.68 23.45 -50.63
C SER B 828 14.49 24.36 -49.42
N PHE B 829 13.52 24.02 -48.58
CA PHE B 829 13.17 24.85 -47.43
C PHE B 829 14.32 24.92 -46.42
N ALA B 830 14.92 23.75 -46.11
CA ALA B 830 15.92 23.69 -45.05
C ALA B 830 17.08 24.64 -45.30
N VAL B 831 17.45 24.86 -46.56
CA VAL B 831 18.57 25.75 -46.87
C VAL B 831 18.28 27.17 -46.40
N GLY B 832 17.16 27.74 -46.88
CA GLY B 832 16.81 29.09 -46.48
C GLY B 832 16.56 29.21 -45.00
N LEU B 833 15.94 28.18 -44.40
CA LEU B 833 15.70 28.19 -42.97
C LEU B 833 17.02 28.11 -42.20
N GLU B 834 17.89 27.17 -42.56
CA GLU B 834 19.17 27.05 -41.88
C GLU B 834 20.05 28.27 -42.10
N SER B 835 19.92 28.92 -43.27
CA SER B 835 20.63 30.17 -43.48
C SER B 835 20.05 31.28 -42.61
N ALA B 836 18.74 31.26 -42.38
CA ALA B 836 18.15 32.19 -41.41
C ALA B 836 18.67 31.88 -40.01
N TYR B 837 18.79 30.59 -39.67
CA TYR B 837 19.30 30.21 -38.36
C TYR B 837 20.73 30.69 -38.15
N ARG B 838 21.57 30.57 -39.19
CA ARG B 838 22.96 30.98 -39.03
C ARG B 838 23.13 32.49 -39.10
N ASN B 839 22.26 33.19 -39.84
CA ASN B 839 22.23 34.64 -39.72
C ASN B 839 21.76 35.05 -38.33
N MET B 840 20.75 34.34 -37.80
CA MET B 840 20.36 34.51 -36.41
C MET B 840 21.58 34.42 -35.51
N TRP B 841 22.34 33.34 -35.67
CA TRP B 841 23.56 33.13 -34.89
C TRP B 841 24.56 34.25 -35.10
N LYS B 842 24.78 34.66 -36.36
CA LYS B 842 25.78 35.68 -36.66
C LYS B 842 25.41 37.01 -36.01
N LYS B 843 24.13 37.37 -36.00
CA LYS B 843 23.71 38.61 -35.34
C LYS B 843 24.00 38.57 -33.85
N TYR B 844 23.57 37.49 -33.18
CA TYR B 844 23.84 37.34 -31.75
C TYR B 844 25.33 37.48 -31.46
N CYS B 845 26.16 36.77 -32.22
CA CYS B 845 27.59 36.71 -31.93
C CYS B 845 28.20 38.10 -31.80
N LYS B 846 27.97 38.95 -32.80
CA LYS B 846 28.38 40.35 -32.69
C LYS B 846 27.82 40.99 -31.43
N GLY B 847 26.58 40.66 -31.07
CA GLY B 847 25.91 41.34 -29.99
C GLY B 847 24.70 42.13 -30.44
N GLU B 848 24.06 41.68 -31.51
CA GLU B 848 22.83 42.30 -31.99
C GLU B 848 21.71 42.10 -30.98
#